data_8WKR
#
_entry.id   8WKR
#
_cell.length_a   84.281
_cell.length_b   114.929
_cell.length_c   98.911
_cell.angle_alpha   90.00
_cell.angle_beta   110.28
_cell.angle_gamma   90.00
#
_symmetry.space_group_name_H-M   'P 1 21 1'
#
loop_
_entity.id
_entity.type
_entity.pdbx_description
1 polymer 'L-methionine gamma-lyase'
2 non-polymer PROLINE
3 water water
#
_entity_poly.entity_id   1
_entity_poly.type   'polypeptide(L)'
_entity_poly.pdbx_seq_one_letter_code
;MGSSHHHHHHSSGLVPRGSHMTTTNPENYHFETLQVHAGQTVDETGARAVPIYQTTSYVFKDAKQAAGRFALTDAGNIYT
RLTNPTTDVVDKRVAALEHGTAGVTLATGSAAITAAILNIAQQGDEIVAANTLYGGTYDLFSVTLKKLGITTHFVDPDEP
ANFETAINDHTKALYVESIGNPGINLVDFEAIGKIAHDHGIIFIVDNTFGTPYLVRPLEHGADVVVHSAT(LLP)FIGGH
GTTMGGVIVEGGQFDWRASGKYPDFTTPDPQYNGLVFADLGGAAFTTKVRAETLRDTGATISPFNSFLLLQGLESLSLRV
ERHVTNTRKIVAFLKAHPKVAWINYPELEDSPYHDLATKYFPNGVGSIFTLGLTGGEAAGKALIEHLQLFSLLANVADAK
SLIIHPASTTHAQLNEQELLAAGVTPDLIRISVGVENADDLIADLDQALAQV
;
_entity_poly.pdbx_strand_id   A,B,C,D
#
# COMPACT_ATOMS: atom_id res chain seq x y z
N ASN A 25 -24.96 6.41 17.43
CA ASN A 25 -24.54 7.81 17.45
C ASN A 25 -24.90 8.47 18.79
N PRO A 26 -24.34 7.98 19.89
CA PRO A 26 -24.69 8.54 21.21
C PRO A 26 -24.41 10.02 21.33
N GLU A 27 -23.45 10.54 20.58
CA GLU A 27 -23.07 11.94 20.65
C GLU A 27 -23.98 12.85 19.82
N ASN A 28 -24.90 12.29 19.03
CA ASN A 28 -25.77 13.07 18.14
C ASN A 28 -24.96 13.94 17.19
N TYR A 29 -23.99 13.33 16.52
CA TYR A 29 -23.16 14.04 15.56
C TYR A 29 -23.88 14.12 14.22
N HIS A 30 -23.60 15.20 13.48
CA HIS A 30 -24.11 15.37 12.13
C HIS A 30 -23.30 14.53 11.13
N PHE A 31 -23.85 14.42 9.92
CA PHE A 31 -23.29 13.54 8.88
C PHE A 31 -21.79 13.75 8.67
N GLU A 32 -21.37 15.02 8.54
CA GLU A 32 -19.97 15.31 8.19
C GLU A 32 -19.02 14.90 9.31
N THR A 33 -19.45 15.06 10.57
CA THR A 33 -18.62 14.61 11.68
C THR A 33 -18.50 13.10 11.70
N LEU A 34 -19.61 12.39 11.45
CA LEU A 34 -19.59 10.93 11.42
C LEU A 34 -18.70 10.41 10.30
N GLN A 35 -18.70 11.06 9.13
CA GLN A 35 -17.93 10.50 8.03
C GLN A 35 -16.44 10.66 8.27
N VAL A 36 -16.07 11.59 9.16
CA VAL A 36 -14.67 11.80 9.52
C VAL A 36 -14.26 10.94 10.71
N HIS A 37 -15.20 10.63 11.63
CA HIS A 37 -14.85 10.07 12.94
C HIS A 37 -15.48 8.73 13.28
N ALA A 38 -16.68 8.41 12.77
CA ALA A 38 -17.41 7.27 13.30
C ALA A 38 -16.64 5.97 13.13
N GLY A 39 -16.70 5.13 14.16
CA GLY A 39 -16.04 3.83 14.18
C GLY A 39 -14.56 3.86 14.48
N GLN A 40 -13.96 5.04 14.57
CA GLN A 40 -12.52 5.16 14.70
C GLN A 40 -12.18 5.49 16.14
N THR A 41 -11.21 4.75 16.70
CA THR A 41 -10.70 5.03 18.03
C THR A 41 -9.19 5.16 17.95
N VAL A 42 -8.59 5.52 19.08
CA VAL A 42 -7.16 5.76 19.18
C VAL A 42 -6.53 4.61 19.95
N ASP A 43 -5.57 3.93 19.35
CA ASP A 43 -5.00 2.77 20.01
C ASP A 43 -3.86 3.21 20.94
N GLU A 44 -3.10 2.23 21.43
CA GLU A 44 -2.07 2.47 22.44
C GLU A 44 -0.94 3.35 21.92
N THR A 45 -0.66 3.33 20.63
CA THR A 45 0.38 4.20 20.07
C THR A 45 -0.07 5.65 19.96
N GLY A 46 -1.37 5.93 20.04
CA GLY A 46 -1.88 7.27 19.81
C GLY A 46 -2.04 7.66 18.35
N ALA A 47 -1.81 6.75 17.41
CA ALA A 47 -1.87 7.09 15.98
C ALA A 47 -3.20 7.72 15.62
N ARG A 48 -3.14 8.91 15.02
CA ARG A 48 -4.38 9.62 14.71
C ARG A 48 -5.08 9.03 13.50
N ALA A 49 -4.34 8.49 12.51
CA ALA A 49 -4.95 7.78 11.41
C ALA A 49 -5.13 6.31 11.76
N VAL A 50 -6.06 5.64 11.05
CA VAL A 50 -6.32 4.22 11.29
C VAL A 50 -5.19 3.40 10.71
N PRO A 51 -4.49 2.58 11.49
CA PRO A 51 -3.41 1.76 10.92
C PRO A 51 -3.96 0.72 9.96
N ILE A 52 -3.13 0.36 8.98
CA ILE A 52 -3.50 -0.67 8.02
C ILE A 52 -3.04 -2.01 8.59
N TYR A 53 -4.01 -2.82 9.04
CA TYR A 53 -3.69 -4.13 9.62
C TYR A 53 -3.66 -5.17 8.50
N GLN A 54 -2.58 -5.12 7.71
CA GLN A 54 -2.31 -6.11 6.67
C GLN A 54 -1.76 -7.36 7.36
N THR A 55 -2.67 -8.09 7.98
CA THR A 55 -2.36 -9.29 8.74
C THR A 55 -3.41 -10.33 8.41
N THR A 56 -3.02 -11.60 8.43
CA THR A 56 -3.99 -12.67 8.29
C THR A 56 -4.45 -13.25 9.62
N SER A 57 -3.68 -13.05 10.70
CA SER A 57 -3.93 -13.76 11.95
C SER A 57 -3.64 -12.85 13.13
N TYR A 58 -4.09 -13.32 14.30
CA TYR A 58 -4.01 -12.62 15.57
C TYR A 58 -3.63 -13.62 16.65
N VAL A 59 -2.63 -13.27 17.46
CA VAL A 59 -2.23 -14.11 18.58
C VAL A 59 -3.35 -14.20 19.60
N PHE A 60 -3.64 -15.41 20.07
CA PHE A 60 -4.61 -15.58 21.17
C PHE A 60 -4.06 -14.96 22.46
N LYS A 61 -4.88 -14.14 23.11
CA LYS A 61 -4.44 -13.37 24.27
C LYS A 61 -4.03 -14.27 25.45
N ARG A 81 -8.97 -12.26 17.47
CA ARG A 81 -9.95 -11.46 16.75
C ARG A 81 -10.45 -12.21 15.53
N LEU A 82 -11.76 -12.12 15.28
CA LEU A 82 -12.32 -12.62 14.04
C LEU A 82 -12.33 -11.56 12.94
N THR A 83 -12.25 -10.28 13.30
CA THR A 83 -12.41 -9.19 12.34
C THR A 83 -11.16 -8.33 12.29
N ASN A 84 -11.02 -7.64 11.20
CA ASN A 84 -9.84 -6.83 10.94
C ASN A 84 -10.05 -5.42 11.49
N PRO A 85 -9.11 -4.89 12.27
CA PRO A 85 -9.33 -3.58 12.90
C PRO A 85 -9.43 -2.43 11.92
N THR A 86 -8.86 -2.53 10.71
CA THR A 86 -9.06 -1.46 9.73
C THR A 86 -10.45 -1.53 9.11
N THR A 87 -10.83 -2.71 8.63
CA THR A 87 -12.14 -2.91 8.05
C THR A 87 -13.23 -2.65 9.06
N ASP A 88 -12.95 -2.90 10.34
CA ASP A 88 -13.95 -2.63 11.39
C ASP A 88 -14.41 -1.18 11.36
N VAL A 89 -13.50 -0.24 11.11
CA VAL A 89 -13.88 1.16 11.04
C VAL A 89 -14.82 1.38 9.87
N VAL A 90 -14.55 0.74 8.73
CA VAL A 90 -15.44 0.85 7.57
C VAL A 90 -16.83 0.33 7.91
N ASP A 91 -16.91 -0.89 8.46
CA ASP A 91 -18.19 -1.44 8.91
C ASP A 91 -19.00 -0.41 9.69
N LYS A 92 -18.38 0.17 10.72
CA LYS A 92 -19.13 1.01 11.64
C LYS A 92 -19.42 2.38 11.05
N ARG A 93 -18.49 2.90 10.25
CA ARG A 93 -18.69 4.25 9.70
C ARG A 93 -19.81 4.25 8.67
N VAL A 94 -19.81 3.28 7.76
CA VAL A 94 -20.86 3.24 6.75
C VAL A 94 -22.21 2.97 7.41
N ALA A 95 -22.22 2.10 8.43
CA ALA A 95 -23.45 1.84 9.19
C ALA A 95 -23.97 3.13 9.83
N ALA A 96 -23.08 3.89 10.49
CA ALA A 96 -23.47 5.15 11.10
C ALA A 96 -24.05 6.11 10.06
N LEU A 97 -23.40 6.21 8.89
CA LEU A 97 -23.90 7.16 7.89
C LEU A 97 -25.26 6.75 7.33
N GLU A 98 -25.54 5.46 7.24
CA GLU A 98 -26.84 4.99 6.80
C GLU A 98 -27.86 4.97 7.94
N HIS A 99 -27.49 5.42 9.14
CA HIS A 99 -28.33 5.35 10.33
C HIS A 99 -28.81 3.93 10.56
N GLY A 100 -27.93 2.97 10.33
CA GLY A 100 -28.18 1.59 10.69
C GLY A 100 -27.53 1.23 12.01
N THR A 101 -27.60 -0.05 12.34
CA THR A 101 -27.09 -0.54 13.61
C THR A 101 -25.79 -1.33 13.49
N ALA A 102 -25.49 -1.90 12.33
CA ALA A 102 -24.29 -2.71 12.19
C ALA A 102 -24.00 -2.90 10.70
N GLY A 103 -22.72 -3.09 10.38
CA GLY A 103 -22.31 -3.24 9.00
C GLY A 103 -21.25 -4.32 8.86
N VAL A 104 -21.11 -4.82 7.64
CA VAL A 104 -20.02 -5.73 7.30
C VAL A 104 -19.55 -5.43 5.88
N THR A 105 -18.23 -5.52 5.68
CA THR A 105 -17.60 -5.09 4.44
C THR A 105 -17.01 -6.29 3.72
N LEU A 106 -17.15 -6.31 2.39
CA LEU A 106 -16.72 -7.41 1.54
C LEU A 106 -15.93 -6.84 0.36
N ALA A 107 -15.42 -7.75 -0.48
CA ALA A 107 -14.47 -7.38 -1.52
C ALA A 107 -15.06 -6.42 -2.54
N THR A 108 -16.36 -6.53 -2.84
CA THR A 108 -16.98 -5.80 -3.94
C THR A 108 -18.46 -5.63 -3.63
N GLY A 109 -19.11 -4.74 -4.38
CA GLY A 109 -20.56 -4.63 -4.33
C GLY A 109 -21.23 -5.94 -4.69
N SER A 110 -20.73 -6.61 -5.73
CA SER A 110 -21.30 -7.90 -6.11
C SER A 110 -21.26 -8.89 -4.96
N ALA A 111 -20.14 -8.95 -4.26
CA ALA A 111 -20.02 -9.88 -3.15
C ALA A 111 -20.97 -9.52 -2.01
N ALA A 112 -21.17 -8.22 -1.77
CA ALA A 112 -22.11 -7.78 -0.72
C ALA A 112 -23.56 -8.15 -1.07
N ILE A 113 -23.96 -7.91 -2.31
CA ILE A 113 -25.30 -8.32 -2.74
C ILE A 113 -25.44 -9.83 -2.63
N THR A 114 -24.44 -10.58 -3.13
CA THR A 114 -24.47 -12.03 -3.05
C THR A 114 -24.66 -12.49 -1.60
N ALA A 115 -23.87 -11.92 -0.68
CA ALA A 115 -23.93 -12.36 0.71
C ALA A 115 -25.26 -11.98 1.35
N ALA A 116 -25.82 -10.82 0.97
CA ALA A 116 -27.08 -10.39 1.57
C ALA A 116 -28.23 -11.32 1.15
N ILE A 117 -28.19 -11.82 -0.09
CA ILE A 117 -29.23 -12.74 -0.55
C ILE A 117 -29.02 -14.11 0.07
N LEU A 118 -27.78 -14.64 0.01
CA LEU A 118 -27.54 -15.96 0.56
C LEU A 118 -27.80 -15.99 2.06
N ASN A 119 -27.74 -14.84 2.73
CA ASN A 119 -28.00 -14.78 4.17
C ASN A 119 -29.44 -15.10 4.54
N ILE A 120 -30.38 -14.91 3.62
CA ILE A 120 -31.81 -15.13 3.89
C ILE A 120 -32.47 -16.05 2.88
N ALA A 121 -31.76 -16.47 1.83
CA ALA A 121 -32.38 -17.28 0.78
C ALA A 121 -31.51 -18.47 0.45
N GLN A 122 -32.13 -19.65 0.36
CA GLN A 122 -31.45 -20.85 -0.11
C GLN A 122 -32.29 -21.57 -1.15
N GLN A 123 -31.88 -22.79 -1.53
CA GLN A 123 -32.58 -23.55 -2.56
C GLN A 123 -34.07 -23.63 -2.23
N GLY A 124 -34.91 -23.33 -3.23
CA GLY A 124 -36.35 -23.31 -3.07
C GLY A 124 -36.93 -21.95 -2.68
N ASP A 125 -36.09 -21.00 -2.28
CA ASP A 125 -36.55 -19.68 -1.87
C ASP A 125 -36.67 -18.75 -3.08
N GLU A 126 -37.27 -17.60 -2.86
CA GLU A 126 -37.57 -16.69 -3.96
C GLU A 126 -37.28 -15.27 -3.55
N ILE A 127 -36.95 -14.45 -4.54
CA ILE A 127 -36.77 -13.02 -4.37
C ILE A 127 -37.66 -12.31 -5.38
N VAL A 128 -38.17 -11.15 -5.00
CA VAL A 128 -38.89 -10.30 -5.93
C VAL A 128 -38.08 -9.02 -6.10
N ALA A 129 -37.66 -8.75 -7.32
CA ALA A 129 -36.73 -7.66 -7.58
C ALA A 129 -37.29 -6.74 -8.66
N ALA A 130 -36.95 -5.46 -8.55
CA ALA A 130 -37.21 -4.53 -9.64
C ALA A 130 -36.61 -5.06 -10.93
N ASN A 131 -37.36 -4.92 -12.03
CA ASN A 131 -36.82 -5.40 -13.31
C ASN A 131 -35.93 -4.36 -13.98
N THR A 132 -35.58 -3.27 -13.30
CA THR A 132 -34.70 -2.24 -13.83
C THR A 132 -33.30 -2.29 -13.20
N LEU A 133 -32.85 -3.48 -12.84
CA LEU A 133 -31.61 -3.62 -12.08
C LEU A 133 -30.37 -3.36 -12.93
N TYR A 134 -29.32 -2.90 -12.26
CA TYR A 134 -27.98 -2.91 -12.85
C TYR A 134 -27.68 -4.28 -13.46
N GLY A 135 -27.01 -4.26 -14.62
CA GLY A 135 -26.81 -5.50 -15.37
C GLY A 135 -26.08 -6.57 -14.58
N GLY A 136 -25.08 -6.18 -13.80
CA GLY A 136 -24.35 -7.16 -13.00
C GLY A 136 -25.22 -7.86 -11.98
N THR A 137 -26.15 -7.12 -11.35
CA THR A 137 -27.03 -7.74 -10.37
C THR A 137 -28.05 -8.64 -11.05
N TYR A 138 -28.61 -8.20 -12.18
CA TYR A 138 -29.51 -9.05 -12.93
C TYR A 138 -28.84 -10.38 -13.32
N ASP A 139 -27.58 -10.34 -13.76
CA ASP A 139 -26.87 -11.58 -14.09
C ASP A 139 -26.67 -12.46 -12.87
N LEU A 140 -26.31 -11.86 -11.74
CA LEU A 140 -26.25 -12.60 -10.47
C LEU A 140 -27.56 -13.31 -10.17
N PHE A 141 -28.68 -12.58 -10.27
CA PHE A 141 -29.99 -13.15 -9.93
C PHE A 141 -30.42 -14.20 -10.95
N SER A 142 -30.34 -13.87 -12.24
CA SER A 142 -30.90 -14.72 -13.29
C SER A 142 -29.98 -15.87 -13.70
N VAL A 143 -28.71 -15.85 -13.33
CA VAL A 143 -27.83 -16.95 -13.72
C VAL A 143 -27.30 -17.66 -12.48
N THR A 144 -26.32 -17.04 -11.80
CA THR A 144 -25.63 -17.72 -10.70
C THR A 144 -26.59 -18.18 -9.60
N LEU A 145 -27.43 -17.28 -9.10
CA LEU A 145 -28.29 -17.69 -7.99
C LEU A 145 -29.40 -18.63 -8.47
N LYS A 146 -29.91 -18.41 -9.68
CA LYS A 146 -30.94 -19.27 -10.23
C LYS A 146 -30.44 -20.72 -10.33
N LYS A 147 -29.19 -20.89 -10.77
CA LYS A 147 -28.58 -22.22 -10.83
C LYS A 147 -28.51 -22.88 -9.47
N LEU A 148 -28.57 -22.09 -8.40
CA LEU A 148 -28.46 -22.62 -7.05
C LEU A 148 -29.83 -22.72 -6.36
N GLY A 149 -30.91 -22.76 -7.13
CA GLY A 149 -32.23 -22.98 -6.56
C GLY A 149 -32.95 -21.75 -6.05
N ILE A 150 -32.43 -20.55 -6.27
CA ILE A 150 -33.10 -19.31 -5.85
C ILE A 150 -33.70 -18.65 -7.07
N THR A 151 -35.04 -18.52 -7.07
CA THR A 151 -35.79 -17.93 -8.17
C THR A 151 -36.07 -16.46 -7.89
N THR A 152 -35.79 -15.60 -8.85
CA THR A 152 -36.08 -14.18 -8.75
C THR A 152 -37.17 -13.82 -9.73
N HIS A 153 -38.19 -13.12 -9.24
CA HIS A 153 -39.22 -12.53 -10.10
C HIS A 153 -38.91 -11.05 -10.27
N PHE A 154 -38.84 -10.62 -11.52
CA PHE A 154 -38.56 -9.22 -11.85
C PHE A 154 -39.88 -8.51 -12.15
N VAL A 155 -40.09 -7.34 -11.54
CA VAL A 155 -41.35 -6.62 -11.66
C VAL A 155 -41.09 -5.17 -12.03
N ASP A 156 -42.08 -4.54 -12.63
CA ASP A 156 -42.04 -3.13 -12.94
C ASP A 156 -42.14 -2.35 -11.63
N PRO A 157 -41.08 -1.68 -11.19
CA PRO A 157 -41.11 -1.03 -9.87
C PRO A 157 -41.86 0.28 -9.83
N ASP A 158 -42.36 0.77 -10.97
CA ASP A 158 -43.10 2.03 -10.97
C ASP A 158 -44.39 1.91 -10.17
N GLU A 159 -44.94 0.71 -10.04
CA GLU A 159 -46.15 0.47 -9.24
C GLU A 159 -45.79 -0.47 -8.11
N PRO A 160 -45.76 0.00 -6.86
CA PRO A 160 -45.40 -0.90 -5.75
C PRO A 160 -46.26 -2.14 -5.66
N ALA A 161 -47.51 -2.07 -6.12
CA ALA A 161 -48.37 -3.25 -6.08
C ALA A 161 -47.82 -4.41 -6.91
N ASN A 162 -46.96 -4.11 -7.91
CA ASN A 162 -46.34 -5.17 -8.70
C ASN A 162 -45.49 -6.10 -7.84
N PHE A 163 -44.95 -5.59 -6.72
CA PHE A 163 -44.21 -6.46 -5.82
C PHE A 163 -45.15 -7.40 -5.08
N GLU A 164 -46.26 -6.87 -4.56
CA GLU A 164 -47.19 -7.70 -3.80
C GLU A 164 -47.70 -8.86 -4.66
N THR A 165 -47.92 -8.59 -5.95
CA THR A 165 -48.43 -9.61 -6.87
C THR A 165 -47.53 -10.83 -6.94
N ALA A 166 -46.21 -10.63 -6.88
CA ALA A 166 -45.26 -11.72 -7.10
C ALA A 166 -44.85 -12.45 -5.82
N ILE A 167 -45.30 -11.98 -4.66
CA ILE A 167 -44.97 -12.61 -3.38
C ILE A 167 -45.78 -13.89 -3.21
N ASN A 168 -45.12 -14.95 -2.75
CA ASN A 168 -45.80 -16.18 -2.38
C ASN A 168 -45.19 -16.65 -1.06
N ASP A 169 -45.47 -17.91 -0.68
CA ASP A 169 -44.93 -18.43 0.58
C ASP A 169 -43.41 -18.61 0.54
N HIS A 170 -42.79 -18.57 -0.63
CA HIS A 170 -41.35 -18.81 -0.73
C HIS A 170 -40.52 -17.53 -0.78
N THR A 171 -41.14 -16.37 -0.87
CA THR A 171 -40.42 -15.11 -1.01
C THR A 171 -39.69 -14.80 0.28
N LYS A 172 -38.40 -14.45 0.16
CA LYS A 172 -37.60 -14.10 1.33
C LYS A 172 -37.16 -12.65 1.36
N ALA A 173 -37.33 -11.90 0.28
CA ALA A 173 -37.00 -10.48 0.32
C ALA A 173 -37.54 -9.79 -0.92
N LEU A 174 -37.78 -8.50 -0.80
CA LEU A 174 -37.92 -7.60 -1.95
C LEU A 174 -36.59 -6.86 -2.12
N TYR A 175 -36.25 -6.56 -3.38
CA TYR A 175 -34.95 -5.98 -3.72
C TYR A 175 -35.12 -4.88 -4.77
N VAL A 176 -34.60 -3.68 -4.46
CA VAL A 176 -34.56 -2.56 -5.42
C VAL A 176 -33.23 -1.81 -5.26
N GLU A 177 -32.97 -0.91 -6.20
CA GLU A 177 -31.89 0.06 -6.10
C GLU A 177 -32.48 1.46 -5.92
N SER A 178 -31.78 2.31 -5.17
CA SER A 178 -32.31 3.64 -4.89
C SER A 178 -32.51 4.45 -6.16
N ILE A 179 -31.58 4.34 -7.12
CA ILE A 179 -31.63 5.07 -8.37
C ILE A 179 -31.26 4.10 -9.49
N GLY A 180 -32.18 3.83 -10.40
CA GLY A 180 -31.99 2.76 -11.37
C GLY A 180 -30.94 3.07 -12.42
N ASN A 181 -30.33 2.01 -12.95
CA ASN A 181 -29.29 2.12 -13.97
C ASN A 181 -29.60 1.09 -15.05
N PRO A 182 -29.85 1.52 -16.31
CA PRO A 182 -29.65 2.88 -16.82
C PRO A 182 -30.90 3.75 -16.91
N GLY A 183 -32.01 3.38 -16.26
CA GLY A 183 -33.21 4.19 -16.36
C GLY A 183 -33.23 5.45 -15.51
N ILE A 184 -32.34 5.55 -14.53
CA ILE A 184 -32.30 6.67 -13.57
C ILE A 184 -33.68 6.81 -12.93
N ASN A 185 -34.30 5.69 -12.62
CA ASN A 185 -35.67 5.70 -12.11
C ASN A 185 -35.68 5.59 -10.59
N LEU A 186 -36.68 6.21 -9.97
CA LEU A 186 -36.85 6.20 -8.52
C LEU A 186 -38.00 5.29 -8.12
N VAL A 187 -38.00 4.88 -6.85
CA VAL A 187 -38.99 3.96 -6.32
C VAL A 187 -39.52 4.44 -4.99
N ASP A 188 -40.76 4.04 -4.67
CA ASP A 188 -41.41 4.50 -3.45
C ASP A 188 -40.96 3.57 -2.33
N PHE A 189 -39.84 3.94 -1.68
CA PHE A 189 -39.29 3.11 -0.61
C PHE A 189 -40.36 2.71 0.41
N GLU A 190 -41.11 3.70 0.92
CA GLU A 190 -42.01 3.43 2.04
C GLU A 190 -43.12 2.48 1.64
N ALA A 191 -43.65 2.63 0.42
CA ALA A 191 -44.74 1.76 -0.03
C ALA A 191 -44.25 0.35 -0.25
N ILE A 192 -43.04 0.19 -0.80
CA ILE A 192 -42.52 -1.15 -1.01
C ILE A 192 -42.14 -1.79 0.32
N GLY A 193 -41.55 -1.01 1.23
CA GLY A 193 -41.26 -1.53 2.56
C GLY A 193 -42.51 -1.96 3.30
N LYS A 194 -43.63 -1.26 3.12
CA LYS A 194 -44.85 -1.65 3.79
C LYS A 194 -45.37 -2.98 3.26
N ILE A 195 -45.31 -3.17 1.94
CA ILE A 195 -45.71 -4.45 1.35
C ILE A 195 -44.85 -5.58 1.91
N ALA A 196 -43.52 -5.40 1.90
CA ALA A 196 -42.64 -6.42 2.45
C ALA A 196 -43.01 -6.75 3.89
N HIS A 197 -43.20 -5.72 4.71
CA HIS A 197 -43.39 -5.94 6.13
C HIS A 197 -44.78 -6.49 6.44
N ASP A 198 -45.79 -6.14 5.63
CA ASP A 198 -47.10 -6.78 5.77
C ASP A 198 -46.99 -8.28 5.53
N HIS A 199 -46.06 -8.71 4.67
CA HIS A 199 -45.87 -10.13 4.40
C HIS A 199 -44.77 -10.75 5.26
N GLY A 200 -44.26 -10.01 6.25
CA GLY A 200 -43.27 -10.59 7.14
C GLY A 200 -41.93 -10.89 6.50
N ILE A 201 -41.55 -10.16 5.45
CA ILE A 201 -40.26 -10.34 4.80
C ILE A 201 -39.52 -9.01 4.74
N ILE A 202 -38.20 -9.08 4.53
CA ILE A 202 -37.34 -7.91 4.63
C ILE A 202 -37.24 -7.22 3.28
N PHE A 203 -36.84 -5.95 3.32
CA PHE A 203 -36.70 -5.09 2.17
C PHE A 203 -35.23 -4.70 2.05
N ILE A 204 -34.61 -5.04 0.92
CA ILE A 204 -33.20 -4.77 0.67
C ILE A 204 -33.07 -3.71 -0.42
N VAL A 205 -32.28 -2.67 -0.16
CA VAL A 205 -32.04 -1.59 -1.12
C VAL A 205 -30.53 -1.48 -1.40
N ASP A 206 -30.17 -1.53 -2.68
CA ASP A 206 -28.82 -1.16 -3.13
C ASP A 206 -28.78 0.37 -3.26
N ASN A 207 -28.08 1.03 -2.34
CA ASN A 207 -28.01 2.49 -2.30
C ASN A 207 -26.72 3.03 -2.95
N THR A 208 -26.12 2.26 -3.86
CA THR A 208 -24.84 2.68 -4.47
C THR A 208 -24.95 4.07 -5.11
N PHE A 209 -25.97 4.30 -5.94
CA PHE A 209 -26.06 5.55 -6.68
C PHE A 209 -26.44 6.73 -5.80
N GLY A 210 -27.08 6.49 -4.66
CA GLY A 210 -27.49 7.57 -3.80
C GLY A 210 -26.43 8.02 -2.81
N THR A 211 -25.74 7.07 -2.18
CA THR A 211 -24.89 7.28 -1.00
C THR A 211 -25.76 7.68 0.18
N PRO A 212 -25.34 7.40 1.41
CA PRO A 212 -26.15 7.82 2.57
C PRO A 212 -26.28 9.32 2.69
N TYR A 213 -25.49 10.11 1.95
CA TYR A 213 -25.68 11.57 1.99
C TYR A 213 -26.96 12.02 1.28
N LEU A 214 -27.37 11.31 0.23
CA LEU A 214 -28.56 11.72 -0.52
C LEU A 214 -29.83 11.04 -0.03
N VAL A 215 -29.75 9.77 0.36
CA VAL A 215 -30.91 9.07 0.93
C VAL A 215 -30.40 7.94 1.80
N ARG A 216 -31.13 7.67 2.89
CA ARG A 216 -30.81 6.61 3.83
C ARG A 216 -32.01 5.67 3.84
N PRO A 217 -32.03 4.65 2.99
CA PRO A 217 -33.25 3.84 2.83
C PRO A 217 -33.73 3.16 4.10
N LEU A 218 -32.84 2.89 5.06
CA LEU A 218 -33.26 2.33 6.35
C LEU A 218 -34.24 3.23 7.09
N GLU A 219 -34.25 4.53 6.81
CA GLU A 219 -35.23 5.38 7.47
C GLU A 219 -36.49 5.56 6.60
N HIS A 220 -36.62 4.81 5.51
CA HIS A 220 -37.79 4.88 4.65
C HIS A 220 -38.37 3.50 4.37
N GLY A 221 -38.12 2.52 5.24
CA GLY A 221 -38.75 1.21 5.16
C GLY A 221 -37.83 0.04 4.86
N ALA A 222 -36.58 0.30 4.47
CA ALA A 222 -35.65 -0.80 4.19
C ALA A 222 -35.16 -1.41 5.50
N ASP A 223 -34.80 -2.69 5.43
CA ASP A 223 -34.17 -3.38 6.54
C ASP A 223 -32.67 -3.59 6.35
N VAL A 224 -32.23 -3.69 5.10
CA VAL A 224 -30.83 -3.92 4.74
C VAL A 224 -30.51 -3.00 3.57
N VAL A 225 -29.36 -2.33 3.65
CA VAL A 225 -28.83 -1.51 2.57
C VAL A 225 -27.49 -2.10 2.16
N VAL A 226 -27.25 -2.20 0.84
CA VAL A 226 -25.94 -2.63 0.35
C VAL A 226 -25.35 -1.53 -0.52
N HIS A 227 -24.03 -1.51 -0.60
CA HIS A 227 -23.31 -0.54 -1.41
C HIS A 227 -22.23 -1.24 -2.18
N SER A 228 -22.01 -0.78 -3.41
CA SER A 228 -20.70 -0.95 -4.04
C SER A 228 -19.90 0.26 -3.60
N ALA A 229 -19.07 0.10 -2.56
CA ALA A 229 -18.20 1.17 -2.10
C ALA A 229 -17.16 1.54 -3.13
N THR A 230 -17.03 0.72 -4.16
CA THR A 230 -16.19 0.95 -5.31
C THR A 230 -16.52 2.27 -6.00
N PHE A 232 -19.02 5.76 -5.18
CA PHE A 232 -18.90 7.06 -4.50
C PHE A 232 -18.08 7.03 -3.21
N ILE A 233 -18.18 5.93 -2.49
CA ILE A 233 -17.55 5.88 -1.17
C ILE A 233 -16.03 5.96 -1.32
N GLY A 234 -15.47 5.17 -2.24
CA GLY A 234 -14.05 5.28 -2.54
C GLY A 234 -13.71 6.60 -3.23
N GLY A 235 -14.50 6.96 -4.25
CA GLY A 235 -14.52 8.30 -4.77
C GLY A 235 -13.54 8.61 -5.88
N HIS A 236 -12.58 7.74 -6.15
CA HIS A 236 -11.50 8.08 -7.08
C HIS A 236 -11.20 6.98 -8.10
N GLY A 237 -12.09 6.02 -8.26
CA GLY A 237 -11.85 4.94 -9.23
C GLY A 237 -10.62 4.09 -8.95
N THR A 238 -10.20 3.97 -7.68
CA THR A 238 -9.03 3.16 -7.36
C THR A 238 -9.33 1.83 -6.68
N THR A 239 -10.43 1.72 -5.93
CA THR A 239 -10.53 0.69 -4.89
C THR A 239 -11.89 0.02 -4.88
N MET A 240 -11.89 -1.31 -4.94
CA MET A 240 -13.14 -2.06 -4.89
C MET A 240 -13.53 -2.33 -3.44
N GLY A 241 -14.84 -2.35 -3.19
CA GLY A 241 -15.36 -2.76 -1.89
C GLY A 241 -16.87 -2.83 -1.92
N GLY A 242 -17.41 -3.58 -0.95
CA GLY A 242 -18.85 -3.67 -0.80
C GLY A 242 -19.20 -3.65 0.68
N VAL A 243 -20.40 -3.15 1.00
CA VAL A 243 -20.82 -3.03 2.38
C VAL A 243 -22.28 -3.44 2.50
N ILE A 244 -22.61 -4.16 3.59
CA ILE A 244 -23.97 -4.47 3.97
C ILE A 244 -24.24 -3.76 5.29
N VAL A 245 -25.32 -2.98 5.36
CA VAL A 245 -25.75 -2.35 6.60
C VAL A 245 -27.14 -2.84 6.94
N GLU A 246 -27.37 -3.21 8.19
CA GLU A 246 -28.69 -3.57 8.67
C GLU A 246 -29.23 -2.47 9.57
N GLY A 247 -30.56 -2.41 9.63
CA GLY A 247 -31.28 -1.35 10.31
C GLY A 247 -31.75 -1.71 11.70
N GLY A 248 -31.87 -3.00 12.00
CA GLY A 248 -32.15 -3.44 13.35
C GLY A 248 -33.57 -3.25 13.82
N GLN A 249 -34.53 -3.12 12.91
CA GLN A 249 -35.94 -2.94 13.27
C GLN A 249 -36.83 -4.04 12.73
N PHE A 250 -36.25 -5.16 12.30
CA PHE A 250 -37.02 -6.26 11.74
C PHE A 250 -37.09 -7.37 12.79
N ASP A 251 -38.31 -7.77 13.13
CA ASP A 251 -38.57 -8.78 14.16
C ASP A 251 -38.59 -10.15 13.49
N TRP A 252 -37.44 -10.82 13.52
CA TRP A 252 -37.31 -12.16 12.96
C TRP A 252 -38.34 -13.12 13.54
N ARG A 253 -38.59 -13.05 14.85
CA ARG A 253 -39.47 -14.02 15.47
C ARG A 253 -40.91 -13.79 15.07
N ALA A 254 -41.37 -12.53 15.08
CA ALA A 254 -42.74 -12.26 14.67
C ALA A 254 -42.99 -12.71 13.24
N SER A 255 -41.96 -12.70 12.39
CA SER A 255 -42.16 -13.00 10.98
C SER A 255 -42.44 -14.48 10.75
N GLY A 256 -41.63 -15.35 11.38
CA GLY A 256 -41.74 -16.78 11.18
C GLY A 256 -41.12 -17.32 9.91
N LYS A 257 -40.67 -16.47 9.00
CA LYS A 257 -40.15 -16.95 7.71
C LYS A 257 -38.64 -17.10 7.69
N TYR A 258 -37.96 -16.79 8.79
CA TYR A 258 -36.51 -16.90 8.91
C TYR A 258 -36.13 -17.78 10.10
N PRO A 259 -36.46 -19.08 10.05
CA PRO A 259 -36.15 -19.94 11.20
C PRO A 259 -34.65 -20.06 11.50
N ASP A 260 -33.80 -19.95 10.48
CA ASP A 260 -32.36 -19.97 10.72
C ASP A 260 -31.91 -18.82 11.61
N PHE A 261 -32.72 -17.76 11.73
CA PHE A 261 -32.41 -16.66 12.64
C PHE A 261 -32.93 -16.90 14.06
N THR A 262 -33.93 -17.75 14.24
CA THR A 262 -34.61 -17.93 15.52
C THR A 262 -34.33 -19.27 16.19
N THR A 263 -33.60 -20.17 15.53
CA THR A 263 -33.39 -21.51 16.02
C THR A 263 -31.97 -21.66 16.53
N PRO A 264 -31.77 -22.21 17.73
CA PRO A 264 -30.40 -22.38 18.24
C PRO A 264 -29.55 -23.21 17.28
N ASP A 265 -28.48 -22.61 16.80
CA ASP A 265 -27.64 -23.22 15.78
C ASP A 265 -26.51 -23.97 16.46
N PRO A 266 -26.52 -25.30 16.47
CA PRO A 266 -25.45 -26.03 17.18
C PRO A 266 -24.08 -25.84 16.57
N GLN A 267 -24.00 -25.45 15.30
CA GLN A 267 -22.74 -24.99 14.73
C GLN A 267 -22.10 -23.89 15.57
N TYR A 268 -22.90 -23.06 16.22
CA TYR A 268 -22.42 -21.93 17.01
C TYR A 268 -22.87 -22.03 18.46
N ASN A 269 -22.80 -23.25 19.01
CA ASN A 269 -23.10 -23.50 20.43
C ASN A 269 -24.52 -23.04 20.78
N GLY A 270 -25.47 -23.33 19.91
CA GLY A 270 -26.84 -22.93 20.12
C GLY A 270 -27.09 -21.44 20.11
N LEU A 271 -26.24 -20.66 19.43
CA LEU A 271 -26.49 -19.24 19.28
C LEU A 271 -27.77 -19.01 18.49
N VAL A 272 -28.53 -18.01 18.90
CA VAL A 272 -29.73 -17.58 18.19
C VAL A 272 -29.42 -16.21 17.60
N PHE A 273 -29.37 -16.13 16.27
CA PHE A 273 -28.92 -14.89 15.65
C PHE A 273 -29.87 -13.74 15.95
N ALA A 274 -31.17 -14.00 16.06
CA ALA A 274 -32.12 -12.95 16.37
C ALA A 274 -31.84 -12.31 17.73
N ASP A 275 -31.21 -13.04 18.65
CA ASP A 275 -30.86 -12.46 19.94
C ASP A 275 -29.75 -11.43 19.86
N LEU A 276 -29.11 -11.28 18.70
CA LEU A 276 -28.10 -10.24 18.53
C LEU A 276 -28.71 -8.89 18.18
N GLY A 277 -30.03 -8.81 18.04
CA GLY A 277 -30.70 -7.53 17.83
C GLY A 277 -30.25 -6.86 16.55
N GLY A 278 -29.71 -5.66 16.69
CA GLY A 278 -29.30 -4.89 15.54
C GLY A 278 -28.02 -5.38 14.86
N ALA A 279 -27.42 -6.48 15.30
CA ALA A 279 -26.28 -7.09 14.63
C ALA A 279 -26.60 -8.47 14.09
N ALA A 280 -27.88 -8.89 14.12
CA ALA A 280 -28.27 -10.24 13.71
C ALA A 280 -27.89 -10.53 12.25
N PHE A 281 -28.35 -9.69 11.32
CA PHE A 281 -28.13 -9.95 9.90
C PHE A 281 -26.64 -9.98 9.55
N THR A 282 -25.89 -8.96 9.96
CA THR A 282 -24.50 -8.86 9.54
C THR A 282 -23.60 -9.85 10.28
N THR A 283 -23.93 -10.20 11.52
CA THR A 283 -23.16 -11.26 12.19
C THR A 283 -23.39 -12.60 11.52
N LYS A 284 -24.63 -12.86 11.07
CA LYS A 284 -24.88 -14.11 10.34
C LYS A 284 -24.08 -14.15 9.03
N VAL A 285 -24.05 -13.04 8.28
CA VAL A 285 -23.19 -12.96 7.08
C VAL A 285 -21.75 -13.30 7.45
N ARG A 286 -21.23 -12.61 8.48
CA ARG A 286 -19.86 -12.83 8.93
C ARG A 286 -19.62 -14.29 9.30
N ALA A 287 -20.53 -14.87 10.08
CA ALA A 287 -20.34 -16.20 10.64
C ALA A 287 -20.62 -17.33 9.64
N GLU A 288 -21.27 -17.02 8.52
CA GLU A 288 -21.77 -18.05 7.63
C GLU A 288 -21.26 -17.84 6.19
N THR A 289 -21.97 -17.02 5.42
CA THR A 289 -21.63 -16.88 4.00
C THR A 289 -20.21 -16.36 3.81
N LEU A 290 -19.83 -15.31 4.55
CA LEU A 290 -18.48 -14.77 4.42
C LEU A 290 -17.43 -15.75 4.95
N ARG A 291 -17.72 -16.39 6.08
CA ARG A 291 -16.81 -17.42 6.59
C ARG A 291 -16.56 -18.49 5.54
N ASP A 292 -17.62 -18.94 4.88
CA ASP A 292 -17.51 -20.08 3.98
C ASP A 292 -16.96 -19.69 2.61
N THR A 293 -17.42 -18.56 2.06
CA THR A 293 -17.09 -18.25 0.67
C THR A 293 -16.03 -17.17 0.52
N GLY A 294 -15.68 -16.44 1.58
CA GLY A 294 -14.44 -15.68 1.64
C GLY A 294 -14.24 -14.53 0.65
N ALA A 295 -15.30 -13.76 0.37
CA ALA A 295 -15.14 -12.54 -0.41
C ALA A 295 -14.73 -11.39 0.52
N THR A 296 -13.56 -11.56 1.13
CA THR A 296 -13.05 -10.59 2.09
C THR A 296 -12.42 -9.41 1.37
N ILE A 297 -12.48 -8.25 1.98
CA ILE A 297 -11.80 -7.07 1.44
C ILE A 297 -10.38 -7.02 1.99
N SER A 298 -9.45 -6.48 1.20
CA SER A 298 -8.11 -6.28 1.71
C SER A 298 -8.09 -5.11 2.70
N PRO A 299 -7.29 -5.20 3.77
CA PRO A 299 -7.17 -4.05 4.68
C PRO A 299 -6.68 -2.79 3.99
N PHE A 300 -5.83 -2.93 2.96
CA PHE A 300 -5.41 -1.79 2.17
CA PHE A 300 -5.41 -1.79 2.15
C PHE A 300 -6.61 -1.11 1.53
N ASN A 301 -7.51 -1.88 0.93
CA ASN A 301 -8.73 -1.32 0.33
C ASN A 301 -9.58 -0.64 1.38
N SER A 302 -9.71 -1.25 2.57
CA SER A 302 -10.48 -0.62 3.64
C SER A 302 -9.90 0.74 4.00
N PHE A 303 -8.56 0.81 4.11
CA PHE A 303 -7.90 2.07 4.37
C PHE A 303 -8.29 3.13 3.35
N LEU A 304 -8.27 2.77 2.06
CA LEU A 304 -8.61 3.75 1.02
C LEU A 304 -10.09 4.11 1.05
N LEU A 305 -10.97 3.17 1.43
CA LEU A 305 -12.37 3.54 1.57
C LEU A 305 -12.55 4.54 2.71
N LEU A 306 -11.82 4.35 3.82
CA LEU A 306 -11.89 5.29 4.94
C LEU A 306 -11.51 6.69 4.51
N GLN A 307 -10.47 6.81 3.69
CA GLN A 307 -10.04 8.12 3.21
C GLN A 307 -11.14 8.79 2.37
N GLY A 308 -11.76 8.03 1.47
CA GLY A 308 -12.87 8.60 0.70
C GLY A 308 -14.09 8.92 1.55
N LEU A 309 -14.34 8.13 2.60
CA LEU A 309 -15.45 8.46 3.49
C LEU A 309 -15.23 9.79 4.18
N GLU A 310 -13.98 10.11 4.54
CA GLU A 310 -13.72 11.36 5.23
C GLU A 310 -14.03 12.58 4.39
N SER A 311 -14.21 12.43 3.06
CA SER A 311 -14.59 13.55 2.20
C SER A 311 -15.92 13.32 1.47
N LEU A 312 -16.69 12.32 1.90
CA LEU A 312 -17.80 11.81 1.07
C LEU A 312 -18.82 12.89 0.75
N SER A 313 -19.36 13.58 1.76
CA SER A 313 -20.42 14.55 1.47
C SER A 313 -19.87 15.76 0.71
N LEU A 314 -18.62 16.12 0.95
CA LEU A 314 -18.01 17.22 0.21
C LEU A 314 -17.95 16.90 -1.28
N ARG A 315 -17.57 15.66 -1.63
CA ARG A 315 -17.51 15.29 -3.03
C ARG A 315 -18.90 15.12 -3.61
N VAL A 316 -19.79 14.44 -2.89
CA VAL A 316 -21.16 14.24 -3.39
C VAL A 316 -21.84 15.57 -3.64
N GLU A 317 -21.72 16.53 -2.69
CA GLU A 317 -22.34 17.85 -2.91
C GLU A 317 -21.90 18.44 -4.23
N ARG A 318 -20.60 18.36 -4.56
CA ARG A 318 -20.08 18.96 -5.79
C ARG A 318 -20.44 18.13 -7.02
N HIS A 319 -20.42 16.80 -6.90
CA HIS A 319 -21.00 15.96 -7.95
C HIS A 319 -22.41 16.45 -8.29
N VAL A 320 -23.24 16.68 -7.27
CA VAL A 320 -24.64 17.03 -7.49
C VAL A 320 -24.77 18.43 -8.08
N THR A 321 -24.04 19.41 -7.53
CA THR A 321 -24.16 20.76 -8.09
C THR A 321 -23.62 20.80 -9.52
N ASN A 322 -22.54 20.06 -9.80
CA ASN A 322 -22.04 20.00 -11.17
C ASN A 322 -23.10 19.40 -12.10
N THR A 323 -23.75 18.32 -11.65
CA THR A 323 -24.76 17.66 -12.47
C THR A 323 -25.96 18.56 -12.71
N ARG A 324 -26.42 19.28 -11.68
CA ARG A 324 -27.54 20.21 -11.88
C ARG A 324 -27.19 21.24 -12.96
N LYS A 325 -25.98 21.79 -12.91
CA LYS A 325 -25.57 22.76 -13.93
C LYS A 325 -25.47 22.11 -15.30
N ILE A 326 -24.86 20.93 -15.39
CA ILE A 326 -24.73 20.26 -16.69
C ILE A 326 -26.11 19.90 -17.26
N VAL A 327 -27.00 19.38 -16.42
CA VAL A 327 -28.34 19.00 -16.88
C VAL A 327 -29.12 20.23 -17.35
N ALA A 328 -29.00 21.35 -16.63
CA ALA A 328 -29.68 22.58 -17.06
C ALA A 328 -29.16 23.05 -18.42
N PHE A 329 -27.85 22.94 -18.65
CA PHE A 329 -27.29 23.32 -19.95
C PHE A 329 -27.79 22.40 -21.05
N LEU A 330 -27.78 21.08 -20.80
CA LEU A 330 -28.15 20.15 -21.85
C LEU A 330 -29.65 20.22 -22.16
N LYS A 331 -30.48 20.42 -21.13
CA LYS A 331 -31.93 20.40 -21.38
C LYS A 331 -32.35 21.58 -22.26
N ALA A 332 -31.58 22.66 -22.25
CA ALA A 332 -31.84 23.82 -23.09
C ALA A 332 -31.15 23.72 -24.46
N HIS A 333 -30.33 22.68 -24.70
CA HIS A 333 -29.56 22.63 -25.94
C HIS A 333 -30.41 22.07 -27.08
N PRO A 334 -30.42 22.74 -28.25
CA PRO A 334 -31.32 22.29 -29.33
C PRO A 334 -30.95 20.94 -29.92
N LYS A 335 -29.76 20.41 -29.65
CA LYS A 335 -29.41 19.09 -30.16
C LYS A 335 -29.69 17.95 -29.17
N VAL A 336 -30.24 18.25 -27.99
CA VAL A 336 -30.58 17.23 -27.00
C VAL A 336 -32.06 16.89 -27.14
N ALA A 337 -32.36 15.62 -27.46
CA ALA A 337 -33.74 15.20 -27.67
C ALA A 337 -34.46 14.87 -26.37
N TRP A 338 -33.77 14.26 -25.41
CA TRP A 338 -34.38 13.95 -24.12
C TRP A 338 -33.27 13.77 -23.09
N ILE A 339 -33.64 13.95 -21.82
CA ILE A 339 -32.76 13.75 -20.67
C ILE A 339 -33.54 13.01 -19.62
N ASN A 340 -32.88 12.04 -18.97
CA ASN A 340 -33.46 11.31 -17.84
C ASN A 340 -32.74 11.75 -16.57
N TYR A 341 -33.38 12.61 -15.80
CA TYR A 341 -32.89 13.06 -14.50
C TYR A 341 -34.10 13.37 -13.63
N PRO A 342 -34.33 12.58 -12.58
CA PRO A 342 -35.64 12.60 -11.89
C PRO A 342 -35.95 13.90 -11.18
N GLU A 343 -34.96 14.77 -10.98
CA GLU A 343 -35.21 16.05 -10.33
C GLU A 343 -35.81 17.08 -11.29
N LEU A 344 -35.79 16.83 -12.59
CA LEU A 344 -36.47 17.71 -13.53
C LEU A 344 -37.97 17.73 -13.26
N GLU A 345 -38.56 18.93 -13.39
CA GLU A 345 -39.94 19.12 -12.99
C GLU A 345 -40.89 18.24 -13.79
N ASP A 346 -40.57 17.95 -15.04
CA ASP A 346 -41.42 17.13 -15.89
C ASP A 346 -41.04 15.65 -15.86
N SER A 347 -40.11 15.23 -15.00
CA SER A 347 -39.80 13.81 -14.88
C SER A 347 -40.98 13.08 -14.24
N PRO A 348 -41.32 11.87 -14.71
CA PRO A 348 -42.29 11.04 -13.99
C PRO A 348 -41.88 10.77 -12.54
N TYR A 349 -40.60 10.86 -12.22
CA TYR A 349 -40.09 10.57 -10.87
C TYR A 349 -39.93 11.83 -10.04
N HIS A 350 -40.45 12.98 -10.49
CA HIS A 350 -40.17 14.23 -9.80
C HIS A 350 -40.71 14.25 -8.36
N ASP A 351 -41.93 13.73 -8.16
CA ASP A 351 -42.50 13.73 -6.81
C ASP A 351 -41.71 12.83 -5.86
N LEU A 352 -41.24 11.67 -6.36
CA LEU A 352 -40.38 10.82 -5.55
C LEU A 352 -39.06 11.51 -5.23
N ALA A 353 -38.53 12.27 -6.19
CA ALA A 353 -37.31 13.04 -5.94
C ALA A 353 -37.54 14.07 -4.84
N THR A 354 -38.68 14.77 -4.88
CA THR A 354 -38.97 15.77 -3.85
C THR A 354 -39.15 15.11 -2.48
N LYS A 355 -39.79 13.94 -2.45
CA LYS A 355 -40.07 13.27 -1.18
C LYS A 355 -38.80 12.71 -0.55
N TYR A 356 -37.97 12.02 -1.32
CA TYR A 356 -36.89 11.18 -0.77
C TYR A 356 -35.49 11.75 -0.98
N PHE A 357 -35.30 12.73 -1.85
CA PHE A 357 -33.95 13.18 -2.23
C PHE A 357 -33.79 14.68 -2.04
N PRO A 358 -33.86 15.15 -0.79
CA PRO A 358 -33.80 16.61 -0.55
C PRO A 358 -32.47 17.24 -0.89
N ASN A 359 -31.40 16.45 -1.02
CA ASN A 359 -30.09 17.00 -1.37
C ASN A 359 -29.76 16.76 -2.84
N GLY A 360 -30.70 16.26 -3.64
CA GLY A 360 -30.47 15.99 -5.04
C GLY A 360 -30.51 14.49 -5.34
N VAL A 361 -30.45 14.18 -6.64
CA VAL A 361 -30.60 12.79 -7.08
C VAL A 361 -29.32 12.27 -7.73
N GLY A 362 -28.18 12.78 -7.30
CA GLY A 362 -26.92 12.19 -7.70
C GLY A 362 -26.38 12.77 -8.98
N SER A 363 -25.39 12.07 -9.54
CA SER A 363 -24.59 12.62 -10.64
C SER A 363 -24.47 11.67 -11.82
N ILE A 364 -25.42 10.76 -11.98
CA ILE A 364 -25.46 9.85 -13.11
C ILE A 364 -26.81 10.00 -13.79
N PHE A 365 -26.81 10.22 -15.10
CA PHE A 365 -28.03 10.48 -15.83
C PHE A 365 -27.82 10.04 -17.28
N THR A 366 -28.92 9.98 -18.03
CA THR A 366 -28.83 9.61 -19.43
C THR A 366 -29.51 10.67 -20.28
N LEU A 367 -29.21 10.62 -21.59
CA LEU A 367 -29.77 11.58 -22.53
C LEU A 367 -29.65 10.97 -23.92
N GLY A 368 -30.37 11.58 -24.85
CA GLY A 368 -30.25 11.21 -26.25
C GLY A 368 -30.28 12.48 -27.08
N LEU A 369 -29.55 12.43 -28.19
CA LEU A 369 -29.40 13.58 -29.07
C LEU A 369 -30.35 13.45 -30.26
N THR A 370 -30.73 14.58 -30.86
CA THR A 370 -31.65 14.55 -31.99
C THR A 370 -31.06 13.78 -33.17
N GLY A 371 -29.74 13.74 -33.29
CA GLY A 371 -29.06 12.97 -34.31
C GLY A 371 -28.94 11.49 -34.01
N GLY A 372 -29.63 11.01 -32.97
CA GLY A 372 -29.70 9.58 -32.72
C GLY A 372 -28.36 8.96 -32.39
N GLU A 373 -28.18 7.72 -32.86
CA GLU A 373 -27.03 6.90 -32.49
C GLU A 373 -25.74 7.49 -33.05
N ALA A 374 -25.78 7.96 -34.30
CA ALA A 374 -24.58 8.53 -34.90
C ALA A 374 -24.13 9.78 -34.16
N ALA A 375 -25.08 10.62 -33.73
CA ALA A 375 -24.69 11.82 -33.00
C ALA A 375 -24.10 11.49 -31.64
N GLY A 376 -24.69 10.51 -30.93
CA GLY A 376 -24.15 10.11 -29.65
C GLY A 376 -22.75 9.51 -29.77
N LYS A 377 -22.53 8.72 -30.83
CA LYS A 377 -21.20 8.23 -31.12
C LYS A 377 -20.23 9.37 -31.39
N ALA A 378 -20.65 10.34 -32.19
CA ALA A 378 -19.76 11.43 -32.56
C ALA A 378 -19.49 12.35 -31.35
N LEU A 379 -20.47 12.52 -30.47
CA LEU A 379 -20.26 13.32 -29.27
C LEU A 379 -19.09 12.78 -28.45
N ILE A 380 -19.10 11.46 -28.20
CA ILE A 380 -18.02 10.83 -27.43
C ILE A 380 -16.68 11.15 -28.05
N GLU A 381 -16.58 11.03 -29.37
CA GLU A 381 -15.29 11.14 -30.02
C GLU A 381 -14.69 12.54 -29.88
N HIS A 382 -15.52 13.57 -29.76
CA HIS A 382 -15.01 14.93 -29.72
C HIS A 382 -14.82 15.47 -28.31
N LEU A 383 -15.29 14.76 -27.27
CA LEU A 383 -15.09 15.23 -25.91
C LEU A 383 -13.63 15.06 -25.49
N GLN A 384 -13.12 16.06 -24.77
CA GLN A 384 -11.74 16.07 -24.30
C GLN A 384 -11.59 15.79 -22.82
N LEU A 385 -12.60 16.12 -22.02
CA LEU A 385 -12.50 15.95 -20.57
C LEU A 385 -13.17 14.68 -20.09
N PHE A 386 -14.31 14.31 -20.67
CA PHE A 386 -15.01 13.09 -20.27
C PHE A 386 -14.26 11.85 -20.76
N SER A 387 -14.09 10.86 -19.90
CA SER A 387 -13.40 9.63 -20.28
C SER A 387 -14.41 8.59 -20.72
N LEU A 388 -14.10 7.89 -21.81
CA LEU A 388 -14.98 6.85 -22.31
C LEU A 388 -14.66 5.54 -21.58
N LEU A 389 -15.55 5.13 -20.68
CA LEU A 389 -15.46 3.80 -20.05
C LEU A 389 -16.79 3.50 -19.38
N ALA A 390 -16.93 2.29 -18.88
CA ALA A 390 -18.21 1.74 -18.46
C ALA A 390 -18.55 1.99 -16.99
N ASN A 391 -17.64 2.60 -16.23
CA ASN A 391 -17.77 2.83 -14.80
C ASN A 391 -18.53 4.13 -14.49
N VAL A 392 -18.88 4.33 -13.22
CA VAL A 392 -19.55 5.54 -12.74
C VAL A 392 -18.92 5.97 -11.42
N ALA A 393 -19.17 7.23 -11.04
CA ALA A 393 -18.87 7.77 -9.71
C ALA A 393 -17.37 7.90 -9.44
N ASP A 394 -16.57 8.13 -10.47
CA ASP A 394 -15.20 8.60 -10.32
C ASP A 394 -15.20 10.11 -10.05
N ALA A 395 -14.09 10.59 -9.47
CA ALA A 395 -13.85 12.03 -9.43
C ALA A 395 -13.70 12.62 -10.83
N LYS A 396 -13.32 11.80 -11.79
CA LYS A 396 -13.28 12.21 -13.20
C LYS A 396 -14.63 11.96 -13.86
N SER A 397 -15.04 12.89 -14.73
CA SER A 397 -16.30 12.70 -15.45
C SER A 397 -16.14 11.61 -16.51
N LEU A 398 -17.18 10.78 -16.61
CA LEU A 398 -17.19 9.61 -17.47
C LEU A 398 -18.41 9.67 -18.39
N ILE A 399 -18.32 8.97 -19.51
CA ILE A 399 -19.40 8.93 -20.48
C ILE A 399 -19.32 7.61 -21.23
N ILE A 400 -20.47 7.11 -21.66
CA ILE A 400 -20.51 5.88 -22.43
C ILE A 400 -21.73 5.94 -23.34
N HIS A 401 -21.56 5.38 -24.55
CA HIS A 401 -22.66 5.13 -25.47
C HIS A 401 -22.81 3.62 -25.60
N PRO A 402 -23.66 2.99 -24.79
CA PRO A 402 -23.66 1.52 -24.71
C PRO A 402 -23.83 0.83 -26.06
N ALA A 403 -24.60 1.39 -26.98
CA ALA A 403 -24.90 0.66 -28.21
C ALA A 403 -23.70 0.52 -29.13
N SER A 404 -22.69 1.38 -28.97
CA SER A 404 -21.46 1.24 -29.76
C SER A 404 -20.30 0.68 -28.96
N THR A 405 -20.50 0.34 -27.68
CA THR A 405 -19.43 -0.22 -26.88
C THR A 405 -19.89 -1.46 -26.11
N THR A 406 -20.28 -1.29 -24.84
CA THR A 406 -20.55 -2.44 -23.99
C THR A 406 -21.68 -3.31 -24.55
N HIS A 407 -22.60 -2.74 -25.32
CA HIS A 407 -23.72 -3.50 -25.87
C HIS A 407 -23.68 -3.53 -27.39
N ALA A 408 -22.46 -3.43 -27.96
CA ALA A 408 -22.30 -3.31 -29.41
C ALA A 408 -22.78 -4.54 -30.17
N GLN A 409 -22.94 -5.67 -29.50
CA GLN A 409 -23.34 -6.91 -30.16
C GLN A 409 -24.85 -7.05 -30.32
N LEU A 410 -25.65 -6.18 -29.69
CA LEU A 410 -27.09 -6.38 -29.61
C LEU A 410 -27.83 -5.58 -30.67
N ASN A 411 -28.96 -6.12 -31.12
CA ASN A 411 -29.84 -5.39 -32.01
C ASN A 411 -30.79 -4.54 -31.17
N GLU A 412 -31.68 -3.81 -31.87
CA GLU A 412 -32.50 -2.81 -31.19
C GLU A 412 -33.41 -3.43 -30.15
N GLN A 413 -34.03 -4.57 -30.49
CA GLN A 413 -34.92 -5.22 -29.55
C GLN A 413 -34.16 -5.74 -28.34
N GLU A 414 -33.00 -6.35 -28.56
CA GLU A 414 -32.18 -6.79 -27.43
C GLU A 414 -31.71 -5.61 -26.60
N LEU A 415 -31.34 -4.50 -27.25
CA LEU A 415 -30.97 -3.29 -26.53
C LEU A 415 -32.11 -2.84 -25.62
N LEU A 416 -33.33 -2.82 -26.14
CA LEU A 416 -34.46 -2.33 -25.35
C LEU A 416 -34.73 -3.24 -24.17
N ALA A 417 -34.60 -4.56 -24.37
CA ALA A 417 -34.75 -5.49 -23.25
C ALA A 417 -33.79 -5.15 -22.12
N ALA A 418 -32.63 -4.58 -22.43
CA ALA A 418 -31.66 -4.19 -21.42
C ALA A 418 -31.82 -2.74 -20.97
N GLY A 419 -32.96 -2.11 -21.29
CA GLY A 419 -33.20 -0.74 -20.91
C GLY A 419 -32.41 0.29 -21.70
N VAL A 420 -31.90 -0.08 -22.87
CA VAL A 420 -31.03 0.78 -23.67
C VAL A 420 -31.71 1.01 -25.02
N THR A 421 -31.53 2.21 -25.57
CA THR A 421 -31.91 2.55 -26.94
C THR A 421 -30.65 2.90 -27.74
N PRO A 422 -30.72 2.87 -29.08
CA PRO A 422 -29.50 3.19 -29.87
C PRO A 422 -28.98 4.59 -29.64
N ASP A 423 -29.83 5.54 -29.25
CA ASP A 423 -29.36 6.90 -29.01
C ASP A 423 -28.87 7.13 -27.59
N LEU A 424 -29.01 6.14 -26.70
CA LEU A 424 -28.82 6.41 -25.28
C LEU A 424 -27.35 6.69 -24.97
N ILE A 425 -27.13 7.73 -24.18
CA ILE A 425 -25.83 8.12 -23.65
C ILE A 425 -25.97 8.24 -22.14
N ARG A 426 -25.06 7.62 -21.40
CA ARG A 426 -25.03 7.77 -19.95
C ARG A 426 -23.83 8.63 -19.57
N ILE A 427 -24.03 9.58 -18.67
CA ILE A 427 -22.96 10.45 -18.20
C ILE A 427 -22.85 10.29 -16.70
N SER A 428 -21.62 10.18 -16.21
CA SER A 428 -21.36 10.23 -14.77
C SER A 428 -20.51 11.48 -14.52
N VAL A 429 -21.07 12.42 -13.80
CA VAL A 429 -20.43 13.72 -13.64
C VAL A 429 -19.45 13.64 -12.48
N GLY A 430 -18.21 14.12 -12.73
CA GLY A 430 -17.17 14.17 -11.73
C GLY A 430 -17.15 15.51 -10.99
N VAL A 431 -16.02 15.79 -10.37
CA VAL A 431 -15.90 17.00 -9.55
C VAL A 431 -14.91 18.00 -10.17
N GLU A 432 -14.71 17.92 -11.49
CA GLU A 432 -14.03 18.99 -12.21
C GLU A 432 -14.83 20.28 -12.14
N ASN A 433 -14.24 21.36 -12.65
CA ASN A 433 -14.97 22.63 -12.70
C ASN A 433 -16.11 22.53 -13.70
N ALA A 434 -17.34 22.86 -13.25
CA ALA A 434 -18.52 22.66 -14.09
C ALA A 434 -18.47 23.48 -15.38
N ASP A 435 -17.86 24.67 -15.35
CA ASP A 435 -17.75 25.47 -16.56
C ASP A 435 -16.82 24.80 -17.57
N ASP A 436 -15.78 24.10 -17.10
CA ASP A 436 -14.93 23.35 -18.01
C ASP A 436 -15.70 22.18 -18.63
N LEU A 437 -16.53 21.51 -17.82
CA LEU A 437 -17.29 20.37 -18.34
C LEU A 437 -18.33 20.85 -19.36
N ILE A 438 -19.00 21.96 -19.08
CA ILE A 438 -20.00 22.47 -20.01
C ILE A 438 -19.36 22.92 -21.33
N ALA A 439 -18.21 23.59 -21.25
CA ALA A 439 -17.52 24.02 -22.48
C ALA A 439 -17.10 22.82 -23.32
N ASP A 440 -16.67 21.73 -22.68
CA ASP A 440 -16.33 20.52 -23.42
C ASP A 440 -17.55 19.94 -24.12
N LEU A 441 -18.67 19.81 -23.40
CA LEU A 441 -19.91 19.36 -24.03
C LEU A 441 -20.37 20.32 -25.12
N ASP A 442 -20.27 21.63 -24.86
CA ASP A 442 -20.69 22.63 -25.83
C ASP A 442 -19.94 22.48 -27.15
N GLN A 443 -18.60 22.40 -27.08
CA GLN A 443 -17.83 22.29 -28.32
C GLN A 443 -18.05 20.94 -29.00
N ALA A 444 -18.27 19.86 -28.23
CA ALA A 444 -18.49 18.57 -28.85
C ALA A 444 -19.84 18.53 -29.56
N LEU A 445 -20.86 19.09 -28.95
CA LEU A 445 -22.18 19.14 -29.58
C LEU A 445 -22.14 19.90 -30.89
N ALA A 446 -21.24 20.89 -31.00
CA ALA A 446 -21.12 21.67 -32.23
C ALA A 446 -20.56 20.84 -33.38
N GLN A 447 -19.94 19.70 -33.07
CA GLN A 447 -19.39 18.79 -34.07
C GLN A 447 -20.38 17.75 -34.56
N VAL A 448 -21.55 17.63 -33.94
CA VAL A 448 -22.45 16.52 -34.28
C VAL A 448 -23.69 17.01 -35.00
N ASN B 25 -1.11 24.37 -18.87
CA ASN B 25 -2.56 24.55 -18.93
C ASN B 25 -2.99 25.17 -20.25
N PRO B 26 -2.66 24.50 -21.37
CA PRO B 26 -2.97 25.11 -22.68
C PRO B 26 -4.45 25.30 -22.92
N GLU B 27 -5.26 24.30 -22.58
CA GLU B 27 -6.70 24.39 -22.73
C GLU B 27 -7.34 25.40 -21.76
N ASN B 28 -6.56 26.02 -20.87
CA ASN B 28 -7.09 27.03 -19.95
C ASN B 28 -8.19 26.41 -19.08
N TYR B 29 -7.77 25.51 -18.20
CA TYR B 29 -8.68 24.83 -17.29
C TYR B 29 -8.71 25.53 -15.94
N HIS B 30 -9.85 25.45 -15.28
CA HIS B 30 -10.01 25.97 -13.93
C HIS B 30 -9.37 25.03 -12.90
N PHE B 31 -9.23 25.56 -11.69
CA PHE B 31 -8.50 24.89 -10.61
C PHE B 31 -9.01 23.47 -10.36
N GLU B 32 -10.34 23.30 -10.32
CA GLU B 32 -10.91 22.01 -9.92
C GLU B 32 -10.68 20.95 -10.99
N THR B 33 -10.68 21.33 -12.26
CA THR B 33 -10.32 20.40 -13.31
C THR B 33 -8.86 20.00 -13.21
N LEU B 34 -8.00 20.98 -12.95
CA LEU B 34 -6.57 20.69 -12.82
C LEU B 34 -6.29 19.73 -11.66
N GLN B 35 -6.98 19.92 -10.52
CA GLN B 35 -6.67 19.07 -9.37
C GLN B 35 -7.09 17.62 -9.61
N VAL B 36 -8.00 17.40 -10.56
CA VAL B 36 -8.44 16.06 -10.89
C VAL B 36 -7.60 15.43 -12.02
N HIS B 37 -7.06 16.24 -12.93
CA HIS B 37 -6.52 15.75 -14.19
C HIS B 37 -5.07 16.11 -14.49
N ALA B 38 -4.58 17.25 -14.03
CA ALA B 38 -3.30 17.75 -14.52
C ALA B 38 -2.19 16.75 -14.26
N GLY B 39 -1.31 16.59 -15.25
CA GLY B 39 -0.18 15.69 -15.15
C GLY B 39 -0.48 14.23 -15.36
N GLN B 40 -1.75 13.84 -15.50
CA GLN B 40 -2.12 12.44 -15.56
C GLN B 40 -2.40 12.04 -16.99
N THR B 41 -1.78 10.95 -17.43
CA THR B 41 -2.04 10.37 -18.75
C THR B 41 -2.58 8.96 -18.57
N VAL B 42 -3.07 8.40 -19.67
CA VAL B 42 -3.55 7.02 -19.71
C VAL B 42 -2.48 6.19 -20.41
N ASP B 43 -1.94 5.19 -19.70
CA ASP B 43 -0.87 4.38 -20.26
C ASP B 43 -1.45 3.31 -21.20
N GLU B 44 -0.61 2.36 -21.61
CA GLU B 44 -1.02 1.37 -22.62
C GLU B 44 -2.10 0.42 -22.13
N THR B 45 -2.24 0.22 -20.82
CA THR B 45 -3.31 -0.62 -20.28
C THR B 45 -4.66 0.08 -20.26
N GLY B 46 -4.69 1.41 -20.46
CA GLY B 46 -5.91 2.17 -20.33
C GLY B 46 -6.33 2.48 -18.90
N ALA B 47 -5.54 2.06 -17.90
CA ALA B 47 -5.93 2.21 -16.50
C ALA B 47 -6.30 3.66 -16.19
N ARG B 48 -7.50 3.86 -15.66
CA ARG B 48 -7.98 5.22 -15.44
C ARG B 48 -7.32 5.87 -14.22
N ALA B 49 -6.94 5.08 -13.22
CA ALA B 49 -6.20 5.61 -12.09
C ALA B 49 -4.71 5.47 -12.35
N VAL B 50 -3.93 6.35 -11.73
CA VAL B 50 -2.46 6.33 -11.86
C VAL B 50 -1.91 5.10 -11.15
N PRO B 51 -1.22 4.20 -11.85
CA PRO B 51 -0.64 3.02 -11.18
C PRO B 51 0.42 3.42 -10.17
N ILE B 52 0.65 2.55 -9.19
CA ILE B 52 1.65 2.80 -8.17
C ILE B 52 2.93 2.10 -8.62
N TYR B 53 3.91 2.88 -9.06
CA TYR B 53 5.14 2.32 -9.59
C TYR B 53 6.12 2.14 -8.43
N GLN B 54 5.81 1.14 -7.60
CA GLN B 54 6.67 0.76 -6.48
C GLN B 54 7.81 -0.07 -7.08
N THR B 55 8.74 0.64 -7.70
CA THR B 55 9.89 0.07 -8.37
C THR B 55 11.10 0.94 -8.08
N THR B 56 12.27 0.32 -7.97
CA THR B 56 13.51 1.07 -7.82
C THR B 56 14.20 1.34 -9.16
N SER B 57 13.91 0.57 -10.20
CA SER B 57 14.71 0.63 -11.41
C SER B 57 13.84 0.43 -12.64
N TYR B 58 14.44 0.71 -13.79
CA TYR B 58 13.79 0.70 -15.09
C TYR B 58 14.74 0.07 -16.08
N VAL B 59 14.25 -0.89 -16.87
CA VAL B 59 15.06 -1.55 -17.88
C VAL B 59 15.48 -0.53 -18.93
N PHE B 60 16.77 -0.55 -19.29
CA PHE B 60 17.28 0.32 -20.34
C PHE B 60 16.66 -0.01 -21.69
N LYS B 61 16.09 1.00 -22.34
CA LYS B 61 15.43 0.79 -23.64
C LYS B 61 16.26 1.34 -24.80
N ARG B 81 13.89 5.54 -17.68
CA ARG B 81 13.56 6.93 -17.37
C ARG B 81 14.18 7.31 -16.01
N LEU B 82 14.27 8.62 -15.75
CA LEU B 82 14.97 9.15 -14.58
C LEU B 82 14.03 9.46 -13.40
N THR B 83 12.72 9.47 -13.62
CA THR B 83 11.77 9.89 -12.60
C THR B 83 10.68 8.83 -12.43
N ASN B 84 9.99 8.89 -11.28
CA ASN B 84 8.98 7.87 -11.01
C ASN B 84 7.63 8.27 -11.62
N PRO B 85 6.97 7.41 -12.40
CA PRO B 85 5.75 7.84 -13.10
C PRO B 85 4.59 8.19 -12.19
N THR B 86 4.48 7.59 -10.99
CA THR B 86 3.46 8.04 -10.05
C THR B 86 3.79 9.44 -9.53
N THR B 87 5.01 9.61 -9.01
CA THR B 87 5.41 10.89 -8.45
C THR B 87 5.41 11.99 -9.51
N ASP B 88 5.70 11.63 -10.76
CA ASP B 88 5.67 12.61 -11.84
C ASP B 88 4.31 13.32 -11.91
N VAL B 89 3.22 12.58 -11.68
CA VAL B 89 1.91 13.23 -11.71
C VAL B 89 1.81 14.27 -10.59
N VAL B 90 2.31 13.93 -9.40
CA VAL B 90 2.31 14.89 -8.29
C VAL B 90 3.10 16.13 -8.68
N ASP B 91 4.31 15.93 -9.19
CA ASP B 91 5.15 17.04 -9.66
C ASP B 91 4.35 18.01 -10.50
N LYS B 92 3.72 17.48 -11.55
CA LYS B 92 3.06 18.32 -12.54
C LYS B 92 1.74 18.87 -12.03
N ARG B 93 1.02 18.11 -11.20
CA ARG B 93 -0.28 18.58 -10.74
C ARG B 93 -0.13 19.75 -9.76
N VAL B 94 0.78 19.64 -8.80
CA VAL B 94 0.95 20.74 -7.86
C VAL B 94 1.54 21.96 -8.57
N ALA B 95 2.45 21.74 -9.53
CA ALA B 95 2.97 22.84 -10.34
C ALA B 95 1.85 23.56 -11.08
N ALA B 96 0.97 22.78 -11.72
CA ALA B 96 -0.15 23.37 -12.44
C ALA B 96 -1.08 24.15 -11.52
N LEU B 97 -1.31 23.63 -10.31
CA LEU B 97 -2.21 24.33 -9.39
C LEU B 97 -1.60 25.65 -8.88
N GLU B 98 -0.28 25.71 -8.69
CA GLU B 98 0.35 26.97 -8.29
C GLU B 98 0.60 27.91 -9.48
N HIS B 99 0.11 27.54 -10.67
CA HIS B 99 0.44 28.24 -11.92
C HIS B 99 1.94 28.41 -12.08
N GLY B 100 2.68 27.34 -11.79
CA GLY B 100 4.10 27.30 -12.04
C GLY B 100 4.43 26.51 -13.31
N THR B 101 5.73 26.41 -13.60
CA THR B 101 6.16 25.74 -14.81
C THR B 101 6.64 24.32 -14.58
N ALA B 102 7.09 23.99 -13.37
CA ALA B 102 7.67 22.69 -13.09
C ALA B 102 7.69 22.46 -11.59
N GLY B 103 7.66 21.17 -11.19
CA GLY B 103 7.72 20.82 -9.79
C GLY B 103 8.57 19.58 -9.56
N VAL B 104 9.01 19.42 -8.31
CA VAL B 104 9.68 18.20 -7.88
C VAL B 104 9.21 17.87 -6.47
N THR B 105 8.97 16.58 -6.21
CA THR B 105 8.40 16.09 -4.95
C THR B 105 9.45 15.33 -4.16
N LEU B 106 9.44 15.52 -2.83
CA LEU B 106 10.42 14.94 -1.93
C LEU B 106 9.69 14.30 -0.75
N ALA B 107 10.47 13.70 0.17
CA ALA B 107 9.88 12.91 1.26
C ALA B 107 9.02 13.75 2.21
N THR B 108 9.38 15.01 2.44
CA THR B 108 8.73 15.84 3.46
C THR B 108 8.80 17.30 3.04
N GLY B 109 7.97 18.12 3.69
CA GLY B 109 8.14 19.56 3.55
C GLY B 109 9.52 20.01 4.00
N SER B 110 10.02 19.45 5.11
CA SER B 110 11.36 19.78 5.57
C SER B 110 12.40 19.51 4.49
N ALA B 111 12.30 18.34 3.82
CA ALA B 111 13.24 18.01 2.75
C ALA B 111 13.09 18.95 1.57
N ALA B 112 11.86 19.34 1.24
CA ALA B 112 11.64 20.26 0.12
C ALA B 112 12.24 21.62 0.41
N ILE B 113 12.08 22.12 1.65
CA ILE B 113 12.70 23.38 2.04
C ILE B 113 14.22 23.27 2.02
N THR B 114 14.77 22.16 2.54
CA THR B 114 16.22 21.97 2.53
C THR B 114 16.78 21.98 1.11
N ALA B 115 16.14 21.23 0.21
CA ALA B 115 16.64 21.15 -1.16
C ALA B 115 16.51 22.50 -1.86
N ALA B 116 15.42 23.23 -1.60
CA ALA B 116 15.26 24.54 -2.23
C ALA B 116 16.40 25.48 -1.82
N ILE B 117 16.79 25.46 -0.55
CA ILE B 117 17.87 26.34 -0.11
C ILE B 117 19.21 25.87 -0.67
N LEU B 118 19.51 24.58 -0.53
CA LEU B 118 20.78 24.07 -1.02
C LEU B 118 20.90 24.21 -2.52
N ASN B 119 19.78 24.31 -3.22
CA ASN B 119 19.82 24.51 -4.66
C ASN B 119 20.49 25.83 -5.04
N ILE B 120 20.43 26.84 -4.17
CA ILE B 120 20.91 28.17 -4.50
C ILE B 120 21.87 28.74 -3.48
N ALA B 121 22.24 27.98 -2.44
CA ALA B 121 23.09 28.50 -1.38
C ALA B 121 24.08 27.44 -0.93
N GLN B 122 25.34 27.82 -0.83
CA GLN B 122 26.34 26.94 -0.23
C GLN B 122 27.14 27.69 0.84
N GLN B 123 28.22 27.07 1.32
CA GLN B 123 29.09 27.69 2.31
C GLN B 123 29.47 29.11 1.90
N GLY B 124 29.26 30.05 2.81
CA GLY B 124 29.49 31.45 2.54
C GLY B 124 28.27 32.22 2.06
N ASP B 125 27.20 31.54 1.65
CA ASP B 125 26.03 32.24 1.15
C ASP B 125 25.09 32.62 2.30
N GLU B 126 24.11 33.47 1.99
CA GLU B 126 23.21 33.98 3.01
C GLU B 126 21.76 33.92 2.56
N ILE B 127 20.88 33.86 3.55
CA ILE B 127 19.44 33.85 3.36
C ILE B 127 18.83 34.89 4.30
N VAL B 128 17.85 35.66 3.81
CA VAL B 128 17.11 36.59 4.64
C VAL B 128 15.69 36.05 4.76
N ALA B 129 15.28 35.75 6.00
CA ALA B 129 14.01 35.08 6.26
C ALA B 129 13.23 35.84 7.32
N ALA B 130 11.91 35.65 7.29
CA ALA B 130 11.06 36.19 8.36
C ALA B 130 11.45 35.57 9.69
N ASN B 131 11.40 36.38 10.75
CA ASN B 131 11.65 35.87 12.10
C ASN B 131 10.41 35.24 12.74
N THR B 132 9.34 35.05 11.98
CA THR B 132 8.12 34.42 12.48
C THR B 132 8.00 32.97 12.02
N LEU B 133 9.10 32.38 11.54
CA LEU B 133 9.06 31.10 10.86
C LEU B 133 8.56 29.97 11.76
N TYR B 134 7.94 28.98 11.11
CA TYR B 134 7.64 27.71 11.77
C TYR B 134 8.88 27.16 12.46
N GLY B 135 8.69 26.57 13.64
CA GLY B 135 9.81 26.14 14.46
C GLY B 135 10.72 25.15 13.78
N GLY B 136 10.15 24.18 13.03
CA GLY B 136 10.97 23.25 12.30
C GLY B 136 11.85 23.92 11.25
N THR B 137 11.29 24.88 10.52
CA THR B 137 12.08 25.61 9.54
C THR B 137 13.12 26.52 10.21
N TYR B 138 12.76 27.12 11.34
CA TYR B 138 13.72 27.92 12.10
C TYR B 138 14.91 27.08 12.55
N ASP B 139 14.65 25.89 13.08
CA ASP B 139 15.74 24.99 13.47
C ASP B 139 16.62 24.61 12.28
N LEU B 140 16.00 24.35 11.13
CA LEU B 140 16.78 24.01 9.94
C LEU B 140 17.75 25.15 9.59
N PHE B 141 17.25 26.39 9.52
CA PHE B 141 18.10 27.51 9.17
C PHE B 141 19.13 27.80 10.27
N SER B 142 18.69 27.81 11.52
CA SER B 142 19.56 28.27 12.61
C SER B 142 20.50 27.20 13.14
N VAL B 143 20.27 25.92 12.81
CA VAL B 143 21.14 24.87 13.31
C VAL B 143 21.80 24.15 12.14
N THR B 144 21.02 23.32 11.43
CA THR B 144 21.59 22.44 10.42
C THR B 144 22.29 23.21 9.31
N LEU B 145 21.63 24.22 8.75
CA LEU B 145 22.24 24.94 7.63
C LEU B 145 23.34 25.89 8.12
N LYS B 146 23.24 26.37 9.35
CA LYS B 146 24.28 27.22 9.90
C LYS B 146 25.58 26.45 10.09
N LYS B 147 25.48 25.20 10.59
CA LYS B 147 26.64 24.33 10.68
C LYS B 147 27.33 24.16 9.34
N LEU B 148 26.62 24.38 8.24
CA LEU B 148 27.14 24.14 6.90
C LEU B 148 27.53 25.43 6.20
N GLY B 149 27.72 26.51 6.94
CA GLY B 149 28.22 27.74 6.35
C GLY B 149 27.19 28.61 5.68
N ILE B 150 25.91 28.28 5.78
CA ILE B 150 24.83 29.14 5.29
C ILE B 150 24.33 29.95 6.48
N THR B 151 24.41 31.27 6.37
CA THR B 151 23.96 32.16 7.43
C THR B 151 22.58 32.72 7.07
N THR B 152 21.65 32.65 8.00
CA THR B 152 20.33 33.20 7.80
C THR B 152 20.13 34.40 8.72
N HIS B 153 19.63 35.50 8.16
CA HIS B 153 19.22 36.66 8.95
C HIS B 153 17.70 36.64 9.11
N PHE B 154 17.23 36.74 10.35
CA PHE B 154 15.80 36.75 10.66
C PHE B 154 15.34 38.18 10.92
N VAL B 155 14.37 38.64 10.13
CA VAL B 155 13.88 40.02 10.19
C VAL B 155 12.37 40.01 10.43
N ASP B 156 11.87 41.11 11.01
CA ASP B 156 10.44 41.35 11.21
C ASP B 156 9.79 41.51 9.85
N PRO B 157 8.91 40.58 9.45
CA PRO B 157 8.37 40.61 8.09
C PRO B 157 7.26 41.63 7.89
N ASP B 158 6.77 42.25 8.98
CA ASP B 158 5.67 43.23 8.87
C ASP B 158 6.05 44.40 7.97
N GLU B 159 7.33 44.69 7.84
CA GLU B 159 7.78 45.80 7.00
C GLU B 159 8.73 45.23 5.96
N PRO B 160 8.34 45.20 4.69
CA PRO B 160 9.22 44.61 3.68
C PRO B 160 10.60 45.25 3.63
N ALA B 161 10.73 46.50 4.09
CA ALA B 161 12.03 47.17 4.06
C ALA B 161 13.05 46.45 4.92
N ASN B 162 12.60 45.74 5.95
CA ASN B 162 13.52 44.99 6.80
C ASN B 162 14.25 43.91 6.00
N PHE B 163 13.62 43.35 4.98
CA PHE B 163 14.31 42.37 4.14
C PHE B 163 15.47 43.04 3.41
N GLU B 164 15.24 44.21 2.81
CA GLU B 164 16.29 44.89 2.04
C GLU B 164 17.46 45.29 2.94
N THR B 165 17.17 45.69 4.18
CA THR B 165 18.21 46.08 5.11
C THR B 165 19.22 44.97 5.32
N ALA B 166 18.78 43.72 5.31
CA ALA B 166 19.67 42.59 5.58
C ALA B 166 20.32 42.02 4.33
N ILE B 167 19.96 42.50 3.14
CA ILE B 167 20.57 41.98 1.92
C ILE B 167 21.99 42.51 1.78
N ASN B 168 22.92 41.63 1.41
CA ASN B 168 24.28 42.01 1.07
C ASN B 168 24.70 41.22 -0.16
N ASP B 169 26.01 41.19 -0.43
CA ASP B 169 26.54 40.55 -1.63
C ASP B 169 26.48 39.02 -1.55
N HIS B 170 26.33 38.45 -0.36
CA HIS B 170 26.26 37.00 -0.23
C HIS B 170 24.83 36.46 -0.21
N THR B 171 23.84 37.33 -0.21
CA THR B 171 22.46 36.90 -0.10
C THR B 171 22.03 36.20 -1.39
N LYS B 172 21.37 35.04 -1.23
CA LYS B 172 20.94 34.23 -2.36
C LYS B 172 19.43 34.04 -2.46
N ALA B 173 18.67 34.36 -1.41
CA ALA B 173 17.21 34.31 -1.48
C ALA B 173 16.60 35.04 -0.29
N LEU B 174 15.36 35.47 -0.47
CA LEU B 174 14.46 35.86 0.62
C LEU B 174 13.42 34.76 0.83
N TYR B 175 13.05 34.51 2.09
CA TYR B 175 12.21 33.36 2.43
C TYR B 175 11.14 33.77 3.43
N VAL B 176 9.88 33.50 3.08
CA VAL B 176 8.74 33.76 3.96
C VAL B 176 7.75 32.61 3.84
N GLU B 177 6.80 32.58 4.77
CA GLU B 177 5.64 31.70 4.73
C GLU B 177 4.39 32.49 4.40
N SER B 178 3.48 31.87 3.64
CA SER B 178 2.26 32.55 3.23
C SER B 178 1.45 32.99 4.43
N ILE B 179 1.33 32.13 5.43
CA ILE B 179 0.58 32.39 6.65
C ILE B 179 1.43 31.86 7.80
N GLY B 180 1.78 32.73 8.75
CA GLY B 180 2.75 32.37 9.78
C GLY B 180 2.17 31.45 10.85
N ASN B 181 3.07 30.70 11.49
CA ASN B 181 2.72 29.76 12.56
C ASN B 181 3.69 30.00 13.71
N PRO B 182 3.21 30.34 14.93
CA PRO B 182 1.81 30.48 15.35
C PRO B 182 1.29 31.92 15.31
N GLY B 183 1.95 32.84 14.60
CA GLY B 183 1.46 34.21 14.57
C GLY B 183 0.26 34.45 13.68
N ILE B 184 -0.03 33.52 12.76
CA ILE B 184 -1.08 33.66 11.75
C ILE B 184 -0.91 34.98 11.01
N ASN B 185 0.33 35.37 10.77
CA ASN B 185 0.65 36.68 10.20
C ASN B 185 0.82 36.58 8.69
N LEU B 186 0.38 37.61 7.98
CA LEU B 186 0.51 37.71 6.53
C LEU B 186 1.67 38.64 6.18
N VAL B 187 2.16 38.50 4.95
CA VAL B 187 3.25 39.31 4.44
C VAL B 187 2.88 39.83 3.05
N ASP B 188 3.47 40.96 2.66
CA ASP B 188 3.17 41.60 1.39
C ASP B 188 4.03 40.96 0.30
N PHE B 189 3.47 39.97 -0.40
CA PHE B 189 4.24 39.19 -1.37
C PHE B 189 4.91 40.09 -2.40
N GLU B 190 4.11 40.94 -3.05
CA GLU B 190 4.63 41.70 -4.18
C GLU B 190 5.73 42.67 -3.76
N ALA B 191 5.63 43.24 -2.56
CA ALA B 191 6.64 44.19 -2.10
C ALA B 191 7.95 43.49 -1.77
N ILE B 192 7.87 42.30 -1.16
CA ILE B 192 9.08 41.54 -0.85
C ILE B 192 9.70 41.01 -2.14
N GLY B 193 8.87 40.57 -3.07
CA GLY B 193 9.39 40.08 -4.34
C GLY B 193 10.11 41.15 -5.13
N LYS B 194 9.59 42.37 -5.13
CA LYS B 194 10.27 43.44 -5.85
C LYS B 194 11.63 43.75 -5.24
N ILE B 195 11.73 43.68 -3.92
CA ILE B 195 13.02 43.87 -3.25
C ILE B 195 14.01 42.81 -3.71
N ALA B 196 13.60 41.54 -3.65
CA ALA B 196 14.47 40.45 -4.10
C ALA B 196 14.94 40.67 -5.53
N HIS B 197 14.01 41.01 -6.42
CA HIS B 197 14.36 41.08 -7.83
C HIS B 197 15.14 42.35 -8.16
N ASP B 198 14.92 43.42 -7.40
CA ASP B 198 15.78 44.59 -7.53
C ASP B 198 17.23 44.25 -7.20
N HIS B 199 17.45 43.23 -6.36
CA HIS B 199 18.80 42.79 -6.01
C HIS B 199 19.22 41.53 -6.76
N GLY B 200 18.47 41.12 -7.78
CA GLY B 200 18.87 39.99 -8.58
C GLY B 200 18.82 38.64 -7.89
N ILE B 201 17.98 38.48 -6.85
CA ILE B 201 17.89 37.23 -6.12
C ILE B 201 16.44 36.77 -6.08
N ILE B 202 16.25 35.46 -5.86
CA ILE B 202 14.93 34.86 -5.96
C ILE B 202 14.19 34.97 -4.63
N PHE B 203 12.88 34.83 -4.70
CA PHE B 203 11.95 34.93 -3.58
C PHE B 203 11.27 33.57 -3.42
N ILE B 204 11.46 32.95 -2.25
CA ILE B 204 10.94 31.62 -1.94
C ILE B 204 9.83 31.76 -0.91
N VAL B 205 8.69 31.13 -1.18
CA VAL B 205 7.52 31.19 -0.30
C VAL B 205 7.08 29.79 0.07
N ASP B 206 6.99 29.52 1.38
CA ASP B 206 6.36 28.30 1.89
C ASP B 206 4.85 28.55 1.91
N ASN B 207 4.12 27.95 0.95
CA ASN B 207 2.68 28.12 0.86
C ASN B 207 1.89 26.97 1.51
N THR B 208 2.49 26.26 2.47
CA THR B 208 1.81 25.14 3.12
C THR B 208 0.44 25.54 3.68
N PHE B 209 0.40 26.65 4.43
CA PHE B 209 -0.83 27.00 5.12
C PHE B 209 -1.89 27.57 4.18
N GLY B 210 -1.49 28.10 3.03
CA GLY B 210 -2.44 28.64 2.07
C GLY B 210 -3.04 27.62 1.12
N THR B 211 -2.20 26.69 0.61
CA THR B 211 -2.47 25.87 -0.58
C THR B 211 -2.62 26.78 -1.80
N PRO B 212 -2.43 26.27 -3.02
CA PRO B 212 -2.65 27.11 -4.21
C PRO B 212 -4.10 27.49 -4.43
N TYR B 213 -5.04 26.93 -3.68
CA TYR B 213 -6.42 27.35 -3.85
C TYR B 213 -6.69 28.70 -3.18
N LEU B 214 -5.97 29.02 -2.10
CA LEU B 214 -6.18 30.30 -1.41
C LEU B 214 -5.23 31.39 -1.87
N VAL B 215 -3.98 31.05 -2.22
CA VAL B 215 -3.07 32.06 -2.76
C VAL B 215 -2.05 31.36 -3.64
N ARG B 216 -1.66 32.02 -4.73
CA ARG B 216 -0.62 31.51 -5.63
C ARG B 216 0.54 32.47 -5.61
N PRO B 217 1.51 32.28 -4.71
CA PRO B 217 2.58 33.27 -4.55
C PRO B 217 3.38 33.51 -5.83
N LEU B 218 3.49 32.51 -6.70
CA LEU B 218 4.18 32.68 -7.98
C LEU B 218 3.54 33.77 -8.84
N GLU B 219 2.29 34.14 -8.56
CA GLU B 219 1.66 35.24 -9.27
C GLU B 219 1.80 36.56 -8.53
N HIS B 220 2.45 36.58 -7.39
CA HIS B 220 2.59 37.82 -6.64
C HIS B 220 4.03 38.08 -6.24
N GLY B 221 4.98 37.69 -7.10
CA GLY B 221 6.38 38.02 -6.93
C GLY B 221 7.28 36.86 -6.55
N ALA B 222 6.72 35.73 -6.15
CA ALA B 222 7.56 34.60 -5.79
C ALA B 222 8.13 33.92 -7.04
N ASP B 223 9.32 33.34 -6.89
CA ASP B 223 9.95 32.54 -7.92
C ASP B 223 9.87 31.04 -7.65
N VAL B 224 9.77 30.67 -6.38
CA VAL B 224 9.73 29.28 -5.95
C VAL B 224 8.71 29.18 -4.83
N VAL B 225 7.89 28.14 -4.87
CA VAL B 225 6.93 27.85 -3.80
C VAL B 225 7.24 26.45 -3.30
N VAL B 226 7.28 26.29 -1.97
CA VAL B 226 7.47 24.98 -1.37
C VAL B 226 6.23 24.64 -0.56
N HIS B 227 5.92 23.35 -0.49
CA HIS B 227 4.80 22.85 0.29
C HIS B 227 5.25 21.70 1.16
N SER B 228 4.74 21.66 2.39
CA SER B 228 4.61 20.40 3.10
C SER B 228 3.29 19.80 2.64
N ALA B 229 3.34 18.90 1.66
CA ALA B 229 2.12 18.24 1.17
C ALA B 229 1.47 17.38 2.24
N THR B 230 2.22 17.10 3.30
CA THR B 230 1.75 16.37 4.46
C THR B 230 0.47 16.96 5.03
N PHE B 232 -2.42 20.05 3.92
CA PHE B 232 -3.70 20.12 3.21
C PHE B 232 -3.76 19.25 1.96
N ILE B 233 -2.63 19.14 1.25
CA ILE B 233 -2.62 18.39 -0.02
C ILE B 233 -2.98 16.92 0.23
N GLY B 234 -2.34 16.30 1.23
CA GLY B 234 -2.73 14.94 1.61
C GLY B 234 -4.11 14.90 2.22
N GLY B 235 -4.37 15.78 3.21
CA GLY B 235 -5.72 16.12 3.64
C GLY B 235 -6.27 15.29 4.79
N HIS B 236 -5.60 14.19 5.16
CA HIS B 236 -6.15 13.22 6.10
C HIS B 236 -5.15 12.79 7.17
N GLY B 237 -4.00 13.46 7.27
CA GLY B 237 -3.00 13.09 8.26
C GLY B 237 -2.44 11.70 8.10
N THR B 238 -2.36 11.18 6.87
CA THR B 238 -1.77 9.87 6.68
C THR B 238 -0.36 9.88 6.08
N THR B 239 0.00 10.90 5.31
CA THR B 239 1.04 10.76 4.29
C THR B 239 1.94 11.98 4.26
N MET B 240 3.24 11.76 4.42
CA MET B 240 4.19 12.86 4.33
C MET B 240 4.64 13.06 2.89
N GLY B 241 4.91 14.31 2.55
CA GLY B 241 5.55 14.66 1.29
C GLY B 241 5.86 16.15 1.28
N GLY B 242 6.80 16.52 0.42
CA GLY B 242 7.09 17.92 0.15
C GLY B 242 7.18 18.16 -1.34
N VAL B 243 6.88 19.38 -1.75
CA VAL B 243 6.89 19.73 -3.16
C VAL B 243 7.56 21.09 -3.32
N ILE B 244 8.40 21.20 -4.35
CA ILE B 244 8.94 22.47 -4.81
C ILE B 244 8.34 22.78 -6.17
N VAL B 245 7.82 23.99 -6.35
CA VAL B 245 7.34 24.46 -7.65
C VAL B 245 8.12 25.72 -8.02
N GLU B 246 8.55 25.81 -9.29
CA GLU B 246 9.18 27.03 -9.79
C GLU B 246 8.23 27.76 -10.74
N GLY B 247 8.42 29.08 -10.84
CA GLY B 247 7.53 29.91 -11.62
C GLY B 247 8.05 30.19 -13.01
N GLY B 248 9.36 30.08 -13.21
CA GLY B 248 9.92 30.16 -14.55
C GLY B 248 10.03 31.55 -15.14
N GLN B 249 9.98 32.58 -14.30
CA GLN B 249 10.08 33.97 -14.76
C GLN B 249 11.29 34.68 -14.17
N PHE B 250 12.27 33.94 -13.65
CA PHE B 250 13.49 34.51 -13.09
C PHE B 250 14.64 34.31 -14.06
N ASP B 251 15.28 35.41 -14.44
CA ASP B 251 16.36 35.43 -15.44
C ASP B 251 17.68 35.21 -14.72
N TRP B 252 18.17 33.97 -14.70
CA TRP B 252 19.41 33.67 -13.99
C TRP B 252 20.59 34.43 -14.60
N ARG B 253 20.68 34.46 -15.93
CA ARG B 253 21.81 35.11 -16.58
C ARG B 253 21.84 36.61 -16.29
N ALA B 254 20.68 37.26 -16.35
CA ALA B 254 20.64 38.69 -16.06
C ALA B 254 21.02 38.98 -14.62
N SER B 255 20.71 38.05 -13.70
CA SER B 255 21.03 38.28 -12.30
C SER B 255 22.53 38.23 -12.07
N GLY B 256 23.20 37.22 -12.64
CA GLY B 256 24.61 37.02 -12.44
C GLY B 256 25.02 36.46 -11.09
N LYS B 257 24.08 36.31 -10.15
CA LYS B 257 24.41 35.83 -8.82
C LYS B 257 24.32 34.31 -8.68
N TYR B 258 24.04 33.59 -9.76
CA TYR B 258 23.90 32.13 -9.72
C TYR B 258 24.73 31.49 -10.82
N PRO B 259 26.06 31.56 -10.71
CA PRO B 259 26.91 30.99 -11.77
C PRO B 259 26.73 29.49 -11.96
N ASP B 260 26.28 28.74 -10.95
CA ASP B 260 26.00 27.33 -11.15
C ASP B 260 24.81 27.09 -12.08
N PHE B 261 23.93 28.07 -12.26
CA PHE B 261 22.82 27.93 -13.21
C PHE B 261 23.19 28.33 -14.63
N THR B 262 24.28 29.08 -14.81
CA THR B 262 24.63 29.65 -16.10
C THR B 262 25.89 29.05 -16.72
N THR B 263 26.60 28.19 -16.00
CA THR B 263 27.88 27.66 -16.43
C THR B 263 27.74 26.20 -16.85
N PRO B 264 28.21 25.83 -18.05
CA PRO B 264 28.12 24.42 -18.46
C PRO B 264 28.82 23.53 -17.45
N ASP B 265 28.16 22.42 -17.10
CA ASP B 265 28.69 21.54 -16.07
C ASP B 265 29.17 20.25 -16.69
N PRO B 266 30.45 19.87 -16.51
CA PRO B 266 30.92 18.59 -17.05
C PRO B 266 30.31 17.38 -16.35
N GLN B 267 29.82 17.54 -15.13
CA GLN B 267 29.08 16.46 -14.46
C GLN B 267 27.84 16.06 -15.25
N TYR B 268 27.20 17.00 -15.95
CA TYR B 268 26.00 16.74 -16.75
C TYR B 268 26.28 16.99 -18.22
N ASN B 269 27.54 16.89 -18.61
CA ASN B 269 27.98 16.83 -20.01
C ASN B 269 27.71 18.15 -20.74
N GLY B 270 28.05 19.26 -20.09
CA GLY B 270 27.88 20.57 -20.68
C GLY B 270 26.53 21.20 -20.50
N LEU B 271 25.62 20.55 -19.76
CA LEU B 271 24.29 21.11 -19.54
C LEU B 271 24.39 22.45 -18.81
N VAL B 272 23.55 23.40 -19.24
CA VAL B 272 23.35 24.65 -18.55
C VAL B 272 21.92 24.65 -18.01
N PHE B 273 21.78 24.64 -16.69
CA PHE B 273 20.44 24.51 -16.10
C PHE B 273 19.54 25.65 -16.57
N ALA B 274 20.07 26.86 -16.68
CA ALA B 274 19.27 27.99 -17.15
C ALA B 274 18.71 27.77 -18.55
N ASP B 275 19.32 26.91 -19.36
CA ASP B 275 18.76 26.69 -20.69
C ASP B 275 17.48 25.87 -20.65
N LEU B 276 17.18 25.23 -19.52
CA LEU B 276 15.94 24.50 -19.33
C LEU B 276 14.74 25.40 -19.01
N GLY B 277 14.96 26.72 -18.93
CA GLY B 277 13.84 27.64 -18.84
C GLY B 277 13.01 27.40 -17.58
N GLY B 278 11.71 27.14 -17.78
CA GLY B 278 10.79 26.91 -16.68
C GLY B 278 11.02 25.65 -15.86
N ALA B 279 12.03 24.84 -16.18
CA ALA B 279 12.36 23.66 -15.38
C ALA B 279 13.77 23.74 -14.79
N ALA B 280 14.39 24.92 -14.79
CA ALA B 280 15.80 25.02 -14.40
C ALA B 280 15.98 24.71 -12.92
N PHE B 281 15.18 25.33 -12.06
CA PHE B 281 15.36 25.18 -10.62
C PHE B 281 15.10 23.74 -10.17
N THR B 282 13.96 23.16 -10.57
CA THR B 282 13.61 21.83 -10.10
C THR B 282 14.46 20.73 -10.75
N THR B 283 14.89 20.93 -11.99
CA THR B 283 15.80 19.95 -12.59
C THR B 283 17.13 19.95 -11.87
N LYS B 284 17.60 21.12 -11.45
CA LYS B 284 18.84 21.16 -10.68
C LYS B 284 18.69 20.43 -9.36
N VAL B 285 17.55 20.63 -8.66
CA VAL B 285 17.29 19.88 -7.44
C VAL B 285 17.33 18.39 -7.72
N ARG B 286 16.63 17.95 -8.77
CA ARG B 286 16.61 16.54 -9.12
CA ARG B 286 16.61 16.54 -9.11
C ARG B 286 18.00 16.04 -9.46
N ALA B 287 18.75 16.81 -10.25
CA ALA B 287 20.06 16.39 -10.71
C ALA B 287 21.14 16.47 -9.64
N GLU B 288 20.93 17.23 -8.57
CA GLU B 288 22.01 17.53 -7.65
C GLU B 288 21.67 17.15 -6.21
N THR B 289 20.98 18.05 -5.49
CA THR B 289 20.71 17.82 -4.07
C THR B 289 19.91 16.54 -3.85
N LEU B 290 18.85 16.34 -4.64
CA LEU B 290 18.03 15.14 -4.45
C LEU B 290 18.78 13.89 -4.84
N ARG B 291 19.48 13.92 -5.98
CA ARG B 291 20.32 12.79 -6.37
C ARG B 291 21.34 12.45 -5.28
N ASP B 292 21.98 13.48 -4.69
CA ASP B 292 23.07 13.22 -3.74
C ASP B 292 22.56 12.83 -2.35
N THR B 293 21.53 13.51 -1.85
CA THR B 293 21.11 13.33 -0.45
C THR B 293 19.83 12.49 -0.31
N GLY B 294 19.10 12.23 -1.38
CA GLY B 294 18.17 11.12 -1.43
C GLY B 294 16.93 11.20 -0.56
N ALA B 295 16.38 12.41 -0.33
CA ALA B 295 15.08 12.53 0.35
C ALA B 295 13.91 12.28 -0.62
N THR B 296 13.88 11.07 -1.17
CA THR B 296 12.88 10.70 -2.16
C THR B 296 11.60 10.28 -1.45
N ILE B 297 10.47 10.54 -2.12
CA ILE B 297 9.15 10.14 -1.61
C ILE B 297 8.82 8.75 -2.12
N SER B 298 8.08 7.98 -1.31
CA SER B 298 7.60 6.67 -1.73
C SER B 298 6.51 6.82 -2.79
N PRO B 299 6.53 6.02 -3.85
CA PRO B 299 5.42 6.07 -4.81
C PRO B 299 4.07 5.80 -4.18
N PHE B 300 4.05 5.05 -3.07
CA PHE B 300 2.82 4.86 -2.29
CA PHE B 300 2.81 4.87 -2.33
C PHE B 300 2.33 6.20 -1.75
N ASN B 301 3.25 6.98 -1.20
CA ASN B 301 2.88 8.30 -0.68
C ASN B 301 2.40 9.20 -1.80
N SER B 302 3.08 9.19 -2.94
CA SER B 302 2.62 10.00 -4.07
C SER B 302 1.20 9.62 -4.49
N PHE B 303 0.89 8.32 -4.50
CA PHE B 303 -0.44 7.88 -4.86
C PHE B 303 -1.47 8.47 -3.91
N LEU B 304 -1.16 8.44 -2.60
CA LEU B 304 -2.09 9.02 -1.63
C LEU B 304 -2.16 10.53 -1.75
N LEU B 305 -1.07 11.20 -2.15
CA LEU B 305 -1.16 12.65 -2.36
C LEU B 305 -2.02 12.97 -3.58
N LEU B 306 -1.97 12.14 -4.62
CA LEU B 306 -2.83 12.37 -5.77
C LEU B 306 -4.30 12.27 -5.39
N GLN B 307 -4.65 11.26 -4.59
CA GLN B 307 -6.02 11.13 -4.09
C GLN B 307 -6.47 12.40 -3.38
N GLY B 308 -5.63 12.92 -2.47
CA GLY B 308 -6.00 14.15 -1.78
C GLY B 308 -6.09 15.36 -2.70
N LEU B 309 -5.21 15.43 -3.72
CA LEU B 309 -5.29 16.52 -4.69
C LEU B 309 -6.63 16.52 -5.41
N GLU B 310 -7.17 15.34 -5.72
CA GLU B 310 -8.42 15.27 -6.47
C GLU B 310 -9.61 15.83 -5.70
N SER B 311 -9.49 16.05 -4.39
CA SER B 311 -10.53 16.69 -3.59
C SER B 311 -10.06 17.97 -2.92
N LEU B 312 -8.92 18.53 -3.34
CA LEU B 312 -8.24 19.56 -2.55
C LEU B 312 -9.12 20.79 -2.34
N SER B 313 -9.56 21.43 -3.43
CA SER B 313 -10.38 22.63 -3.27
C SER B 313 -11.68 22.35 -2.52
N LEU B 314 -12.27 21.16 -2.71
CA LEU B 314 -13.51 20.85 -2.00
C LEU B 314 -13.28 20.84 -0.49
N ARG B 315 -12.18 20.23 -0.07
CA ARG B 315 -11.83 20.19 1.34
C ARG B 315 -11.46 21.59 1.85
N VAL B 316 -10.60 22.31 1.12
CA VAL B 316 -10.15 23.62 1.60
C VAL B 316 -11.35 24.56 1.75
N GLU B 317 -12.27 24.55 0.78
CA GLU B 317 -13.47 25.39 0.91
C GLU B 317 -14.20 25.11 2.21
N ARG B 318 -14.32 23.83 2.58
CA ARG B 318 -15.05 23.48 3.79
C ARG B 318 -14.23 23.80 5.04
N HIS B 319 -12.92 23.57 4.99
CA HIS B 319 -12.05 24.04 6.05
C HIS B 319 -12.31 25.52 6.33
N VAL B 320 -12.38 26.32 5.27
CA VAL B 320 -12.48 27.77 5.43
C VAL B 320 -13.86 28.18 5.93
N THR B 321 -14.93 27.61 5.35
CA THR B 321 -16.26 27.99 5.84
C THR B 321 -16.45 27.53 7.27
N ASN B 322 -15.96 26.33 7.63
CA ASN B 322 -15.98 25.92 9.03
C ASN B 322 -15.26 26.91 9.92
N THR B 323 -14.09 27.39 9.48
CA THR B 323 -13.29 28.28 10.33
C THR B 323 -13.98 29.62 10.51
N ARG B 324 -14.57 30.17 9.44
CA ARG B 324 -15.32 31.42 9.57
C ARG B 324 -16.41 31.30 10.61
N LYS B 325 -17.14 30.17 10.60
CA LYS B 325 -18.22 29.99 11.56
C LYS B 325 -17.69 29.91 12.99
N ILE B 326 -16.63 29.12 13.17
CA ILE B 326 -16.02 28.95 14.48
C ILE B 326 -15.44 30.27 14.97
N VAL B 327 -14.74 30.99 14.10
CA VAL B 327 -14.16 32.27 14.49
C VAL B 327 -15.26 33.27 14.88
N ALA B 328 -16.34 33.33 14.08
CA ALA B 328 -17.47 34.19 14.43
C ALA B 328 -18.05 33.82 15.79
N PHE B 329 -18.15 32.52 16.08
CA PHE B 329 -18.70 32.11 17.37
C PHE B 329 -17.76 32.47 18.51
N LEU B 330 -16.45 32.26 18.31
CA LEU B 330 -15.47 32.58 19.35
C LEU B 330 -15.33 34.08 19.56
N LYS B 331 -15.36 34.87 18.48
CA LYS B 331 -15.25 36.32 18.63
C LYS B 331 -16.33 36.88 19.55
N ALA B 332 -17.52 36.29 19.55
CA ALA B 332 -18.63 36.77 20.34
C ALA B 332 -18.71 36.11 21.72
N HIS B 333 -17.81 35.17 22.03
CA HIS B 333 -17.98 34.46 23.29
C HIS B 333 -17.34 35.24 24.42
N PRO B 334 -18.02 35.34 25.57
CA PRO B 334 -17.52 36.20 26.65
C PRO B 334 -16.17 35.76 27.20
N LYS B 335 -15.81 34.48 27.09
CA LYS B 335 -14.57 34.01 27.67
C LYS B 335 -13.39 34.05 26.70
N VAL B 336 -13.57 34.57 25.49
CA VAL B 336 -12.47 34.71 24.55
C VAL B 336 -11.92 36.13 24.63
N ALA B 337 -10.64 36.24 24.96
CA ALA B 337 -10.00 37.53 25.13
C ALA B 337 -9.46 38.09 23.82
N TRP B 338 -8.94 37.23 22.95
CA TRP B 338 -8.40 37.68 21.67
C TRP B 338 -8.35 36.51 20.71
N ILE B 339 -8.34 36.84 19.42
CA ILE B 339 -8.27 35.87 18.32
C ILE B 339 -7.38 36.45 17.24
N ASN B 340 -6.45 35.63 16.74
CA ASN B 340 -5.61 36.00 15.60
C ASN B 340 -6.16 35.28 14.38
N TYR B 341 -6.90 36.00 13.56
CA TYR B 341 -7.36 35.49 12.28
C TYR B 341 -7.36 36.68 11.34
N PRO B 342 -6.56 36.64 10.27
CA PRO B 342 -6.33 37.86 9.48
C PRO B 342 -7.57 38.39 8.81
N GLU B 343 -8.60 37.58 8.64
CA GLU B 343 -9.81 38.03 7.94
C GLU B 343 -10.69 38.91 8.81
N LEU B 344 -10.50 38.90 10.13
CA LEU B 344 -11.23 39.81 11.01
C LEU B 344 -10.91 41.26 10.64
N GLU B 345 -11.95 42.10 10.63
CA GLU B 345 -11.78 43.47 10.16
C GLU B 345 -10.81 44.26 11.03
N ASP B 346 -10.68 43.91 12.32
CA ASP B 346 -9.75 44.61 13.21
C ASP B 346 -8.37 43.93 13.27
N SER B 347 -8.10 42.97 12.41
CA SER B 347 -6.78 42.37 12.41
C SER B 347 -5.77 43.32 11.77
N PRO B 348 -4.54 43.39 12.30
CA PRO B 348 -3.48 44.14 11.60
C PRO B 348 -3.17 43.63 10.21
N TYR B 349 -3.60 42.42 9.86
CA TYR B 349 -3.32 41.82 8.56
C TYR B 349 -4.52 41.81 7.64
N HIS B 350 -5.59 42.54 8.00
CA HIS B 350 -6.83 42.47 7.23
C HIS B 350 -6.65 43.01 5.81
N ASP B 351 -5.84 44.05 5.65
CA ASP B 351 -5.63 44.60 4.30
C ASP B 351 -4.90 43.60 3.41
N LEU B 352 -3.89 42.92 3.96
CA LEU B 352 -3.20 41.88 3.20
C LEU B 352 -4.14 40.72 2.88
N ALA B 353 -5.07 40.42 3.80
CA ALA B 353 -6.05 39.36 3.55
C ALA B 353 -6.95 39.73 2.37
N THR B 354 -7.43 40.97 2.33
CA THR B 354 -8.30 41.35 1.22
C THR B 354 -7.51 41.44 -0.08
N LYS B 355 -6.24 41.82 0.00
CA LYS B 355 -5.45 41.94 -1.22
C LYS B 355 -5.13 40.57 -1.81
N TYR B 356 -4.65 39.64 -0.98
CA TYR B 356 -4.07 38.41 -1.50
C TYR B 356 -4.91 37.16 -1.27
N PHE B 357 -5.92 37.20 -0.41
CA PHE B 357 -6.63 36.01 0.02
C PHE B 357 -8.13 36.17 -0.23
N PRO B 358 -8.54 36.29 -1.49
CA PRO B 358 -9.98 36.49 -1.77
C PRO B 358 -10.86 35.30 -1.43
N ASN B 359 -10.32 34.09 -1.32
CA ASN B 359 -11.10 32.93 -0.98
C ASN B 359 -11.03 32.56 0.50
N GLY B 360 -10.49 33.42 1.34
CA GLY B 360 -10.32 33.13 2.75
C GLY B 360 -8.85 32.89 3.10
N VAL B 361 -8.60 32.86 4.41
CA VAL B 361 -7.23 32.81 4.89
C VAL B 361 -6.96 31.51 5.65
N GLY B 362 -7.64 30.44 5.27
CA GLY B 362 -7.27 29.13 5.82
C GLY B 362 -8.02 28.77 7.08
N SER B 363 -7.54 27.69 7.71
CA SER B 363 -8.27 27.06 8.82
C SER B 363 -7.40 26.85 10.04
N ILE B 364 -6.31 27.62 10.19
CA ILE B 364 -5.45 27.56 11.36
C ILE B 364 -5.40 28.96 11.97
N PHE B 365 -5.75 29.08 13.25
CA PHE B 365 -5.73 30.37 13.93
C PHE B 365 -5.39 30.14 15.39
N THR B 366 -5.21 31.25 16.10
CA THR B 366 -4.94 31.20 17.55
C THR B 366 -5.92 32.09 18.30
N LEU B 367 -5.99 31.86 19.61
CA LEU B 367 -6.86 32.63 20.48
C LEU B 367 -6.34 32.51 21.90
N GLY B 368 -6.83 33.40 22.76
CA GLY B 368 -6.56 33.33 24.18
C GLY B 368 -7.82 33.64 24.95
N LEU B 369 -7.95 32.98 26.10
CA LEU B 369 -9.14 33.08 26.93
C LEU B 369 -8.97 34.11 28.04
N THR B 370 -10.10 34.54 28.60
CA THR B 370 -10.06 35.52 29.69
C THR B 370 -9.41 34.95 30.95
N GLY B 371 -9.51 33.63 31.16
CA GLY B 371 -8.81 32.96 32.23
C GLY B 371 -7.35 32.64 31.96
N GLY B 372 -6.82 33.13 30.84
CA GLY B 372 -5.40 33.01 30.55
C GLY B 372 -4.90 31.59 30.47
N GLU B 373 -3.69 31.38 31.02
CA GLU B 373 -3.00 30.09 30.91
C GLU B 373 -3.85 28.95 31.48
N ALA B 374 -4.37 29.13 32.69
CA ALA B 374 -5.14 28.05 33.31
C ALA B 374 -6.42 27.74 32.54
N ALA B 375 -7.09 28.76 32.00
CA ALA B 375 -8.31 28.46 31.25
C ALA B 375 -7.97 27.72 29.94
N GLY B 376 -6.90 28.12 29.27
CA GLY B 376 -6.49 27.40 28.06
C GLY B 376 -6.08 25.98 28.36
N LYS B 377 -5.39 25.78 29.49
CA LYS B 377 -5.04 24.43 29.91
C LYS B 377 -6.30 23.61 30.21
N ALA B 378 -7.32 24.23 30.81
CA ALA B 378 -8.54 23.51 31.18
C ALA B 378 -9.44 23.22 29.97
N LEU B 379 -9.50 24.15 29.02
CA LEU B 379 -10.33 23.98 27.83
C LEU B 379 -10.02 22.65 27.14
N ILE B 380 -8.72 22.35 26.99
CA ILE B 380 -8.26 21.18 26.24
C ILE B 380 -8.82 19.91 26.85
N GLU B 381 -8.80 19.79 28.17
CA GLU B 381 -9.26 18.56 28.80
C GLU B 381 -10.75 18.34 28.65
N HIS B 382 -11.55 19.38 28.37
CA HIS B 382 -13.00 19.22 28.31
C HIS B 382 -13.55 19.01 26.92
N LEU B 383 -12.75 19.22 25.88
CA LEU B 383 -13.21 18.99 24.52
C LEU B 383 -13.27 17.50 24.21
N GLN B 384 -14.32 17.08 23.51
CA GLN B 384 -14.49 15.68 23.15
C GLN B 384 -14.35 15.39 21.65
N LEU B 385 -14.49 16.39 20.79
CA LEU B 385 -14.36 16.19 19.35
C LEU B 385 -12.99 16.61 18.84
N PHE B 386 -12.51 17.79 19.22
CA PHE B 386 -11.17 18.21 18.84
C PHE B 386 -10.15 17.23 19.40
N SER B 387 -9.08 16.99 18.64
CA SER B 387 -8.03 16.06 19.04
C SER B 387 -6.86 16.88 19.55
N LEU B 388 -6.25 16.45 20.66
CA LEU B 388 -5.10 17.16 21.22
C LEU B 388 -3.81 16.60 20.60
N LEU B 389 -3.19 17.37 19.71
CA LEU B 389 -1.88 17.02 19.16
C LEU B 389 -1.29 18.25 18.47
N ALA B 390 -0.04 18.12 18.03
CA ALA B 390 0.75 19.27 17.59
C ALA B 390 0.68 19.52 16.09
N ASN B 391 -0.07 18.73 15.35
CA ASN B 391 -0.18 18.79 13.90
C ASN B 391 -1.25 19.80 13.48
N VAL B 392 -1.30 20.09 12.18
CA VAL B 392 -2.34 20.91 11.58
C VAL B 392 -2.79 20.28 10.27
N ALA B 393 -3.96 20.71 9.80
CA ALA B 393 -4.45 20.49 8.43
C ALA B 393 -4.87 19.04 8.19
N ASP B 394 -5.36 18.37 9.23
CA ASP B 394 -6.05 17.10 9.09
C ASP B 394 -7.51 17.35 8.73
N ALA B 395 -8.19 16.30 8.26
CA ALA B 395 -9.64 16.35 8.15
C ALA B 395 -10.30 16.43 9.51
N LYS B 396 -9.63 15.95 10.55
CA LYS B 396 -10.12 16.05 11.92
C LYS B 396 -9.63 17.35 12.53
N SER B 397 -10.48 17.96 13.36
CA SER B 397 -10.15 19.23 13.98
C SER B 397 -9.18 18.98 15.13
N LEU B 398 -8.19 19.86 15.25
CA LEU B 398 -7.10 19.66 16.20
C LEU B 398 -6.93 20.92 17.06
N ILE B 399 -6.40 20.74 18.27
CA ILE B 399 -6.18 21.87 19.16
C ILE B 399 -4.91 21.59 19.95
N ILE B 400 -4.26 22.66 20.40
CA ILE B 400 -3.11 22.52 21.27
C ILE B 400 -2.98 23.79 22.11
N HIS B 401 -2.59 23.62 23.37
CA HIS B 401 -2.22 24.73 24.24
C HIS B 401 -0.73 24.58 24.52
N PRO B 402 0.14 25.21 23.72
CA PRO B 402 1.58 24.86 23.75
C PRO B 402 2.21 24.95 25.13
N ALA B 403 1.86 25.97 25.90
CA ALA B 403 2.51 26.21 27.19
C ALA B 403 2.29 25.08 28.20
N SER B 404 1.32 24.19 27.97
CA SER B 404 1.13 23.05 28.87
C SER B 404 1.46 21.72 28.21
N THR B 405 1.90 21.71 26.96
CA THR B 405 2.19 20.45 26.29
C THR B 405 3.55 20.52 25.59
N THR B 406 3.58 20.98 24.33
CA THR B 406 4.83 20.94 23.58
C THR B 406 5.88 21.86 24.19
N HIS B 407 5.45 22.99 24.75
CA HIS B 407 6.35 23.95 25.35
C HIS B 407 6.24 23.97 26.88
N ALA B 408 5.78 22.86 27.48
CA ALA B 408 5.51 22.81 28.91
C ALA B 408 6.75 23.08 29.76
N GLN B 409 7.95 22.92 29.21
CA GLN B 409 9.17 23.08 29.98
C GLN B 409 9.70 24.51 29.98
N LEU B 410 9.10 25.40 29.19
CA LEU B 410 9.64 26.74 29.00
C LEU B 410 8.99 27.74 29.96
N ASN B 411 9.79 28.71 30.44
CA ASN B 411 9.22 29.80 31.22
C ASN B 411 8.67 30.87 30.28
N GLU B 412 8.09 31.93 30.85
CA GLU B 412 7.34 32.87 30.04
C GLU B 412 8.24 33.55 29.00
N GLN B 413 9.48 33.85 29.37
CA GLN B 413 10.40 34.48 28.43
C GLN B 413 10.81 33.52 27.32
N GLU B 414 11.13 32.27 27.68
CA GLU B 414 11.42 31.26 26.66
C GLU B 414 10.21 31.03 25.75
N LEU B 415 8.99 31.01 26.32
CA LEU B 415 7.79 30.91 25.50
C LEU B 415 7.72 32.05 24.48
N LEU B 416 7.87 33.28 24.97
CA LEU B 416 7.78 34.45 24.09
C LEU B 416 8.81 34.36 22.97
N ALA B 417 9.99 33.81 23.27
CA ALA B 417 11.03 33.65 22.27
C ALA B 417 10.64 32.64 21.22
N ALA B 418 9.66 31.77 21.52
CA ALA B 418 9.16 30.80 20.57
C ALA B 418 7.86 31.24 19.92
N GLY B 419 7.49 32.51 20.06
CA GLY B 419 6.26 33.01 19.48
C GLY B 419 5.00 32.68 20.23
N VAL B 420 5.10 32.22 21.47
CA VAL B 420 3.97 31.69 22.23
C VAL B 420 3.84 32.47 23.54
N THR B 421 2.60 32.68 23.95
CA THR B 421 2.30 33.23 25.26
C THR B 421 1.69 32.15 26.15
N PRO B 422 1.69 32.34 27.48
CA PRO B 422 1.06 31.35 28.35
C PRO B 422 -0.39 31.04 28.02
N ASP B 423 -1.13 32.02 27.49
CA ASP B 423 -2.54 31.79 27.22
C ASP B 423 -2.82 31.29 25.81
N LEU B 424 -1.81 31.19 24.95
CA LEU B 424 -2.06 30.95 23.54
C LEU B 424 -2.61 29.53 23.31
N ILE B 425 -3.70 29.47 22.55
CA ILE B 425 -4.27 28.23 22.03
C ILE B 425 -4.21 28.29 20.52
N ARG B 426 -3.87 27.17 19.87
CA ARG B 426 -3.93 27.08 18.42
C ARG B 426 -4.94 26.02 18.01
N ILE B 427 -5.85 26.39 17.12
CA ILE B 427 -6.85 25.48 16.60
C ILE B 427 -6.60 25.26 15.11
N SER B 428 -6.68 24.00 14.67
CA SER B 428 -6.71 23.66 13.25
C SER B 428 -8.07 23.04 12.95
N VAL B 429 -8.87 23.73 12.14
CA VAL B 429 -10.27 23.35 11.92
C VAL B 429 -10.35 22.27 10.85
N GLY B 430 -11.05 21.17 11.17
CA GLY B 430 -11.26 20.08 10.24
C GLY B 430 -12.46 20.31 9.35
N VAL B 431 -12.95 19.23 8.73
CA VAL B 431 -14.09 19.30 7.83
C VAL B 431 -15.31 18.59 8.42
N GLU B 432 -15.35 18.44 9.74
CA GLU B 432 -16.54 17.96 10.43
C GLU B 432 -17.65 18.99 10.31
N ASN B 433 -18.84 18.62 10.77
CA ASN B 433 -19.94 19.57 10.76
C ASN B 433 -19.66 20.69 11.77
N ALA B 434 -19.81 21.94 11.30
CA ALA B 434 -19.44 23.10 12.11
C ALA B 434 -20.27 23.21 13.37
N ASP B 435 -21.54 22.82 13.33
CA ASP B 435 -22.37 22.90 14.53
C ASP B 435 -21.86 21.95 15.60
N ASP B 436 -21.36 20.78 15.20
CA ASP B 436 -20.77 19.86 16.17
C ASP B 436 -19.51 20.45 16.79
N LEU B 437 -18.66 21.07 15.98
CA LEU B 437 -17.43 21.66 16.51
C LEU B 437 -17.75 22.82 17.45
N ILE B 438 -18.65 23.71 17.03
CA ILE B 438 -19.05 24.84 17.89
C ILE B 438 -19.67 24.33 19.18
N ALA B 439 -20.50 23.28 19.11
CA ALA B 439 -21.08 22.73 20.33
C ALA B 439 -19.99 22.20 21.27
N ASP B 440 -18.98 21.53 20.71
CA ASP B 440 -17.88 21.03 21.54
C ASP B 440 -17.17 22.17 22.25
N LEU B 441 -16.84 23.25 21.51
CA LEU B 441 -16.21 24.40 22.13
C LEU B 441 -17.11 25.05 23.17
N ASP B 442 -18.40 25.17 22.87
CA ASP B 442 -19.31 25.85 23.80
C ASP B 442 -19.40 25.11 25.12
N GLN B 443 -19.56 23.79 25.08
CA GLN B 443 -19.66 23.03 26.33
C GLN B 443 -18.33 22.99 27.07
N ALA B 444 -17.20 23.10 26.34
CA ALA B 444 -15.91 23.12 27.02
C ALA B 444 -15.64 24.49 27.64
N LEU B 445 -15.95 25.56 26.91
CA LEU B 445 -15.77 26.91 27.46
C LEU B 445 -16.66 27.13 28.69
N ALA B 446 -17.82 26.47 28.76
CA ALA B 446 -18.69 26.61 29.92
C ALA B 446 -18.01 26.12 31.20
N GLN B 447 -16.99 25.28 31.09
CA GLN B 447 -16.35 24.68 32.26
C GLN B 447 -15.04 25.37 32.67
N VAL B 448 -14.66 26.46 32.01
CA VAL B 448 -13.38 27.11 32.30
C VAL B 448 -13.60 28.52 32.84
N ASN C 25 19.34 -8.75 21.90
CA ASN C 25 19.42 -10.21 21.77
C ASN C 25 19.83 -10.89 23.08
N PRO C 26 18.99 -10.78 24.11
CA PRO C 26 19.36 -11.40 25.40
C PRO C 26 19.31 -12.91 25.37
N GLU C 27 18.26 -13.49 24.80
CA GLU C 27 18.14 -14.94 24.74
C GLU C 27 18.98 -15.58 23.64
N ASN C 28 19.91 -14.84 23.05
CA ASN C 28 20.95 -15.42 22.21
C ASN C 28 20.35 -16.17 21.02
N TYR C 29 19.53 -15.44 20.29
CA TYR C 29 18.95 -15.96 19.08
C TYR C 29 19.95 -15.89 17.93
N HIS C 30 19.80 -16.79 16.97
CA HIS C 30 20.62 -16.80 15.77
C HIS C 30 20.04 -15.88 14.71
N PHE C 31 20.86 -15.63 13.68
CA PHE C 31 20.53 -14.66 12.62
C PHE C 31 19.12 -14.87 12.05
N GLU C 32 18.76 -16.12 11.74
CA GLU C 32 17.49 -16.36 11.05
C GLU C 32 16.30 -16.10 11.96
N THR C 33 16.44 -16.34 13.26
CA THR C 33 15.37 -16.01 14.18
C THR C 33 15.19 -14.49 14.29
N LEU C 34 16.32 -13.76 14.34
CA LEU C 34 16.27 -12.30 14.48
C LEU C 34 15.63 -11.64 13.26
N GLN C 35 15.92 -12.16 12.07
CA GLN C 35 15.40 -11.54 10.85
C GLN C 35 13.90 -11.74 10.75
N VAL C 36 13.38 -12.75 11.44
CA VAL C 36 11.94 -12.96 11.48
C VAL C 36 11.25 -12.22 12.63
N HIS C 37 11.94 -12.03 13.78
CA HIS C 37 11.25 -11.61 14.99
C HIS C 37 11.76 -10.31 15.62
N ALA C 38 13.04 -9.96 15.43
CA ALA C 38 13.63 -8.89 16.24
C ALA C 38 12.91 -7.58 16.05
N GLY C 39 12.70 -6.85 17.16
CA GLY C 39 12.05 -5.55 17.12
C GLY C 39 10.55 -5.59 17.05
N GLN C 40 9.97 -6.76 16.80
CA GLN C 40 8.52 -6.90 16.58
C GLN C 40 7.86 -7.34 17.87
N THR C 41 6.81 -6.63 18.27
CA THR C 41 5.99 -7.06 19.38
C THR C 41 4.54 -7.09 18.94
N VAL C 42 3.71 -7.70 19.78
CA VAL C 42 2.29 -7.88 19.49
C VAL C 42 1.53 -6.80 20.23
N ASP C 43 0.74 -6.00 19.51
CA ASP C 43 0.01 -4.90 20.12
C ASP C 43 -1.29 -5.42 20.72
N GLU C 44 -2.16 -4.50 21.17
CA GLU C 44 -3.39 -4.85 21.88
C GLU C 44 -4.37 -5.67 21.02
N THR C 45 -4.31 -5.56 19.70
CA THR C 45 -5.21 -6.34 18.85
C THR C 45 -4.74 -7.78 18.67
N GLY C 46 -3.50 -8.10 19.02
CA GLY C 46 -2.94 -9.39 18.75
C GLY C 46 -2.43 -9.60 17.33
N ALA C 47 -2.51 -8.59 16.45
CA ALA C 47 -2.07 -8.74 15.06
C ALA C 47 -0.69 -9.35 14.98
N ARG C 48 -0.57 -10.47 14.27
CA ARG C 48 0.70 -11.15 14.19
C ARG C 48 1.65 -10.44 13.22
N ALA C 49 1.14 -9.77 12.18
CA ALA C 49 1.99 -8.95 11.33
C ALA C 49 2.06 -7.53 11.87
N VAL C 50 3.15 -6.84 11.54
CA VAL C 50 3.32 -5.46 11.98
C VAL C 50 2.35 -4.56 11.20
N PRO C 51 1.45 -3.84 11.86
CA PRO C 51 0.55 -2.94 11.14
C PRO C 51 1.32 -1.82 10.44
N ILE C 52 0.72 -1.29 9.39
CA ILE C 52 1.30 -0.16 8.65
C ILE C 52 0.72 1.12 9.24
N TYR C 53 1.55 1.86 9.97
CA TYR C 53 1.07 3.09 10.64
C TYR C 53 1.25 4.24 9.67
N GLN C 54 0.34 4.32 8.69
CA GLN C 54 0.38 5.40 7.69
C GLN C 54 -0.34 6.58 8.33
N THR C 55 0.37 7.23 9.25
CA THR C 55 -0.11 8.35 10.03
C THR C 55 1.00 9.40 10.11
N THR C 56 0.61 10.67 10.10
CA THR C 56 1.58 11.73 10.31
C THR C 56 1.64 12.19 11.76
N SER C 57 0.67 11.83 12.61
CA SER C 57 0.60 12.42 13.94
CA SER C 57 0.60 12.42 13.94
C SER C 57 0.02 11.40 14.91
N TYR C 58 0.12 11.74 16.20
CA TYR C 58 -0.25 10.89 17.33
C TYR C 58 -0.85 11.78 18.40
N VAL C 59 -1.98 11.35 18.97
CA VAL C 59 -2.65 12.15 20.00
C VAL C 59 -1.71 12.37 21.17
N PHE C 60 -1.61 13.63 21.64
CA PHE C 60 -0.51 14.03 22.54
C PHE C 60 -0.51 13.27 23.87
N LYS C 61 -1.61 12.62 24.26
CA LYS C 61 -1.65 11.80 25.47
C LYS C 61 -1.63 12.69 26.72
N ARG C 81 5.13 12.33 18.64
CA ARG C 81 5.94 11.12 18.58
C ARG C 81 6.64 11.03 17.22
N LEU C 82 7.97 11.13 17.24
CA LEU C 82 8.71 11.08 15.98
C LEU C 82 8.96 9.66 15.51
N THR C 83 8.84 8.65 16.36
CA THR C 83 9.11 7.28 15.97
C THR C 83 7.82 6.63 15.47
N ASN C 84 7.85 6.18 14.24
CA ASN C 84 6.75 5.42 13.65
C ASN C 84 6.82 3.96 14.12
N PRO C 85 5.72 3.38 14.56
CA PRO C 85 5.78 1.99 15.07
C PRO C 85 6.16 0.96 14.02
N THR C 86 5.83 1.19 12.74
CA THR C 86 6.29 0.28 11.69
C THR C 86 7.78 0.43 11.46
N THR C 87 8.24 1.66 11.23
CA THR C 87 9.67 1.87 10.98
C THR C 87 10.51 1.48 12.19
N ASP C 88 9.96 1.62 13.40
CA ASP C 88 10.69 1.25 14.60
C ASP C 88 11.15 -0.21 14.56
N VAL C 89 10.33 -1.08 13.96
CA VAL C 89 10.73 -2.48 13.85
C VAL C 89 11.92 -2.62 12.91
N VAL C 90 11.94 -1.86 11.82
CA VAL C 90 13.08 -1.89 10.90
C VAL C 90 14.35 -1.45 11.60
N ASP C 91 14.28 -0.29 12.29
CA ASP C 91 15.37 0.21 13.13
C ASP C 91 16.00 -0.91 13.94
N LYS C 92 15.15 -1.57 14.75
CA LYS C 92 15.64 -2.51 15.73
C LYS C 92 16.08 -3.81 15.08
N ARG C 93 15.39 -4.24 14.02
CA ARG C 93 15.74 -5.50 13.39
C ARG C 93 17.08 -5.41 12.66
N VAL C 94 17.28 -4.35 11.87
CA VAL C 94 18.57 -4.23 11.18
C VAL C 94 19.70 -4.07 12.19
N ALA C 95 19.48 -3.27 13.25
CA ALA C 95 20.49 -3.12 14.28
C ALA C 95 20.83 -4.45 14.92
N ALA C 96 19.80 -5.26 15.23
CA ALA C 96 20.04 -6.58 15.80
C ALA C 96 20.84 -7.48 14.85
N LEU C 97 20.52 -7.44 13.55
CA LEU C 97 21.20 -8.31 12.60
C LEU C 97 22.67 -7.94 12.46
N GLU C 98 22.98 -6.65 12.50
CA GLU C 98 24.36 -6.17 12.46
C GLU C 98 25.07 -6.28 13.81
N HIS C 99 24.43 -6.86 14.82
CA HIS C 99 24.92 -6.91 16.20
CA HIS C 99 24.95 -6.91 16.18
C HIS C 99 25.27 -5.51 16.72
N GLY C 100 24.43 -4.54 16.36
CA GLY C 100 24.55 -3.19 16.85
C GLY C 100 23.64 -2.92 18.03
N THR C 101 23.71 -1.69 18.55
CA THR C 101 22.92 -1.31 19.70
C THR C 101 21.69 -0.47 19.35
N ALA C 102 21.68 0.24 18.22
CA ALA C 102 20.51 1.02 17.85
C ALA C 102 20.54 1.34 16.36
N GLY C 103 19.36 1.59 15.80
CA GLY C 103 19.24 1.87 14.38
C GLY C 103 18.29 3.03 14.12
N VAL C 104 18.42 3.60 12.92
CA VAL C 104 17.52 4.65 12.46
C VAL C 104 17.41 4.54 10.94
N THR C 105 16.18 4.60 10.45
CA THR C 105 15.85 4.33 9.06
C THR C 105 15.44 5.63 8.37
N LEU C 106 15.88 5.78 7.13
CA LEU C 106 15.66 6.99 6.32
C LEU C 106 15.21 6.58 4.93
N ALA C 107 14.89 7.59 4.11
CA ALA C 107 14.22 7.36 2.82
C ALA C 107 15.03 6.50 1.86
N THR C 108 16.37 6.64 1.89
CA THR C 108 17.27 6.01 0.94
C THR C 108 18.62 5.76 1.59
N GLY C 109 19.41 4.87 0.97
CA GLY C 109 20.80 4.75 1.36
C GLY C 109 21.56 6.06 1.28
N SER C 110 21.32 6.83 0.22
CA SER C 110 21.97 8.14 0.09
C SER C 110 21.64 9.03 1.28
N ALA C 111 20.40 8.98 1.75
CA ALA C 111 20.01 9.80 2.88
C ALA C 111 20.64 9.30 4.16
N ALA C 112 20.71 7.98 4.33
CA ALA C 112 21.39 7.41 5.47
C ALA C 112 22.86 7.83 5.51
N ILE C 113 23.53 7.83 4.35
CA ILE C 113 24.94 8.20 4.32
C ILE C 113 25.09 9.69 4.60
N THR C 114 24.24 10.51 3.99
CA THR C 114 24.26 11.95 4.23
C THR C 114 24.09 12.26 5.71
N ALA C 115 23.09 11.63 6.35
CA ALA C 115 22.83 11.90 7.75
C ALA C 115 23.95 11.41 8.65
N ALA C 116 24.54 10.26 8.33
CA ALA C 116 25.63 9.74 9.14
C ALA C 116 26.84 10.68 9.12
N ILE C 117 27.09 11.31 7.97
CA ILE C 117 28.22 12.24 7.86
C ILE C 117 27.89 13.57 8.52
N LEU C 118 26.73 14.18 8.19
CA LEU C 118 26.33 15.43 8.82
C LEU C 118 26.19 15.30 10.32
N ASN C 119 25.96 14.08 10.82
CA ASN C 119 25.86 13.87 12.26
C ASN C 119 27.18 14.11 12.98
N ILE C 120 28.33 13.92 12.30
CA ILE C 120 29.63 14.11 12.92
C ILE C 120 30.53 15.10 12.19
N ALA C 121 30.08 15.72 11.11
CA ALA C 121 30.94 16.59 10.33
C ALA C 121 30.19 17.85 9.95
N GLN C 122 30.80 19.01 10.21
CA GLN C 122 30.23 20.26 9.72
C GLN C 122 31.30 21.06 8.97
N GLN C 123 31.02 22.32 8.67
CA GLN C 123 31.96 23.07 7.84
C GLN C 123 33.30 23.17 8.54
N GLY C 124 34.38 23.00 7.76
CA GLY C 124 35.71 22.93 8.29
C GLY C 124 36.18 21.54 8.68
N ASP C 125 35.28 20.56 8.76
CA ASP C 125 35.65 19.19 9.12
C ASP C 125 36.01 18.38 7.87
N GLU C 126 36.57 17.20 8.10
CA GLU C 126 37.07 16.39 7.00
C GLU C 126 36.74 14.92 7.20
N ILE C 127 36.70 14.20 6.08
CA ILE C 127 36.44 12.77 6.01
C ILE C 127 37.56 12.13 5.20
N VAL C 128 37.98 10.93 5.58
CA VAL C 128 38.90 10.14 4.78
C VAL C 128 38.17 8.89 4.31
N ALA C 129 37.99 8.77 3.00
CA ALA C 129 37.21 7.71 2.39
C ALA C 129 38.05 6.95 1.37
N ALA C 130 37.70 5.67 1.21
CA ALA C 130 38.25 4.90 0.10
C ALA C 130 37.95 5.59 -1.22
N ASN C 131 38.90 5.51 -2.17
CA ASN C 131 38.67 6.09 -3.48
C ASN C 131 37.97 5.13 -4.43
N THR C 132 37.50 3.99 -3.92
CA THR C 132 36.75 3.02 -4.70
C THR C 132 35.25 3.07 -4.42
N LEU C 133 34.71 4.25 -4.11
CA LEU C 133 33.33 4.35 -3.66
C LEU C 133 32.32 4.14 -4.78
N TYR C 134 31.15 3.65 -4.39
CA TYR C 134 29.95 3.77 -5.22
C TYR C 134 29.83 5.18 -5.78
N GLY C 135 29.46 5.28 -7.06
CA GLY C 135 29.45 6.58 -7.74
C GLY C 135 28.58 7.62 -7.06
N GLY C 136 27.38 7.24 -6.64
CA GLY C 136 26.51 8.18 -5.96
C GLY C 136 27.13 8.73 -4.69
N THR C 137 27.84 7.87 -3.95
CA THR C 137 28.50 8.34 -2.73
C THR C 137 29.68 9.25 -3.06
N TYR C 138 30.43 8.93 -4.13
CA TYR C 138 31.50 9.83 -4.56
C TYR C 138 30.95 11.22 -4.86
N ASP C 139 29.86 11.28 -5.63
CA ASP C 139 29.25 12.56 -5.97
C ASP C 139 28.76 13.30 -4.73
N LEU C 140 28.21 12.57 -3.75
CA LEU C 140 27.74 13.22 -2.53
C LEU C 140 28.90 13.88 -1.80
N PHE C 141 29.99 13.12 -1.60
CA PHE C 141 31.15 13.63 -0.89
C PHE C 141 31.86 14.73 -1.68
N SER C 142 31.99 14.54 -2.99
CA SER C 142 32.82 15.44 -3.79
C SER C 142 32.07 16.65 -4.31
N VAL C 143 30.73 16.64 -4.33
CA VAL C 143 29.99 17.81 -4.78
C VAL C 143 29.18 18.41 -3.64
N THR C 144 28.11 17.72 -3.24
CA THR C 144 27.14 18.31 -2.30
C THR C 144 27.80 18.66 -0.97
N LEU C 145 28.53 17.73 -0.38
CA LEU C 145 29.10 18.01 0.94
C LEU C 145 30.31 18.94 0.85
N LYS C 146 31.05 18.89 -0.26
CA LYS C 146 32.16 19.82 -0.45
C LYS C 146 31.67 21.26 -0.50
N LYS C 147 30.57 21.51 -1.21
CA LYS C 147 29.97 22.84 -1.27
C LYS C 147 29.64 23.37 0.11
N LEU C 148 29.49 22.47 1.10
CA LEU C 148 29.05 22.84 2.43
C LEU C 148 30.20 22.78 3.45
N GLY C 149 31.45 22.84 2.97
CA GLY C 149 32.59 22.98 3.85
C GLY C 149 33.16 21.70 4.42
N ILE C 150 32.66 20.54 4.01
CA ILE C 150 33.18 19.25 4.44
C ILE C 150 34.12 18.74 3.35
N THR C 151 35.39 18.56 3.69
CA THR C 151 36.40 18.11 2.73
C THR C 151 36.63 16.62 2.90
N THR C 152 36.55 15.87 1.79
CA THR C 152 36.81 14.44 1.81
C THR C 152 38.09 14.16 1.03
N HIS C 153 39.02 13.43 1.66
CA HIS C 153 40.20 12.93 0.97
C HIS C 153 39.97 11.47 0.61
N PHE C 154 40.19 11.14 -0.66
CA PHE C 154 40.00 9.78 -1.16
C PHE C 154 41.36 9.11 -1.28
N VAL C 155 41.52 7.97 -0.60
CA VAL C 155 42.80 7.27 -0.56
C VAL C 155 42.60 5.85 -1.07
N ASP C 156 43.69 5.26 -1.61
CA ASP C 156 43.71 3.87 -2.02
C ASP C 156 43.49 2.99 -0.80
N PRO C 157 42.36 2.29 -0.71
CA PRO C 157 42.07 1.47 0.47
C PRO C 157 42.82 0.17 0.52
N ASP C 158 43.55 -0.21 -0.54
CA ASP C 158 44.32 -1.45 -0.50
C ASP C 158 45.38 -1.42 0.59
N GLU C 159 45.85 -0.24 0.96
CA GLU C 159 46.85 -0.09 2.02
C GLU C 159 46.27 0.69 3.19
N PRO C 160 46.01 0.05 4.33
CA PRO C 160 45.37 0.79 5.45
C PRO C 160 46.12 2.03 5.89
N ALA C 161 47.44 2.07 5.77
CA ALA C 161 48.18 3.25 6.21
C ALA C 161 47.81 4.48 5.40
N ASN C 162 47.26 4.31 4.20
CA ASN C 162 46.81 5.46 3.42
C ASN C 162 45.73 6.26 4.15
N PHE C 163 44.93 5.61 4.99
CA PHE C 163 43.97 6.35 5.80
C PHE C 163 44.71 7.17 6.85
N GLU C 164 45.67 6.54 7.52
CA GLU C 164 46.46 7.20 8.55
C GLU C 164 47.12 8.47 8.02
N THR C 165 47.77 8.39 6.86
CA THR C 165 48.52 9.53 6.37
C THR C 165 47.63 10.71 6.00
N ALA C 166 46.32 10.49 5.81
CA ALA C 166 45.43 11.57 5.44
C ALA C 166 44.71 12.17 6.64
N ILE C 167 44.79 11.54 7.81
CA ILE C 167 44.15 12.08 9.01
C ILE C 167 44.86 13.36 9.44
N ASN C 168 44.08 14.36 9.84
CA ASN C 168 44.61 15.56 10.48
C ASN C 168 43.64 15.94 11.61
N ASP C 169 43.82 17.15 12.15
CA ASP C 169 43.02 17.57 13.30
C ASP C 169 41.56 17.80 12.95
N HIS C 170 41.23 17.90 11.67
CA HIS C 170 39.87 18.16 11.23
C HIS C 170 39.09 16.88 10.89
N THR C 171 39.78 15.74 10.80
CA THR C 171 39.13 14.50 10.37
C THR C 171 38.15 14.02 11.44
N LYS C 172 36.92 13.70 11.00
CA LYS C 172 35.88 13.22 11.91
C LYS C 172 35.46 11.77 11.67
N ALA C 173 35.87 11.15 10.56
CA ALA C 173 35.55 9.75 10.34
C ALA C 173 36.43 9.19 9.22
N LEU C 174 36.62 7.88 9.26
CA LEU C 174 37.05 7.10 8.11
C LEU C 174 35.83 6.39 7.52
N TYR C 175 35.77 6.33 6.20
CA TYR C 175 34.59 5.78 5.52
C TYR C 175 35.02 4.79 4.44
N VAL C 176 34.46 3.57 4.49
CA VAL C 176 34.66 2.58 3.43
C VAL C 176 33.34 1.86 3.16
N GLU C 177 33.33 1.12 2.04
CA GLU C 177 32.30 0.12 1.75
C GLU C 177 32.86 -1.28 1.98
N SER C 178 32.01 -2.19 2.48
CA SER C 178 32.45 -3.58 2.71
C SER C 178 32.92 -4.25 1.43
N ILE C 179 32.23 -4.03 0.32
CA ILE C 179 32.62 -4.58 -0.98
C ILE C 179 32.49 -3.46 -2.00
N GLY C 180 33.62 -3.07 -2.62
CA GLY C 180 33.65 -1.88 -3.44
C GLY C 180 33.05 -2.06 -4.81
N ASN C 181 32.63 -0.95 -5.41
CA ASN C 181 31.93 -1.02 -6.69
C ASN C 181 32.36 0.15 -7.56
N PRO C 182 32.96 -0.11 -8.75
CA PRO C 182 32.90 -1.36 -9.50
C PRO C 182 34.06 -2.35 -9.33
N GLY C 183 35.01 -2.09 -8.43
CA GLY C 183 36.17 -2.97 -8.32
C GLY C 183 35.93 -4.30 -7.63
N ILE C 184 34.83 -4.42 -6.87
CA ILE C 184 34.56 -5.58 -6.02
C ILE C 184 35.74 -5.84 -5.07
N ASN C 185 36.30 -4.77 -4.51
CA ASN C 185 37.47 -4.87 -3.65
C ASN C 185 37.07 -4.92 -2.18
N LEU C 186 37.83 -5.69 -1.40
CA LEU C 186 37.67 -5.83 0.04
C LEU C 186 38.70 -4.99 0.76
N VAL C 187 38.42 -4.72 2.04
CA VAL C 187 39.28 -3.89 2.88
C VAL C 187 39.48 -4.58 4.21
N ASP C 188 40.58 -4.24 4.88
CA ASP C 188 40.95 -4.80 6.17
C ASP C 188 40.25 -3.99 7.25
N PHE C 189 39.04 -4.44 7.63
CA PHE C 189 38.23 -3.72 8.60
C PHE C 189 38.99 -3.42 9.89
N GLU C 190 39.61 -4.45 10.48
CA GLU C 190 40.23 -4.27 11.79
C GLU C 190 41.43 -3.32 11.72
N ALA C 191 42.20 -3.38 10.64
CA ALA C 191 43.35 -2.49 10.50
C ALA C 191 42.90 -1.04 10.34
N ILE C 192 41.89 -0.80 9.51
CA ILE C 192 41.39 0.55 9.34
C ILE C 192 40.73 1.03 10.62
N GLY C 193 39.98 0.14 11.29
CA GLY C 193 39.33 0.51 12.54
C GLY C 193 40.32 0.84 13.65
N LYS C 194 41.41 0.10 13.74
CA LYS C 194 42.42 0.44 14.75
C LYS C 194 43.00 1.83 14.49
N ILE C 195 43.21 2.18 13.22
CA ILE C 195 43.74 3.49 12.89
C ILE C 195 42.78 4.58 13.35
N ALA C 196 41.51 4.47 12.96
CA ALA C 196 40.50 5.46 13.38
C ALA C 196 40.53 5.63 14.89
N HIS C 197 40.58 4.54 15.62
CA HIS C 197 40.45 4.60 17.06
C HIS C 197 41.72 5.12 17.73
N ASP C 198 42.89 4.84 17.14
CA ASP C 198 44.13 5.41 17.66
C ASP C 198 44.12 6.93 17.55
N HIS C 199 43.36 7.48 16.60
CA HIS C 199 43.19 8.91 16.44
C HIS C 199 41.90 9.42 17.06
N GLY C 200 41.17 8.58 17.80
CA GLY C 200 39.95 9.00 18.48
C GLY C 200 38.82 9.43 17.58
N ILE C 201 38.73 8.87 16.36
CA ILE C 201 37.62 9.14 15.44
C ILE C 201 36.94 7.82 15.10
N ILE C 202 35.74 7.94 14.54
CA ILE C 202 34.90 6.78 14.28
C ILE C 202 35.18 6.23 12.89
N PHE C 203 34.79 4.96 12.69
CA PHE C 203 34.94 4.25 11.43
C PHE C 203 33.53 3.87 10.94
N ILE C 204 33.19 4.32 9.73
CA ILE C 204 31.86 4.12 9.15
C ILE C 204 32.00 3.19 7.95
N VAL C 205 31.18 2.14 7.91
CA VAL C 205 31.23 1.14 6.84
C VAL C 205 29.85 1.08 6.17
N ASP C 206 29.83 1.27 4.86
CA ASP C 206 28.63 1.02 4.06
C ASP C 206 28.61 -0.46 3.73
N ASN C 207 27.71 -1.21 4.39
CA ASN C 207 27.65 -2.65 4.24
C ASN C 207 26.55 -3.09 3.28
N THR C 208 26.16 -2.24 2.35
CA THR C 208 25.09 -2.57 1.41
C THR C 208 25.36 -3.91 0.71
N PHE C 209 26.54 -4.04 0.11
CA PHE C 209 26.85 -5.23 -0.71
C PHE C 209 27.02 -6.48 0.13
N GLY C 210 27.45 -6.34 1.39
CA GLY C 210 27.63 -7.50 2.24
C GLY C 210 26.35 -8.04 2.85
N THR C 211 25.50 -7.14 3.38
CA THR C 211 24.39 -7.44 4.29
C THR C 211 24.98 -7.95 5.60
N PRO C 212 24.24 -7.87 6.70
CA PRO C 212 24.74 -8.42 7.97
C PRO C 212 24.89 -9.93 7.95
N TYR C 213 24.33 -10.62 6.97
CA TYR C 213 24.51 -12.07 6.91
C TYR C 213 25.93 -12.46 6.50
N LEU C 214 26.59 -11.67 5.65
CA LEU C 214 27.91 -12.05 5.15
C LEU C 214 29.04 -11.42 5.97
N VAL C 215 28.84 -10.24 6.53
CA VAL C 215 29.84 -9.62 7.38
C VAL C 215 29.14 -8.61 8.28
N ARG C 216 29.60 -8.55 9.54
CA ARG C 216 29.11 -7.59 10.53
C ARG C 216 30.28 -6.69 10.90
N PRO C 217 30.45 -5.56 10.19
CA PRO C 217 31.64 -4.72 10.42
C PRO C 217 31.76 -4.21 11.84
N LEU C 218 30.64 -4.03 12.53
CA LEU C 218 30.69 -3.59 13.93
C LEU C 218 31.45 -4.57 14.82
N GLU C 219 31.60 -5.82 14.39
CA GLU C 219 32.42 -6.81 15.10
C GLU C 219 33.89 -6.77 14.67
N HIS C 220 34.25 -5.91 13.73
CA HIS C 220 35.60 -5.89 13.19
C HIS C 220 36.15 -4.46 13.11
N GLY C 221 35.77 -3.60 14.05
CA GLY C 221 36.37 -2.29 14.18
C GLY C 221 35.49 -1.12 13.80
N ALA C 222 34.37 -1.34 13.10
CA ALA C 222 33.47 -0.25 12.73
C ALA C 222 32.63 0.21 13.91
N ASP C 223 32.32 1.51 13.94
CA ASP C 223 31.44 2.12 14.92
C ASP C 223 30.04 2.38 14.38
N VAL C 224 29.91 2.58 13.07
CA VAL C 224 28.64 2.86 12.41
C VAL C 224 28.60 2.04 11.12
N VAL C 225 27.45 1.43 10.84
CA VAL C 225 27.21 0.74 9.57
C VAL C 225 25.99 1.39 8.92
N VAL C 226 26.10 1.70 7.64
CA VAL C 226 24.97 2.19 6.89
C VAL C 226 24.60 1.18 5.79
N HIS C 227 23.33 1.22 5.38
CA HIS C 227 22.83 0.31 4.35
C HIS C 227 21.97 1.09 3.38
N SER C 228 22.10 0.77 2.10
CA SER C 228 21.01 1.07 1.19
C SER C 228 20.10 -0.15 1.30
N ALA C 229 19.04 -0.05 2.12
CA ALA C 229 18.09 -1.13 2.26
C ALA C 229 17.36 -1.40 0.94
N THR C 230 17.41 -0.45 0.03
CA THR C 230 16.87 -0.59 -1.32
C THR C 230 17.34 -1.88 -2.01
N PHE C 232 19.68 -5.45 -1.04
CA PHE C 232 19.40 -6.82 -0.59
C PHE C 232 18.30 -6.92 0.47
N ILE C 233 18.25 -5.95 1.39
CA ILE C 233 17.29 -6.00 2.49
C ILE C 233 15.87 -6.02 1.94
N GLY C 234 15.59 -5.14 0.98
CA GLY C 234 14.29 -5.17 0.32
C GLY C 234 14.13 -6.40 -0.55
N GLY C 235 15.13 -6.66 -1.40
CA GLY C 235 15.30 -7.94 -2.05
C GLY C 235 14.61 -8.13 -3.38
N HIS C 236 13.76 -7.18 -3.79
CA HIS C 236 12.91 -7.38 -4.95
C HIS C 236 12.86 -6.17 -5.87
N GLY C 237 13.74 -5.19 -5.68
CA GLY C 237 13.77 -4.02 -6.53
C GLY C 237 12.50 -3.18 -6.48
N THR C 238 11.79 -3.19 -5.34
CA THR C 238 10.54 -2.42 -5.26
C THR C 238 10.63 -1.18 -4.38
N THR C 239 11.51 -1.15 -3.38
CA THR C 239 11.31 -0.30 -2.21
C THR C 239 12.62 0.32 -1.76
N MET C 240 12.65 1.66 -1.70
CA MET C 240 13.82 2.39 -1.24
C MET C 240 13.82 2.57 0.27
N GLY C 241 15.03 2.54 0.84
CA GLY C 241 15.23 2.88 2.23
C GLY C 241 16.71 2.84 2.56
N GLY C 242 17.06 3.51 3.65
CA GLY C 242 18.41 3.45 4.17
C GLY C 242 18.35 3.28 5.67
N VAL C 243 19.39 2.64 6.22
CA VAL C 243 19.45 2.37 7.65
C VAL C 243 20.84 2.73 8.17
N ILE C 244 20.88 3.37 9.33
CA ILE C 244 22.11 3.61 10.09
C ILE C 244 22.07 2.74 11.34
N VAL C 245 23.17 2.02 11.60
CA VAL C 245 23.31 1.23 12.82
C VAL C 245 24.60 1.63 13.52
N GLU C 246 24.53 1.89 14.83
CA GLU C 246 25.71 2.16 15.63
C GLU C 246 26.05 0.95 16.50
N GLY C 247 27.33 0.82 16.84
CA GLY C 247 27.80 -0.29 17.64
C GLY C 247 27.79 -0.05 19.13
N GLY C 248 27.81 1.21 19.56
CA GLY C 248 27.79 1.49 20.98
C GLY C 248 29.07 1.22 21.73
N GLN C 249 30.22 1.19 21.03
CA GLN C 249 31.50 0.92 21.68
C GLN C 249 32.49 2.09 21.55
N PHE C 250 32.05 3.25 21.10
CA PHE C 250 32.94 4.40 20.92
C PHE C 250 32.75 5.37 22.08
N ASP C 251 33.86 5.77 22.69
CA ASP C 251 33.84 6.65 23.86
C ASP C 251 33.94 8.10 23.40
N TRP C 252 32.77 8.73 23.23
CA TRP C 252 32.74 10.13 22.80
C TRP C 252 33.54 11.04 23.73
N ARG C 253 33.43 10.83 25.05
CA ARG C 253 34.12 11.71 25.98
CA ARG C 253 34.12 11.71 25.98
C ARG C 253 35.64 11.52 25.91
N ALA C 254 36.10 10.27 25.88
CA ALA C 254 37.53 10.03 25.80
C ALA C 254 38.12 10.57 24.50
N SER C 255 37.30 10.67 23.46
CA SER C 255 37.82 11.18 22.19
C SER C 255 38.12 12.67 22.26
N GLY C 256 37.18 13.46 22.77
CA GLY C 256 37.31 14.90 22.76
C GLY C 256 37.10 15.55 21.42
N LYS C 257 36.98 14.79 20.33
CA LYS C 257 36.83 15.35 19.00
C LYS C 257 35.37 15.54 18.60
N TYR C 258 34.43 15.24 19.48
CA TYR C 258 33.00 15.33 19.19
C TYR C 258 32.28 16.09 20.31
N PRO C 259 32.56 17.39 20.46
CA PRO C 259 31.92 18.13 21.56
C PRO C 259 30.40 18.19 21.48
N ASP C 260 29.82 18.15 20.28
CA ASP C 260 28.36 18.17 20.18
C ASP C 260 27.72 16.95 20.83
N PHE C 261 28.49 15.88 21.03
CA PHE C 261 27.99 14.70 21.73
C PHE C 261 28.12 14.82 23.25
N THR C 262 29.01 15.68 23.76
CA THR C 262 29.29 15.74 25.19
C THR C 262 28.88 17.06 25.84
N THR C 263 28.52 18.08 25.07
CA THR C 263 28.08 19.25 25.80
C THR C 263 26.56 19.27 25.92
N PRO C 264 26.03 19.69 27.08
CA PRO C 264 24.58 19.78 27.22
C PRO C 264 24.00 20.80 26.25
N ASP C 265 22.92 20.41 25.58
CA ASP C 265 22.33 21.22 24.51
C ASP C 265 21.04 21.86 25.01
N PRO C 266 20.97 23.19 25.10
CA PRO C 266 19.77 23.83 25.66
C PRO C 266 18.52 23.59 24.83
N GLN C 267 18.64 23.41 23.51
CA GLN C 267 17.44 23.11 22.73
C GLN C 267 16.99 21.66 22.87
N TYR C 268 17.66 20.87 23.72
CA TYR C 268 17.18 19.55 24.14
C TYR C 268 17.17 19.44 25.67
N ASN C 269 16.97 20.57 26.36
CA ASN C 269 16.87 20.61 27.82
C ASN C 269 18.15 20.09 28.49
N GLY C 270 19.30 20.46 27.94
CA GLY C 270 20.59 20.06 28.50
C GLY C 270 20.95 18.61 28.32
N LEU C 271 20.24 17.88 27.44
CA LEU C 271 20.60 16.51 27.13
C LEU C 271 22.04 16.43 26.63
N VAL C 272 22.76 15.40 27.08
CA VAL C 272 24.09 15.08 26.57
C VAL C 272 23.96 13.78 25.80
N PHE C 273 24.17 13.84 24.48
CA PHE C 273 23.92 12.67 23.63
C PHE C 273 24.80 11.48 24.04
N ALA C 274 26.03 11.75 24.47
CA ALA C 274 26.91 10.67 24.90
C ALA C 274 26.33 9.88 26.07
N ASP C 275 25.45 10.51 26.86
CA ASP C 275 24.82 9.81 27.97
C ASP C 275 23.79 8.79 27.53
N LEU C 276 23.42 8.77 26.24
CA LEU C 276 22.48 7.78 25.72
C LEU C 276 23.15 6.47 25.37
N GLY C 277 24.47 6.37 25.55
CA GLY C 277 25.15 5.09 25.42
C GLY C 277 25.13 4.58 23.99
N GLY C 278 24.63 3.35 23.83
CA GLY C 278 24.57 2.73 22.53
C GLY C 278 23.46 3.25 21.64
N ALA C 279 22.75 4.29 22.07
CA ALA C 279 21.77 4.95 21.21
C ALA C 279 22.17 6.39 20.92
N ALA C 280 23.42 6.76 21.18
CA ALA C 280 23.82 8.16 21.11
C ALA C 280 23.87 8.66 19.67
N PHE C 281 24.52 7.91 18.79
CA PHE C 281 24.68 8.35 17.40
C PHE C 281 23.32 8.46 16.70
N THR C 282 22.51 7.38 16.77
CA THR C 282 21.27 7.38 16.00
C THR C 282 20.22 8.31 16.60
N THR C 283 20.24 8.52 17.93
CA THR C 283 19.32 9.50 18.50
C THR C 283 19.66 10.91 18.03
N LYS C 284 20.96 11.23 17.97
CA LYS C 284 21.37 12.53 17.45
C LYS C 284 20.91 12.71 16.00
N VAL C 285 21.07 11.68 15.16
CA VAL C 285 20.56 11.78 13.79
C VAL C 285 19.07 12.08 13.83
N ARG C 286 18.35 11.35 14.67
CA ARG C 286 16.90 11.51 14.78
C ARG C 286 16.54 12.90 15.27
N ALA C 287 17.20 13.38 16.31
CA ALA C 287 16.83 14.66 16.90
C ALA C 287 17.35 15.85 16.11
N GLU C 288 18.27 15.64 15.16
CA GLU C 288 18.95 16.78 14.56
C GLU C 288 18.88 16.76 13.05
N THR C 289 19.69 15.93 12.38
CA THR C 289 19.72 15.96 10.93
C THR C 289 18.39 15.51 10.34
N LEU C 290 17.83 14.41 10.84
CA LEU C 290 16.57 13.90 10.32
C LEU C 290 15.41 14.85 10.64
N ARG C 291 15.32 15.30 11.89
CA ARG C 291 14.35 16.33 12.27
C ARG C 291 14.39 17.52 11.32
N ASP C 292 15.59 18.00 10.99
CA ASP C 292 15.76 19.25 10.27
C ASP C 292 15.56 19.08 8.77
N THR C 293 16.16 18.04 8.17
CA THR C 293 16.17 17.89 6.72
C THR C 293 15.19 16.83 6.21
N GLY C 294 14.57 16.05 7.09
CA GLY C 294 13.38 15.28 6.77
C GLY C 294 13.44 14.24 5.66
N ALA C 295 14.53 13.46 5.57
CA ALA C 295 14.58 12.32 4.64
C ALA C 295 13.93 11.08 5.27
N THR C 296 12.66 11.20 5.59
CA THR C 296 11.97 10.12 6.29
C THR C 296 11.52 9.03 5.32
N ILE C 297 11.41 7.82 5.83
CA ILE C 297 10.92 6.71 5.02
C ILE C 297 9.42 6.60 5.20
N SER C 298 8.73 6.16 4.13
CA SER C 298 7.28 5.95 4.28
C SER C 298 7.01 4.69 5.10
N PRO C 299 5.99 4.70 5.97
CA PRO C 299 5.64 3.45 6.67
C PRO C 299 5.35 2.29 5.74
N PHE C 300 4.79 2.56 4.55
CA PHE C 300 4.59 1.53 3.54
CA PHE C 300 4.59 1.50 3.56
C PHE C 300 5.91 0.87 3.14
N ASN C 301 6.93 1.69 2.88
CA ASN C 301 8.24 1.17 2.53
C ASN C 301 8.83 0.36 3.68
N SER C 302 8.70 0.86 4.90
CA SER C 302 9.19 0.13 6.06
C SER C 302 8.57 -1.26 6.12
N PHE C 303 7.25 -1.35 5.88
CA PHE C 303 6.56 -2.64 5.94
C PHE C 303 7.13 -3.62 4.92
N LEU C 304 7.40 -3.14 3.69
CA LEU C 304 8.01 -3.99 2.67
C LEU C 304 9.44 -4.38 3.02
N LEU C 305 10.19 -3.50 3.69
CA LEU C 305 11.53 -3.90 4.12
C LEU C 305 11.47 -4.99 5.19
N LEU C 306 10.47 -4.92 6.09
CA LEU C 306 10.28 -5.98 7.08
C LEU C 306 10.01 -7.31 6.40
N GLN C 307 9.17 -7.29 5.36
CA GLN C 307 8.92 -8.52 4.60
C GLN C 307 10.20 -9.08 4.00
N GLY C 308 11.05 -8.21 3.41
CA GLY C 308 12.29 -8.71 2.84
C GLY C 308 13.24 -9.24 3.91
N LEU C 309 13.27 -8.56 5.06
CA LEU C 309 14.14 -8.99 6.15
C LEU C 309 13.79 -10.40 6.60
N GLU C 310 12.49 -10.74 6.60
CA GLU C 310 12.08 -12.05 7.10
C GLU C 310 12.57 -13.19 6.21
N SER C 311 13.01 -12.88 4.98
CA SER C 311 13.64 -13.86 4.11
C SER C 311 15.11 -13.56 3.84
N LEU C 312 15.72 -12.66 4.59
CA LEU C 312 17.00 -12.07 4.15
C LEU C 312 18.06 -13.14 3.93
N SER C 313 18.36 -13.97 4.94
CA SER C 313 19.50 -14.89 4.76
C SER C 313 19.18 -15.98 3.76
N LEU C 314 17.90 -16.34 3.62
CA LEU C 314 17.53 -17.35 2.64
C LEU C 314 17.85 -16.89 1.23
N ARG C 315 17.56 -15.61 0.95
CA ARG C 315 17.83 -15.07 -0.39
C ARG C 315 19.32 -14.84 -0.60
N VAL C 316 20.02 -14.33 0.42
CA VAL C 316 21.46 -14.07 0.27
C VAL C 316 22.22 -15.38 0.07
N GLU C 317 21.85 -16.43 0.82
CA GLU C 317 22.47 -17.73 0.59
C GLU C 317 22.36 -18.17 -0.86
N ARG C 318 21.17 -18.00 -1.46
CA ARG C 318 20.96 -18.45 -2.83
C ARG C 318 21.64 -17.52 -3.83
N HIS C 319 21.60 -16.19 -3.59
CA HIS C 319 22.42 -15.26 -4.35
C HIS C 319 23.87 -15.74 -4.39
N VAL C 320 24.40 -16.15 -3.24
CA VAL C 320 25.81 -16.52 -3.14
C VAL C 320 26.09 -17.83 -3.86
N THR C 321 25.29 -18.87 -3.59
CA THR C 321 25.53 -20.14 -4.26
C THR C 321 25.38 -20.00 -5.78
N ASN C 322 24.37 -19.25 -6.23
CA ASN C 322 24.22 -18.98 -7.67
C ASN C 322 25.45 -18.29 -8.23
N THR C 323 25.96 -17.30 -7.49
CA THR C 323 27.12 -16.54 -7.97
C THR C 323 28.38 -17.41 -8.03
N ARG C 324 28.62 -18.22 -7.00
CA ARG C 324 29.75 -19.14 -7.05
C ARG C 324 29.67 -20.05 -8.27
N LYS C 325 28.48 -20.59 -8.57
CA LYS C 325 28.33 -21.45 -9.74
C LYS C 325 28.59 -20.69 -11.03
N ILE C 326 28.06 -19.46 -11.13
CA ILE C 326 28.20 -18.68 -12.35
C ILE C 326 29.64 -18.19 -12.53
N VAL C 327 30.29 -17.77 -11.44
CA VAL C 327 31.68 -17.32 -11.56
C VAL C 327 32.56 -18.48 -12.00
N ALA C 328 32.33 -19.67 -11.42
CA ALA C 328 33.09 -20.85 -11.81
C ALA C 328 32.92 -21.14 -13.30
N PHE C 329 31.70 -21.06 -13.81
CA PHE C 329 31.45 -21.30 -15.22
C PHE C 329 32.16 -20.25 -16.09
N LEU C 330 32.06 -18.97 -15.71
CA LEU C 330 32.65 -17.92 -16.52
C LEU C 330 34.17 -17.96 -16.45
N LYS C 331 34.73 -18.26 -15.27
CA LYS C 331 36.19 -18.24 -15.14
C LYS C 331 36.83 -19.28 -16.05
N ALA C 332 36.17 -20.42 -16.24
CA ALA C 332 36.64 -21.50 -17.10
C ALA C 332 36.23 -21.32 -18.56
N HIS C 333 35.52 -20.23 -18.91
CA HIS C 333 35.01 -20.09 -20.26
C HIS C 333 36.06 -19.44 -21.16
N PRO C 334 36.33 -19.97 -22.35
CA PRO C 334 37.43 -19.43 -23.17
C PRO C 334 37.24 -18.01 -23.64
N LYS C 335 36.03 -17.43 -23.54
CA LYS C 335 35.82 -16.07 -24.02
C LYS C 335 35.93 -15.02 -22.94
N VAL C 336 36.09 -15.42 -21.67
CA VAL C 336 36.21 -14.51 -20.56
C VAL C 336 37.70 -14.22 -20.30
N ALA C 337 38.07 -12.94 -20.34
CA ALA C 337 39.48 -12.56 -20.17
C ALA C 337 39.87 -12.41 -18.71
N TRP C 338 39.00 -11.82 -17.88
CA TRP C 338 39.27 -11.66 -16.46
C TRP C 338 37.95 -11.58 -15.68
N ILE C 339 38.01 -11.90 -14.38
CA ILE C 339 36.87 -11.82 -13.47
C ILE C 339 37.34 -11.26 -12.14
N ASN C 340 36.60 -10.28 -11.59
CA ASN C 340 36.82 -9.77 -10.25
C ASN C 340 35.79 -10.39 -9.31
N TYR C 341 36.22 -11.33 -8.49
CA TYR C 341 35.39 -11.90 -7.45
C TYR C 341 36.30 -12.32 -6.31
N PRO C 342 36.28 -11.61 -5.18
CA PRO C 342 37.36 -11.73 -4.19
C PRO C 342 37.54 -13.11 -3.59
N GLU C 343 36.57 -14.00 -3.77
CA GLU C 343 36.66 -15.34 -3.19
C GLU C 343 37.50 -16.27 -4.04
N LEU C 344 37.76 -15.91 -5.29
CA LEU C 344 38.64 -16.70 -6.14
C LEU C 344 40.05 -16.73 -5.53
N GLU C 345 40.66 -17.93 -5.53
CA GLU C 345 41.93 -18.10 -4.84
C GLU C 345 43.04 -17.23 -5.41
N ASP C 346 42.95 -16.89 -6.69
CA ASP C 346 43.95 -16.03 -7.32
C ASP C 346 43.59 -14.56 -7.24
N SER C 347 42.58 -14.19 -6.43
CA SER C 347 42.28 -12.76 -6.28
C SER C 347 43.26 -12.13 -5.28
N PRO C 348 43.67 -10.88 -5.50
CA PRO C 348 44.43 -10.17 -4.44
C PRO C 348 43.69 -10.09 -3.12
N TYR C 349 42.37 -10.29 -3.11
CA TYR C 349 41.55 -10.11 -1.92
C TYR C 349 41.18 -11.41 -1.23
N HIS C 350 41.71 -12.55 -1.70
CA HIS C 350 41.25 -13.84 -1.19
C HIS C 350 41.48 -13.96 0.31
N ASP C 351 42.61 -13.44 0.80
CA ASP C 351 42.90 -13.51 2.23
C ASP C 351 41.88 -12.72 3.03
N LEU C 352 41.54 -11.52 2.57
CA LEU C 352 40.47 -10.77 3.23
C LEU C 352 39.14 -11.51 3.11
N ALA C 353 38.89 -12.19 1.99
CA ALA C 353 37.66 -12.96 1.86
C ALA C 353 37.60 -14.10 2.86
N THR C 354 38.72 -14.82 3.06
CA THR C 354 38.75 -15.91 4.03
C THR C 354 38.61 -15.39 5.45
N LYS C 355 39.20 -14.22 5.75
CA LYS C 355 39.14 -13.70 7.12
C LYS C 355 37.77 -13.13 7.47
N TYR C 356 37.19 -12.32 6.58
CA TYR C 356 36.00 -11.55 6.94
C TYR C 356 34.70 -12.07 6.32
N PHE C 357 34.77 -13.00 5.35
CA PHE C 357 33.58 -13.42 4.59
C PHE C 357 33.45 -14.93 4.54
N PRO C 358 33.27 -15.58 5.70
CA PRO C 358 33.19 -17.05 5.70
C PRO C 358 31.95 -17.60 4.99
N ASN C 359 30.90 -16.81 4.79
CA ASN C 359 29.69 -17.25 4.10
C ASN C 359 29.65 -16.78 2.65
N GLY C 360 30.74 -16.25 2.13
CA GLY C 360 30.82 -15.79 0.76
C GLY C 360 30.88 -14.26 0.68
N VAL C 361 31.11 -13.79 -0.55
CA VAL C 361 31.38 -12.37 -0.79
C VAL C 361 30.31 -11.77 -1.71
N GLY C 362 29.11 -12.32 -1.67
CA GLY C 362 27.99 -11.66 -2.32
C GLY C 362 27.74 -12.14 -3.73
N SER C 363 26.99 -11.33 -4.47
CA SER C 363 26.43 -11.73 -5.77
C SER C 363 26.60 -10.65 -6.83
N ILE C 364 27.53 -9.72 -6.62
CA ILE C 364 27.80 -8.66 -7.60
C ILE C 364 29.29 -8.76 -7.95
N PHE C 365 29.59 -8.92 -9.24
CA PHE C 365 30.98 -9.05 -9.68
C PHE C 365 31.12 -8.42 -11.06
N THR C 366 32.36 -8.31 -11.51
CA THR C 366 32.65 -7.75 -12.83
C THR C 366 33.51 -8.71 -13.63
N LEU C 367 33.52 -8.50 -14.94
CA LEU C 367 34.28 -9.35 -15.84
C LEU C 367 34.53 -8.60 -17.14
N GLY C 368 35.54 -9.06 -17.86
CA GLY C 368 35.78 -8.62 -19.22
C GLY C 368 35.98 -9.82 -20.12
N LEU C 369 35.54 -9.67 -21.36
CA LEU C 369 35.65 -10.72 -22.36
C LEU C 369 36.85 -10.46 -23.27
N THR C 370 37.33 -11.53 -23.91
CA THR C 370 38.50 -11.38 -24.78
C THR C 370 38.20 -10.46 -25.96
N GLY C 371 36.95 -10.43 -26.43
CA GLY C 371 36.60 -9.53 -27.51
C GLY C 371 36.39 -8.09 -27.09
N GLY C 372 36.79 -7.70 -25.88
CA GLY C 372 36.79 -6.33 -25.40
C GLY C 372 35.39 -5.71 -25.36
N GLU C 373 35.35 -4.41 -25.67
CA GLU C 373 34.10 -3.65 -25.57
C GLU C 373 33.04 -4.20 -26.50
N ALA C 374 33.42 -4.50 -27.75
CA ALA C 374 32.45 -4.99 -28.72
C ALA C 374 31.81 -6.28 -28.27
N ALA C 375 32.59 -7.17 -27.65
CA ALA C 375 32.05 -8.44 -27.20
C ALA C 375 31.15 -8.25 -25.98
N GLY C 376 31.53 -7.34 -25.08
CA GLY C 376 30.70 -7.08 -23.92
C GLY C 376 29.32 -6.57 -24.31
N LYS C 377 29.27 -5.64 -25.26
CA LYS C 377 27.99 -5.10 -25.70
C LYS C 377 27.18 -6.14 -26.46
N ALA C 378 27.82 -7.02 -27.23
CA ALA C 378 27.10 -8.07 -27.93
C ALA C 378 26.59 -9.13 -26.96
N LEU C 379 27.35 -9.42 -25.90
CA LEU C 379 26.86 -10.31 -24.86
C LEU C 379 25.50 -9.85 -24.34
N ILE C 380 25.39 -8.56 -23.97
CA ILE C 380 24.13 -8.01 -23.46
C ILE C 380 23.00 -8.23 -24.46
N GLU C 381 23.27 -7.92 -25.73
CA GLU C 381 22.25 -8.04 -26.77
C GLU C 381 21.66 -9.43 -26.85
N HIS C 382 22.45 -10.46 -26.56
CA HIS C 382 21.97 -11.82 -26.82
C HIS C 382 21.38 -12.50 -25.59
N LEU C 383 21.50 -11.88 -24.43
CA LEU C 383 20.98 -12.50 -23.21
C LEU C 383 19.45 -12.38 -23.16
N GLN C 384 18.80 -13.44 -22.70
CA GLN C 384 17.35 -13.48 -22.62
C GLN C 384 16.81 -13.38 -21.21
N LEU C 385 17.57 -13.79 -20.18
CA LEU C 385 17.10 -13.80 -18.81
C LEU C 385 17.63 -12.64 -17.98
N PHE C 386 18.87 -12.20 -18.21
CA PHE C 386 19.41 -11.06 -17.48
C PHE C 386 18.74 -9.78 -17.94
N SER C 387 18.49 -8.86 -17.02
CA SER C 387 17.86 -7.59 -17.33
C SER C 387 18.93 -6.50 -17.45
N LEU C 388 18.84 -5.69 -18.50
CA LEU C 388 19.78 -4.59 -18.72
C LEU C 388 19.32 -3.36 -17.95
N LEU C 389 19.99 -3.08 -16.82
CA LEU C 389 19.74 -1.85 -16.07
C LEU C 389 20.89 -1.65 -15.08
N ALA C 390 20.91 -0.47 -14.45
CA ALA C 390 22.03 -0.02 -13.63
C ALA C 390 21.90 -0.39 -12.16
N ASN C 391 20.95 -1.23 -11.79
CA ASN C 391 20.70 -1.60 -10.40
C ASN C 391 21.46 -2.87 -10.03
N VAL C 392 21.49 -3.16 -8.71
CA VAL C 392 22.04 -4.41 -8.20
C VAL C 392 21.12 -4.95 -7.13
N ALA C 393 21.25 -6.25 -6.84
CA ALA C 393 20.63 -6.89 -5.69
C ALA C 393 19.12 -7.03 -5.82
N ASP C 394 18.63 -7.20 -7.05
CA ASP C 394 17.26 -7.66 -7.29
C ASP C 394 17.22 -9.18 -7.18
N ALA C 395 16.01 -9.71 -7.01
CA ALA C 395 15.80 -11.15 -7.16
C ALA C 395 15.99 -11.58 -8.61
N LYS C 396 15.85 -10.66 -9.55
CA LYS C 396 16.13 -10.88 -10.95
C LYS C 396 17.59 -10.59 -11.23
N SER C 397 18.21 -11.42 -12.07
CA SER C 397 19.61 -11.20 -12.44
C SER C 397 19.74 -10.00 -13.36
N LEU C 398 20.76 -9.17 -13.12
CA LEU C 398 20.95 -7.92 -13.84
C LEU C 398 22.36 -7.84 -14.43
N ILE C 399 22.49 -7.06 -15.49
CA ILE C 399 23.76 -6.91 -16.18
C ILE C 399 23.84 -5.52 -16.76
N ILE C 400 25.08 -5.00 -16.88
CA ILE C 400 25.27 -3.71 -17.52
C ILE C 400 26.70 -3.65 -18.04
N HIS C 401 26.86 -3.01 -19.21
CA HIS C 401 28.15 -2.64 -19.77
C HIS C 401 28.29 -1.13 -19.64
N PRO C 402 28.93 -0.61 -18.59
CA PRO C 402 28.85 0.83 -18.31
C PRO C 402 29.36 1.71 -19.45
N ALA C 403 30.44 1.31 -20.12
CA ALA C 403 31.03 2.14 -21.17
C ALA C 403 30.08 2.39 -22.34
N SER C 404 29.08 1.55 -22.54
CA SER C 404 28.10 1.77 -23.61
C SER C 404 26.76 2.29 -23.08
N THR C 405 26.69 2.66 -21.79
CA THR C 405 25.44 3.16 -21.21
C THR C 405 25.71 4.29 -20.21
N THR C 406 25.70 3.96 -18.92
CA THR C 406 25.78 4.97 -17.87
C THR C 406 27.05 5.81 -17.95
N HIS C 407 28.07 5.35 -18.68
CA HIS C 407 29.33 6.07 -18.81
C HIS C 407 29.69 6.25 -20.28
N ALA C 408 28.68 6.29 -21.16
CA ALA C 408 28.92 6.19 -22.59
C ALA C 408 29.59 7.43 -23.17
N GLN C 409 29.39 8.59 -22.57
CA GLN C 409 29.99 9.83 -23.07
C GLN C 409 31.26 10.18 -22.28
N LEU C 410 32.10 9.18 -22.06
CA LEU C 410 33.35 9.35 -21.34
C LEU C 410 34.43 8.61 -22.12
N ASN C 411 35.56 9.29 -22.38
CA ASN C 411 36.68 8.68 -23.11
C ASN C 411 37.32 7.60 -22.24
N GLU C 412 38.52 7.15 -22.62
CA GLU C 412 39.13 6.06 -21.86
C GLU C 412 39.83 6.57 -20.59
N GLN C 413 40.52 7.72 -20.67
CA GLN C 413 41.05 8.31 -19.44
C GLN C 413 39.91 8.71 -18.52
N GLU C 414 38.81 9.18 -19.09
CA GLU C 414 37.58 9.39 -18.34
C GLU C 414 37.20 8.18 -17.49
N LEU C 415 37.09 7.01 -18.13
CA LEU C 415 36.49 5.85 -17.48
C LEU C 415 37.40 5.28 -16.41
N LEU C 416 38.68 5.06 -16.73
CA LEU C 416 39.57 4.46 -15.73
C LEU C 416 39.72 5.33 -14.49
N ALA C 417 39.47 6.64 -14.62
CA ALA C 417 39.36 7.48 -13.44
C ALA C 417 38.16 7.07 -12.60
N ALA C 418 37.14 6.48 -13.21
CA ALA C 418 35.93 6.02 -12.53
C ALA C 418 35.96 4.51 -12.26
N GLY C 419 37.12 3.87 -12.35
CA GLY C 419 37.21 2.44 -12.13
C GLY C 419 36.59 1.58 -13.21
N VAL C 420 36.39 2.14 -14.42
CA VAL C 420 35.70 1.47 -15.51
C VAL C 420 36.64 1.39 -16.70
N THR C 421 36.65 0.24 -17.36
CA THR C 421 37.39 0.02 -18.60
C THR C 421 36.41 -0.28 -19.73
N PRO C 422 36.81 -0.07 -20.98
CA PRO C 422 35.85 -0.30 -22.09
C PRO C 422 35.29 -1.71 -22.15
N ASP C 423 35.98 -2.71 -21.60
CA ASP C 423 35.48 -4.08 -21.63
C ASP C 423 34.64 -4.44 -20.41
N LEU C 424 34.60 -3.60 -19.38
CA LEU C 424 34.03 -4.00 -18.10
C LEU C 424 32.54 -4.29 -18.23
N ILE C 425 32.14 -5.45 -17.69
CA ILE C 425 30.74 -5.83 -17.54
C ILE C 425 30.51 -6.08 -16.06
N ARG C 426 29.40 -5.56 -15.53
CA ARG C 426 29.00 -5.86 -14.16
C ARG C 426 27.76 -6.74 -14.17
N ILE C 427 27.79 -7.82 -13.40
CA ILE C 427 26.66 -8.73 -13.27
C ILE C 427 26.20 -8.69 -11.82
N SER C 428 24.87 -8.63 -11.62
CA SER C 428 24.26 -8.83 -10.32
C SER C 428 23.41 -10.09 -10.41
N VAL C 429 23.81 -11.12 -9.67
CA VAL C 429 23.18 -12.43 -9.78
C VAL C 429 21.92 -12.46 -8.92
N GLY C 430 20.80 -12.87 -9.54
CA GLY C 430 19.53 -13.04 -8.86
C GLY C 430 19.35 -14.41 -8.24
N VAL C 431 18.10 -14.76 -7.92
CA VAL C 431 17.83 -16.05 -7.29
C VAL C 431 17.04 -16.97 -8.21
N GLU C 432 17.17 -16.75 -9.52
CA GLU C 432 16.70 -17.71 -10.51
C GLU C 432 17.48 -19.02 -10.40
N ASN C 433 17.09 -20.03 -11.19
CA ASN C 433 17.82 -21.29 -11.20
C ASN C 433 19.19 -21.09 -11.87
N ALA C 434 20.26 -21.55 -11.20
CA ALA C 434 21.61 -21.28 -11.68
C ALA C 434 21.85 -21.93 -13.04
N ASP C 435 21.29 -23.12 -13.28
CA ASP C 435 21.47 -23.76 -14.58
C ASP C 435 20.84 -22.92 -15.69
N ASP C 436 19.67 -22.34 -15.44
CA ASP C 436 19.02 -21.48 -16.43
C ASP C 436 19.88 -20.24 -16.74
N LEU C 437 20.45 -19.62 -15.70
CA LEU C 437 21.28 -18.44 -15.93
C LEU C 437 22.54 -18.81 -16.70
N ILE C 438 23.15 -19.95 -16.37
CA ILE C 438 24.37 -20.40 -17.06
C ILE C 438 24.05 -20.72 -18.52
N ALA C 439 22.89 -21.34 -18.78
CA ALA C 439 22.52 -21.63 -20.16
C ALA C 439 22.30 -20.34 -20.97
N ASP C 440 21.71 -19.33 -20.34
CA ASP C 440 21.56 -18.02 -20.99
C ASP C 440 22.93 -17.41 -21.30
N LEU C 441 23.83 -17.42 -20.30
CA LEU C 441 25.17 -16.92 -20.52
C LEU C 441 25.88 -17.69 -21.64
N ASP C 442 25.71 -19.01 -21.65
CA ASP C 442 26.43 -19.86 -22.60
C ASP C 442 25.98 -19.59 -24.03
N GLN C 443 24.66 -19.55 -24.27
CA GLN C 443 24.16 -19.29 -25.62
C GLN C 443 24.50 -17.88 -26.08
N ALA C 444 24.52 -16.91 -25.17
CA ALA C 444 24.90 -15.56 -25.58
C ALA C 444 26.39 -15.52 -25.92
N LEU C 445 27.23 -16.11 -25.07
CA LEU C 445 28.66 -16.10 -25.33
C LEU C 445 28.99 -16.79 -26.65
N ALA C 446 28.24 -17.83 -27.00
CA ALA C 446 28.47 -18.55 -28.25
C ALA C 446 28.38 -17.63 -29.47
N GLN C 447 27.67 -16.51 -29.36
CA GLN C 447 27.44 -15.63 -30.49
C GLN C 447 28.36 -14.43 -30.50
N VAL C 448 29.29 -14.37 -29.57
CA VAL C 448 30.10 -13.19 -29.35
C VAL C 448 31.52 -13.40 -29.89
N ASN D 25 5.74 -21.95 -20.63
CA ASN D 25 7.19 -22.11 -20.44
C ASN D 25 7.88 -22.51 -21.75
N PRO D 26 7.81 -21.66 -22.77
CA PRO D 26 8.32 -22.06 -24.09
C PRO D 26 9.81 -22.38 -24.13
N GLU D 27 10.61 -21.83 -23.20
CA GLU D 27 12.05 -22.06 -23.21
C GLU D 27 12.50 -22.99 -22.08
N ASN D 28 11.56 -23.70 -21.45
CA ASN D 28 11.87 -24.76 -20.48
C ASN D 28 12.77 -24.24 -19.35
N TYR D 29 12.21 -23.31 -18.57
CA TYR D 29 12.87 -22.81 -17.39
C TYR D 29 12.55 -23.72 -16.20
N HIS D 30 13.46 -23.72 -15.21
CA HIS D 30 13.25 -24.40 -13.94
C HIS D 30 12.41 -23.54 -12.99
N PHE D 31 11.95 -24.20 -11.92
CA PHE D 31 11.02 -23.62 -10.94
C PHE D 31 11.49 -22.25 -10.43
N GLU D 32 12.76 -22.16 -10.02
CA GLU D 32 13.24 -20.93 -9.40
C GLU D 32 13.23 -19.75 -10.37
N THR D 33 13.49 -20.01 -11.66
CA THR D 33 13.41 -18.95 -12.65
C THR D 33 11.97 -18.54 -12.89
N LEU D 34 11.07 -19.51 -12.93
CA LEU D 34 9.64 -19.20 -13.10
C LEU D 34 9.10 -18.38 -11.94
N GLN D 35 9.45 -18.72 -10.69
CA GLN D 35 8.84 -17.98 -9.58
C GLN D 35 9.31 -16.53 -9.55
N VAL D 36 10.40 -16.23 -10.24
CA VAL D 36 10.90 -14.86 -10.30
C VAL D 36 10.35 -14.13 -11.52
N HIS D 37 10.14 -14.83 -12.64
CA HIS D 37 9.88 -14.17 -13.92
C HIS D 37 8.53 -14.46 -14.56
N ALA D 38 7.96 -15.67 -14.41
CA ALA D 38 6.82 -16.06 -15.22
C ALA D 38 5.68 -15.06 -15.09
N GLY D 39 5.04 -14.76 -16.22
CA GLY D 39 3.88 -13.88 -16.26
C GLY D 39 4.20 -12.40 -16.27
N GLN D 40 5.45 -12.02 -16.03
CA GLN D 40 5.82 -10.62 -15.87
C GLN D 40 6.45 -10.11 -17.16
N THR D 41 5.97 -8.96 -17.63
CA THR D 41 6.56 -8.27 -18.76
C THR D 41 6.93 -6.85 -18.36
N VAL D 42 7.76 -6.22 -19.17
CA VAL D 42 8.19 -4.85 -18.96
C VAL D 42 7.30 -3.95 -19.80
N ASP D 43 6.69 -2.94 -19.18
CA ASP D 43 5.76 -2.09 -19.90
C ASP D 43 6.53 -0.92 -20.53
N GLU D 44 5.79 0.09 -21.00
CA GLU D 44 6.40 1.18 -21.75
C GLU D 44 7.30 2.06 -20.90
N THR D 45 7.09 2.10 -19.58
CA THR D 45 7.97 2.86 -18.69
C THR D 45 9.29 2.15 -18.42
N GLY D 46 9.39 0.86 -18.72
CA GLY D 46 10.55 0.08 -18.39
C GLY D 46 10.61 -0.43 -16.96
N ALA D 47 9.60 -0.12 -16.14
CA ALA D 47 9.61 -0.50 -14.73
C ALA D 47 9.93 -1.97 -14.57
N ARG D 48 10.95 -2.26 -13.76
CA ARG D 48 11.40 -3.64 -13.59
C ARG D 48 10.50 -4.42 -12.63
N ALA D 49 9.89 -3.75 -11.66
CA ALA D 49 8.90 -4.39 -10.80
C ALA D 49 7.49 -4.17 -11.37
N VAL D 50 6.58 -5.06 -11.02
CA VAL D 50 5.20 -4.98 -11.51
C VAL D 50 4.49 -3.81 -10.82
N PRO D 51 3.98 -2.84 -11.56
CA PRO D 51 3.27 -1.74 -10.91
C PRO D 51 2.00 -2.25 -10.24
N ILE D 52 1.57 -1.54 -9.20
CA ILE D 52 0.31 -1.86 -8.53
C ILE D 52 -0.81 -1.09 -9.24
N TYR D 53 -1.62 -1.81 -10.02
CA TYR D 53 -2.72 -1.18 -10.76
C TYR D 53 -3.95 -1.08 -9.86
N GLN D 54 -3.87 -0.14 -8.90
CA GLN D 54 -4.97 0.13 -7.98
C GLN D 54 -6.00 1.02 -8.72
N THR D 55 -6.72 0.37 -9.63
CA THR D 55 -7.68 1.04 -10.49
C THR D 55 -8.91 0.15 -10.57
N THR D 56 -10.08 0.77 -10.69
CA THR D 56 -11.29 -0.01 -10.91
C THR D 56 -11.67 -0.11 -12.38
N SER D 57 -11.09 0.71 -13.26
CA SER D 57 -11.54 0.64 -14.65
C SER D 57 -10.43 1.13 -15.57
N TYR D 58 -10.69 0.96 -16.86
CA TYR D 58 -9.73 1.15 -17.94
C TYR D 58 -10.46 1.86 -19.08
N VAL D 59 -9.85 2.91 -19.61
CA VAL D 59 -10.45 3.64 -20.72
C VAL D 59 -10.60 2.71 -21.92
N PHE D 60 -11.75 2.79 -22.60
CA PHE D 60 -11.93 2.03 -23.83
C PHE D 60 -11.04 2.63 -24.92
N LYS D 61 -10.35 1.77 -25.66
CA LYS D 61 -9.43 2.22 -26.71
C LYS D 61 -9.98 1.98 -28.11
N ARG D 81 -12.56 -7.10 -20.76
CA ARG D 81 -11.29 -6.82 -20.11
C ARG D 81 -11.44 -6.76 -18.59
N LEU D 82 -10.99 -5.65 -18.02
CA LEU D 82 -10.98 -5.40 -16.58
C LEU D 82 -10.17 -6.46 -15.83
N THR D 83 -9.52 -7.37 -16.54
CA THR D 83 -8.46 -8.16 -15.91
C THR D 83 -7.37 -7.23 -15.42
N ASN D 84 -7.02 -7.36 -14.16
CA ASN D 84 -6.06 -6.43 -13.58
C ASN D 84 -4.63 -6.83 -13.98
N PRO D 85 -3.79 -5.88 -14.43
CA PRO D 85 -2.43 -6.26 -14.88
C PRO D 85 -1.51 -6.74 -13.76
N THR D 86 -1.68 -6.22 -12.53
CA THR D 86 -0.91 -6.78 -11.40
C THR D 86 -1.33 -8.23 -11.15
N THR D 87 -2.64 -8.46 -10.98
CA THR D 87 -3.17 -9.79 -10.67
C THR D 87 -2.91 -10.77 -11.81
N ASP D 88 -2.89 -10.27 -13.05
CA ASP D 88 -2.56 -11.12 -14.21
C ASP D 88 -1.20 -11.81 -14.04
N VAL D 89 -0.23 -11.14 -13.43
CA VAL D 89 1.05 -11.81 -13.23
C VAL D 89 0.92 -12.98 -12.26
N VAL D 90 0.16 -12.79 -11.17
CA VAL D 90 -0.12 -13.88 -10.24
C VAL D 90 -0.78 -15.05 -10.96
N ASP D 91 -1.86 -14.78 -11.71
CA ASP D 91 -2.53 -15.83 -12.48
C ASP D 91 -1.52 -16.65 -13.25
N LYS D 92 -0.69 -15.99 -14.05
CA LYS D 92 0.20 -16.71 -14.94
C LYS D 92 1.35 -17.37 -14.18
N ARG D 93 1.85 -16.72 -13.12
CA ARG D 93 3.02 -17.25 -12.42
C ARG D 93 2.66 -18.54 -11.67
N VAL D 94 1.56 -18.54 -10.91
CA VAL D 94 1.15 -19.74 -10.19
C VAL D 94 0.82 -20.86 -11.16
N ALA D 95 0.14 -20.55 -12.27
CA ALA D 95 -0.14 -21.56 -13.29
C ALA D 95 1.15 -22.15 -13.83
N ALA D 96 2.11 -21.31 -14.21
CA ALA D 96 3.41 -21.82 -14.64
C ALA D 96 4.05 -22.71 -13.58
N LEU D 97 4.03 -22.28 -12.31
CA LEU D 97 4.70 -23.06 -11.27
C LEU D 97 4.05 -24.43 -11.09
N GLU D 98 2.72 -24.50 -11.23
CA GLU D 98 2.01 -25.78 -11.14
C GLU D 98 2.06 -26.57 -12.44
N HIS D 99 2.78 -26.08 -13.45
CA HIS D 99 2.82 -26.68 -14.78
C HIS D 99 1.41 -26.82 -15.36
N GLY D 100 0.56 -25.82 -15.11
CA GLY D 100 -0.78 -25.76 -15.67
C GLY D 100 -0.82 -24.79 -16.83
N THR D 101 -2.01 -24.67 -17.42
CA THR D 101 -2.14 -23.85 -18.61
C THR D 101 -2.74 -22.47 -18.35
N ALA D 102 -3.50 -22.30 -17.28
CA ALA D 102 -4.10 -21.00 -17.01
C ALA D 102 -4.51 -20.93 -15.55
N GLY D 103 -4.60 -19.70 -15.05
CA GLY D 103 -4.92 -19.47 -13.66
C GLY D 103 -5.84 -18.29 -13.49
N VAL D 104 -6.49 -18.24 -12.33
CA VAL D 104 -7.28 -17.08 -11.95
C VAL D 104 -7.20 -16.91 -10.44
N THR D 105 -7.10 -15.67 -9.99
CA THR D 105 -6.82 -15.34 -8.60
C THR D 105 -8.04 -14.67 -8.00
N LEU D 106 -8.34 -15.03 -6.74
CA LEU D 106 -9.52 -14.54 -6.03
C LEU D 106 -9.11 -14.04 -4.63
N ALA D 107 -10.09 -13.54 -3.89
CA ALA D 107 -9.83 -12.83 -2.63
C ALA D 107 -9.17 -13.73 -1.60
N THR D 108 -9.55 -15.01 -1.54
CA THR D 108 -9.10 -15.93 -0.50
C THR D 108 -9.07 -17.34 -1.08
N GLY D 109 -8.42 -18.25 -0.36
CA GLY D 109 -8.52 -19.65 -0.72
C GLY D 109 -9.96 -20.14 -0.67
N SER D 110 -10.72 -19.69 0.34
CA SER D 110 -12.12 -20.08 0.49
C SER D 110 -12.92 -19.70 -0.75
N ALA D 111 -12.66 -18.49 -1.28
CA ALA D 111 -13.35 -18.05 -2.48
C ALA D 111 -12.90 -18.82 -3.71
N ALA D 112 -11.61 -19.17 -3.77
CA ALA D 112 -11.09 -19.97 -4.88
C ALA D 112 -11.74 -21.35 -4.91
N ILE D 113 -11.87 -21.98 -3.75
CA ILE D 113 -12.53 -23.29 -3.67
C ILE D 113 -14.01 -23.16 -4.03
N THR D 114 -14.68 -22.14 -3.48
CA THR D 114 -16.07 -21.88 -3.80
C THR D 114 -16.29 -21.76 -5.31
N ALA D 115 -15.47 -20.94 -5.97
CA ALA D 115 -15.63 -20.72 -7.40
C ALA D 115 -15.29 -21.95 -8.21
N ALA D 116 -14.30 -22.75 -7.78
CA ALA D 116 -13.99 -23.96 -8.53
C ALA D 116 -15.15 -24.95 -8.47
N ILE D 117 -15.81 -25.06 -7.32
CA ILE D 117 -16.97 -25.95 -7.21
C ILE D 117 -18.16 -25.37 -8.00
N LEU D 118 -18.49 -24.09 -7.80
CA LEU D 118 -19.64 -23.53 -8.51
C LEU D 118 -19.42 -23.53 -10.00
N ASN D 119 -18.16 -23.56 -10.44
CA ASN D 119 -17.87 -23.56 -11.87
C ASN D 119 -18.37 -24.84 -12.55
N ILE D 120 -18.46 -25.95 -11.82
CA ILE D 120 -18.84 -27.24 -12.42
C ILE D 120 -20.03 -27.89 -11.72
N ALA D 121 -20.59 -27.28 -10.68
CA ALA D 121 -21.69 -27.90 -9.93
C ALA D 121 -22.79 -26.89 -9.66
N GLN D 122 -24.04 -27.30 -9.89
CA GLN D 122 -25.17 -26.48 -9.47
C GLN D 122 -26.19 -27.29 -8.69
N GLN D 123 -27.39 -26.75 -8.52
CA GLN D 123 -28.46 -27.44 -7.79
C GLN D 123 -28.66 -28.84 -8.34
N GLY D 124 -28.64 -29.83 -7.45
CA GLY D 124 -28.78 -31.23 -7.84
C GLY D 124 -27.50 -31.96 -8.12
N ASP D 125 -26.37 -31.27 -8.23
CA ASP D 125 -25.10 -31.90 -8.52
C ASP D 125 -24.43 -32.38 -7.23
N GLU D 126 -23.40 -33.20 -7.38
CA GLU D 126 -22.75 -33.80 -6.21
C GLU D 126 -21.24 -33.76 -6.35
N ILE D 127 -20.58 -33.75 -5.20
CA ILE D 127 -19.12 -33.78 -5.10
C ILE D 127 -18.76 -34.93 -4.19
N VAL D 128 -17.66 -35.61 -4.47
CA VAL D 128 -17.15 -36.63 -3.57
C VAL D 128 -15.79 -36.17 -3.06
N ALA D 129 -15.73 -35.83 -1.78
CA ALA D 129 -14.54 -35.27 -1.16
C ALA D 129 -13.98 -36.22 -0.11
N ALA D 130 -12.67 -36.07 0.13
CA ALA D 130 -12.06 -36.74 1.27
C ALA D 130 -12.69 -36.23 2.57
N ASN D 131 -12.80 -37.12 3.56
CA ASN D 131 -13.33 -36.69 4.85
C ASN D 131 -12.27 -36.10 5.77
N THR D 132 -11.05 -35.93 5.28
CA THR D 132 -9.98 -35.32 6.07
C THR D 132 -9.71 -33.89 5.62
N LEU D 133 -10.77 -33.10 5.47
CA LEU D 133 -10.68 -31.76 4.90
C LEU D 133 -10.34 -30.74 5.97
N TYR D 134 -9.63 -29.69 5.54
CA TYR D 134 -9.55 -28.46 6.30
C TYR D 134 -10.95 -28.08 6.80
N GLY D 135 -11.02 -27.67 8.08
CA GLY D 135 -12.32 -27.39 8.67
C GLY D 135 -13.13 -26.36 7.90
N GLY D 136 -12.48 -25.29 7.45
CA GLY D 136 -13.20 -24.28 6.68
C GLY D 136 -13.80 -24.84 5.40
N THR D 137 -13.11 -25.78 4.76
CA THR D 137 -13.66 -26.38 3.54
C THR D 137 -14.80 -27.33 3.85
N TYR D 138 -14.69 -28.10 4.94
CA TYR D 138 -15.80 -28.94 5.36
C TYR D 138 -17.06 -28.10 5.59
N ASP D 139 -16.93 -26.98 6.31
CA ASP D 139 -18.07 -26.12 6.56
C ASP D 139 -18.67 -25.61 5.26
N LEU D 140 -17.83 -25.24 4.29
CA LEU D 140 -18.31 -24.77 2.99
C LEU D 140 -19.16 -25.83 2.30
N PHE D 141 -18.65 -27.07 2.23
CA PHE D 141 -19.36 -28.14 1.53
C PHE D 141 -20.62 -28.56 2.30
N SER D 142 -20.52 -28.61 3.63
CA SER D 142 -21.58 -29.15 4.47
C SER D 142 -22.61 -28.12 4.88
N VAL D 143 -22.34 -26.81 4.72
CA VAL D 143 -23.32 -25.82 5.09
C VAL D 143 -23.73 -24.97 3.88
N THR D 144 -22.85 -24.04 3.48
CA THR D 144 -23.23 -23.07 2.44
C THR D 144 -23.64 -23.77 1.14
N LEU D 145 -22.85 -24.73 0.69
CA LEU D 145 -23.14 -25.33 -0.61
C LEU D 145 -24.29 -26.33 -0.53
N LYS D 146 -24.43 -27.03 0.60
CA LYS D 146 -25.52 -27.99 0.74
C LYS D 146 -26.87 -27.26 0.69
N LYS D 147 -26.95 -26.09 1.33
CA LYS D 147 -28.15 -25.26 1.26
C LYS D 147 -28.52 -24.88 -0.16
N LEU D 148 -27.57 -24.88 -1.09
CA LEU D 148 -27.79 -24.49 -2.48
C LEU D 148 -27.90 -25.68 -3.42
N GLY D 149 -28.25 -26.85 -2.89
CA GLY D 149 -28.54 -28.00 -3.71
C GLY D 149 -27.34 -28.81 -4.15
N ILE D 150 -26.16 -28.52 -3.62
CA ILE D 150 -24.95 -29.27 -3.96
C ILE D 150 -24.65 -30.19 -2.79
N THR D 151 -24.69 -31.49 -3.05
CA THR D 151 -24.47 -32.49 -2.01
C THR D 151 -23.07 -33.04 -2.12
N THR D 152 -22.37 -33.12 -0.99
CA THR D 152 -21.02 -33.66 -0.97
C THR D 152 -21.00 -34.91 -0.11
N HIS D 153 -20.44 -35.99 -0.67
CA HIS D 153 -20.17 -37.20 0.08
C HIS D 153 -18.71 -37.20 0.52
N PHE D 154 -18.49 -37.52 1.79
CA PHE D 154 -17.15 -37.54 2.39
C PHE D 154 -16.72 -38.98 2.59
N VAL D 155 -15.55 -39.34 2.05
CA VAL D 155 -15.10 -40.72 2.06
C VAL D 155 -13.69 -40.79 2.63
N ASP D 156 -13.31 -41.97 3.09
CA ASP D 156 -11.97 -42.21 3.62
C ASP D 156 -10.96 -42.22 2.48
N PRO D 157 -10.07 -41.23 2.38
CA PRO D 157 -9.16 -41.16 1.22
C PRO D 157 -8.00 -42.14 1.28
N ASP D 158 -7.81 -42.89 2.36
CA ASP D 158 -6.74 -43.88 2.40
C ASP D 158 -6.94 -44.97 1.35
N GLU D 159 -8.18 -45.21 0.96
CA GLU D 159 -8.50 -46.22 -0.05
C GLU D 159 -9.17 -45.53 -1.23
N PRO D 160 -8.48 -45.36 -2.37
CA PRO D 160 -9.07 -44.63 -3.50
C PRO D 160 -10.38 -45.24 -3.97
N ALA D 161 -10.58 -46.56 -3.83
CA ALA D 161 -11.86 -47.17 -4.19
C ALA D 161 -13.03 -46.49 -3.50
N ASN D 162 -12.80 -45.89 -2.33
CA ASN D 162 -13.90 -45.25 -1.62
C ASN D 162 -14.49 -44.08 -2.40
N PHE D 163 -13.67 -43.42 -3.24
CA PHE D 163 -14.18 -42.39 -4.13
C PHE D 163 -15.10 -42.98 -5.19
N GLU D 164 -14.67 -44.07 -5.84
CA GLU D 164 -15.53 -44.70 -6.83
C GLU D 164 -16.85 -45.16 -6.23
N THR D 165 -16.82 -45.63 -4.97
CA THR D 165 -18.04 -46.09 -4.31
C THR D 165 -19.13 -45.04 -4.31
N ALA D 166 -18.75 -43.78 -4.11
CA ALA D 166 -19.73 -42.71 -3.92
C ALA D 166 -20.08 -41.98 -5.20
N ILE D 167 -19.49 -42.36 -6.33
CA ILE D 167 -19.77 -41.67 -7.58
C ILE D 167 -21.12 -42.13 -8.12
N ASN D 168 -21.93 -41.20 -8.59
CA ASN D 168 -23.16 -41.55 -9.31
C ASN D 168 -23.30 -40.58 -10.48
N ASP D 169 -24.49 -40.53 -11.07
CA ASP D 169 -24.62 -39.69 -12.25
C ASP D 169 -24.74 -38.21 -11.92
N HIS D 170 -24.84 -37.85 -10.64
CA HIS D 170 -24.81 -36.45 -10.23
C HIS D 170 -23.40 -35.93 -9.97
N THR D 171 -22.45 -36.82 -9.75
CA THR D 171 -21.09 -36.42 -9.35
C THR D 171 -20.45 -35.57 -10.43
N LYS D 172 -19.96 -34.39 -10.04
CA LYS D 172 -19.26 -33.51 -10.96
C LYS D 172 -17.77 -33.34 -10.65
N ALA D 173 -17.28 -33.79 -9.50
CA ALA D 173 -15.84 -33.74 -9.24
C ALA D 173 -15.49 -34.62 -8.06
N LEU D 174 -14.22 -35.05 -8.03
CA LEU D 174 -13.58 -35.57 -6.83
C LEU D 174 -12.66 -34.50 -6.28
N TYR D 175 -12.63 -34.38 -4.95
CA TYR D 175 -11.91 -33.30 -4.29
C TYR D 175 -11.09 -33.85 -3.12
N VAL D 176 -9.79 -33.52 -3.11
CA VAL D 176 -8.88 -33.87 -2.01
C VAL D 176 -7.94 -32.69 -1.76
N GLU D 177 -7.26 -32.75 -0.62
CA GLU D 177 -6.12 -31.90 -0.34
C GLU D 177 -4.84 -32.72 -0.47
N SER D 178 -3.77 -32.06 -0.93
CA SER D 178 -2.49 -32.73 -1.11
C SER D 178 -1.97 -33.30 0.20
N ILE D 179 -2.12 -32.55 1.29
CA ILE D 179 -1.65 -32.96 2.61
C ILE D 179 -2.77 -32.59 3.56
N GLY D 180 -3.38 -33.58 4.19
CA GLY D 180 -4.60 -33.35 4.92
C GLY D 180 -4.39 -32.67 6.26
N ASN D 181 -5.47 -32.10 6.79
CA ASN D 181 -5.37 -31.35 8.04
C ASN D 181 -6.59 -31.73 8.87
N PRO D 182 -6.42 -32.25 10.10
CA PRO D 182 -5.14 -32.32 10.83
C PRO D 182 -4.41 -33.66 10.84
N GLY D 183 -4.79 -34.61 9.98
CA GLY D 183 -4.11 -35.90 9.97
C GLY D 183 -2.72 -35.89 9.35
N ILE D 184 -2.39 -34.85 8.58
CA ILE D 184 -1.17 -34.78 7.77
C ILE D 184 -1.09 -36.01 6.88
N ASN D 185 -2.22 -36.42 6.33
CA ASN D 185 -2.32 -37.64 5.54
C ASN D 185 -2.15 -37.33 4.07
N LEU D 186 -1.54 -38.27 3.35
CA LEU D 186 -1.29 -38.15 1.92
C LEU D 186 -2.26 -39.03 1.15
N VAL D 187 -2.37 -38.77 -0.16
CA VAL D 187 -3.34 -39.47 -1.01
C VAL D 187 -2.68 -39.82 -2.33
N ASP D 188 -3.16 -40.90 -2.94
CA ASP D 188 -2.59 -41.42 -4.19
C ASP D 188 -3.25 -40.68 -5.35
N PHE D 189 -2.61 -39.58 -5.75
CA PHE D 189 -3.16 -38.69 -6.78
C PHE D 189 -3.51 -39.47 -8.05
N GLU D 190 -2.58 -40.28 -8.53
CA GLU D 190 -2.79 -40.95 -9.81
C GLU D 190 -3.95 -41.93 -9.74
N ALA D 191 -4.09 -42.65 -8.62
CA ALA D 191 -5.19 -43.60 -8.47
C ALA D 191 -6.54 -42.89 -8.45
N ILE D 192 -6.66 -41.85 -7.63
CA ILE D 192 -7.91 -41.09 -7.57
C ILE D 192 -8.19 -40.43 -8.91
N GLY D 193 -7.16 -39.87 -9.54
CA GLY D 193 -7.34 -39.27 -10.84
C GLY D 193 -7.86 -40.26 -11.88
N LYS D 194 -7.38 -41.50 -11.84
CA LYS D 194 -7.85 -42.48 -12.81
C LYS D 194 -9.33 -42.80 -12.61
N ILE D 195 -9.77 -42.89 -11.34
CA ILE D 195 -11.18 -43.12 -11.08
C ILE D 195 -12.03 -41.98 -11.64
N ALA D 196 -11.63 -40.73 -11.35
CA ALA D 196 -12.33 -39.57 -11.87
C ALA D 196 -12.47 -39.64 -13.39
N HIS D 197 -11.36 -39.88 -14.09
CA HIS D 197 -11.39 -39.83 -15.54
C HIS D 197 -12.06 -41.05 -16.14
N ASP D 198 -12.00 -42.21 -15.45
CA ASP D 198 -12.79 -43.36 -15.91
C ASP D 198 -14.28 -43.04 -15.89
N HIS D 199 -14.70 -42.10 -15.04
CA HIS D 199 -16.10 -41.71 -14.93
C HIS D 199 -16.39 -40.40 -15.64
N GLY D 200 -15.45 -39.87 -16.42
CA GLY D 200 -15.63 -38.63 -17.15
C GLY D 200 -15.81 -37.39 -16.29
N ILE D 201 -15.25 -37.37 -15.09
CA ILE D 201 -15.37 -36.20 -14.22
C ILE D 201 -13.98 -35.72 -13.83
N ILE D 202 -13.92 -34.47 -13.37
CA ILE D 202 -12.63 -33.84 -13.11
C ILE D 202 -12.20 -34.11 -11.68
N PHE D 203 -10.91 -33.96 -11.44
CA PHE D 203 -10.27 -34.20 -10.15
C PHE D 203 -9.65 -32.89 -9.69
N ILE D 204 -10.12 -32.37 -8.55
CA ILE D 204 -9.68 -31.08 -8.01
C ILE D 204 -8.82 -31.33 -6.77
N VAL D 205 -7.65 -30.69 -6.70
CA VAL D 205 -6.72 -30.84 -5.57
C VAL D 205 -6.42 -29.46 -4.97
N ASP D 206 -6.70 -29.33 -3.67
CA ASP D 206 -6.22 -28.19 -2.88
C ASP D 206 -4.77 -28.45 -2.48
N ASN D 207 -3.84 -27.74 -3.12
CA ASN D 207 -2.41 -27.91 -2.89
C ASN D 207 -1.82 -26.86 -1.95
N THR D 208 -2.66 -26.25 -1.09
CA THR D 208 -2.15 -25.22 -0.18
C THR D 208 -0.95 -25.70 0.62
N PHE D 209 -1.08 -26.86 1.27
CA PHE D 209 -0.02 -27.34 2.16
C PHE D 209 1.22 -27.79 1.40
N GLY D 210 1.08 -28.25 0.16
CA GLY D 210 2.23 -28.69 -0.60
C GLY D 210 3.03 -27.58 -1.26
N THR D 211 2.34 -26.63 -1.89
CA THR D 211 2.89 -25.65 -2.83
C THR D 211 3.36 -26.37 -4.09
N PRO D 212 3.37 -25.71 -5.24
CA PRO D 212 3.90 -26.36 -6.46
C PRO D 212 5.36 -26.77 -6.35
N TYR D 213 6.09 -26.26 -5.36
CA TYR D 213 7.47 -26.70 -5.21
C TYR D 213 7.56 -28.14 -4.69
N LEU D 214 6.62 -28.57 -3.86
CA LEU D 214 6.73 -29.90 -3.27
C LEU D 214 5.98 -30.96 -4.06
N VAL D 215 4.91 -30.58 -4.77
CA VAL D 215 4.17 -31.52 -5.61
C VAL D 215 3.32 -30.72 -6.58
N ARG D 216 3.14 -31.27 -7.78
CA ARG D 216 2.37 -30.61 -8.83
C ARG D 216 1.26 -31.57 -9.23
N PRO D 217 0.11 -31.54 -8.54
CA PRO D 217 -0.91 -32.56 -8.77
C PRO D 217 -1.38 -32.63 -10.22
N LEU D 218 -1.34 -31.51 -10.97
CA LEU D 218 -1.71 -31.57 -12.38
C LEU D 218 -0.83 -32.55 -13.17
N GLU D 219 0.36 -32.89 -12.69
CA GLU D 219 1.19 -33.88 -13.34
C GLU D 219 0.93 -35.29 -12.86
N HIS D 220 -0.03 -35.49 -11.95
CA HIS D 220 -0.30 -36.78 -11.35
C HIS D 220 -1.79 -37.10 -11.35
N GLY D 221 -2.54 -36.55 -12.31
CA GLY D 221 -3.94 -36.91 -12.46
C GLY D 221 -4.94 -35.82 -12.15
N ALA D 222 -4.54 -34.73 -11.50
CA ALA D 222 -5.49 -33.65 -11.21
C ALA D 222 -5.72 -32.81 -12.46
N ASP D 223 -6.94 -32.26 -12.58
CA ASP D 223 -7.27 -31.31 -13.63
C ASP D 223 -7.30 -29.87 -13.16
N VAL D 224 -7.56 -29.63 -11.88
CA VAL D 224 -7.66 -28.29 -11.32
C VAL D 224 -6.97 -28.32 -9.97
N VAL D 225 -6.10 -27.34 -9.71
CA VAL D 225 -5.43 -27.17 -8.42
C VAL D 225 -5.84 -25.83 -7.86
N VAL D 226 -6.24 -25.81 -6.57
CA VAL D 226 -6.56 -24.58 -5.88
C VAL D 226 -5.56 -24.35 -4.76
N HIS D 227 -5.40 -23.08 -4.39
CA HIS D 227 -4.47 -22.66 -3.36
C HIS D 227 -5.12 -21.60 -2.51
N SER D 228 -4.92 -21.70 -1.20
CA SER D 228 -4.98 -20.53 -0.35
C SER D 228 -3.60 -19.89 -0.41
N ALA D 229 -3.44 -18.88 -1.27
CA ALA D 229 -2.16 -18.16 -1.38
C ALA D 229 -1.85 -17.39 -0.12
N THR D 230 -2.81 -17.28 0.79
CA THR D 230 -2.65 -16.70 2.12
C THR D 230 -1.53 -17.37 2.91
N PHE D 232 1.58 -20.39 2.23
CA PHE D 232 3.00 -20.33 1.82
C PHE D 232 3.32 -19.33 0.71
N ILE D 233 2.39 -19.13 -0.23
CA ILE D 233 2.69 -18.27 -1.37
C ILE D 233 2.92 -16.83 -0.91
N GLY D 234 2.04 -16.32 -0.04
CA GLY D 234 2.30 -15.02 0.56
C GLY D 234 3.54 -15.07 1.45
N GLY D 235 3.56 -16.01 2.37
CA GLY D 235 4.76 -16.38 3.08
C GLY D 235 4.97 -15.71 4.42
N HIS D 236 4.20 -14.66 4.75
CA HIS D 236 4.51 -13.81 5.90
C HIS D 236 3.30 -13.48 6.75
N GLY D 237 2.17 -14.17 6.56
CA GLY D 237 0.98 -13.89 7.35
C GLY D 237 0.43 -12.50 7.17
N THR D 238 0.63 -11.86 6.01
CA THR D 238 0.09 -10.51 5.79
C THR D 238 -1.13 -10.44 4.89
N THR D 239 -1.28 -11.37 3.94
CA THR D 239 -2.01 -11.07 2.70
C THR D 239 -2.86 -12.26 2.30
N MET D 240 -4.17 -12.06 2.23
CA MET D 240 -5.05 -13.13 1.77
C MET D 240 -5.14 -13.19 0.24
N GLY D 241 -5.30 -14.40 -0.26
CA GLY D 241 -5.55 -14.60 -1.68
C GLY D 241 -5.84 -16.06 -1.94
N GLY D 242 -6.46 -16.32 -3.08
CA GLY D 242 -6.66 -17.70 -3.52
C GLY D 242 -6.45 -17.77 -5.01
N VAL D 243 -6.04 -18.96 -5.49
CA VAL D 243 -5.74 -19.14 -6.91
C VAL D 243 -6.31 -20.46 -7.38
N ILE D 244 -6.78 -20.49 -8.62
CA ILE D 244 -7.25 -21.69 -9.30
C ILE D 244 -6.39 -21.87 -10.54
N VAL D 245 -5.85 -23.07 -10.71
CA VAL D 245 -5.06 -23.40 -11.90
C VAL D 245 -5.69 -24.62 -12.57
N GLU D 246 -5.84 -24.56 -13.88
CA GLU D 246 -6.27 -25.71 -14.66
C GLU D 246 -5.09 -26.29 -15.44
N GLY D 247 -5.19 -27.58 -15.75
CA GLY D 247 -4.12 -28.30 -16.42
C GLY D 247 -4.29 -28.46 -17.91
N GLY D 248 -5.51 -28.25 -18.43
CA GLY D 248 -5.72 -28.25 -19.86
C GLY D 248 -5.72 -29.59 -20.55
N GLN D 249 -5.85 -30.68 -19.80
CA GLN D 249 -5.85 -32.03 -20.36
C GLN D 249 -7.22 -32.69 -20.36
N PHE D 250 -8.26 -32.07 -19.78
CA PHE D 250 -9.56 -32.70 -19.64
C PHE D 250 -10.44 -32.41 -20.85
N ASP D 251 -10.96 -33.48 -21.46
CA ASP D 251 -11.76 -33.36 -22.69
C ASP D 251 -13.23 -33.20 -22.30
N TRP D 252 -13.69 -31.95 -22.23
CA TRP D 252 -15.07 -31.65 -21.85
C TRP D 252 -16.07 -32.35 -22.75
N ARG D 253 -15.83 -32.30 -24.07
CA ARG D 253 -16.79 -32.86 -25.02
CA ARG D 253 -16.80 -32.86 -25.02
C ARG D 253 -16.88 -34.38 -24.88
N ALA D 254 -15.74 -35.05 -24.67
CA ALA D 254 -15.78 -36.50 -24.52
C ALA D 254 -16.51 -36.91 -23.25
N SER D 255 -16.42 -36.11 -22.20
CA SER D 255 -17.05 -36.48 -20.93
C SER D 255 -18.56 -36.54 -21.07
N GLY D 256 -19.17 -35.48 -21.60
CA GLY D 256 -20.61 -35.37 -21.69
C GLY D 256 -21.30 -34.80 -20.46
N LYS D 257 -20.61 -34.74 -19.32
CA LYS D 257 -21.25 -34.37 -18.06
C LYS D 257 -21.11 -32.88 -17.73
N TYR D 258 -20.58 -32.08 -18.65
CA TYR D 258 -20.43 -30.63 -18.46
C TYR D 258 -21.02 -29.88 -19.64
N PRO D 259 -22.34 -30.02 -19.88
CA PRO D 259 -22.93 -29.33 -21.06
C PRO D 259 -22.74 -27.81 -21.06
N ASP D 260 -22.62 -27.17 -19.89
CA ASP D 260 -22.35 -25.73 -19.88
C ASP D 260 -20.99 -25.38 -20.46
N PHE D 261 -20.09 -26.36 -20.56
CA PHE D 261 -18.80 -26.11 -21.22
C PHE D 261 -18.86 -26.29 -22.73
N THR D 262 -19.83 -27.05 -23.24
CA THR D 262 -19.89 -27.40 -24.66
C THR D 262 -21.02 -26.70 -25.42
N THR D 263 -21.93 -26.03 -24.73
CA THR D 263 -23.07 -25.45 -25.43
C THR D 263 -22.83 -23.96 -25.67
N PRO D 264 -23.12 -23.44 -26.86
CA PRO D 264 -22.95 -22.00 -27.09
C PRO D 264 -23.74 -21.19 -26.07
N ASP D 265 -23.07 -20.22 -25.46
CA ASP D 265 -23.66 -19.44 -24.39
C ASP D 265 -24.17 -18.12 -24.94
N PRO D 266 -25.49 -17.88 -24.96
CA PRO D 266 -25.99 -16.60 -25.50
C PRO D 266 -25.51 -15.41 -24.69
N GLN D 267 -25.20 -15.61 -23.41
CA GLN D 267 -24.69 -14.52 -22.58
C GLN D 267 -23.32 -14.04 -23.02
N TYR D 268 -22.56 -14.87 -23.76
CA TYR D 268 -21.25 -14.49 -24.26
C TYR D 268 -21.18 -14.65 -25.78
N ASN D 269 -22.31 -14.37 -26.45
CA ASN D 269 -22.40 -14.36 -27.91
C ASN D 269 -21.99 -15.69 -28.51
N GLY D 270 -22.49 -16.78 -27.93
CA GLY D 270 -22.28 -18.09 -28.49
C GLY D 270 -20.94 -18.73 -28.19
N LEU D 271 -20.14 -18.13 -27.30
CA LEU D 271 -18.90 -18.75 -26.86
C LEU D 271 -19.15 -20.17 -26.37
N VAL D 272 -18.30 -21.09 -26.80
CA VAL D 272 -18.25 -22.44 -26.25
C VAL D 272 -16.99 -22.51 -25.41
N PHE D 273 -17.15 -22.65 -24.09
CA PHE D 273 -16.00 -22.53 -23.19
C PHE D 273 -14.95 -23.59 -23.49
N ALA D 274 -15.40 -24.82 -23.81
CA ALA D 274 -14.47 -25.88 -24.20
C ALA D 274 -13.56 -25.46 -25.35
N ASP D 275 -14.03 -24.57 -26.23
CA ASP D 275 -13.18 -24.15 -27.34
C ASP D 275 -11.98 -23.31 -26.89
N LEU D 276 -11.96 -22.88 -25.63
CA LEU D 276 -10.82 -22.12 -25.13
C LEU D 276 -9.67 -23.01 -24.69
N GLY D 277 -9.79 -24.32 -24.85
CA GLY D 277 -8.63 -25.18 -24.62
C GLY D 277 -8.20 -25.17 -23.17
N GLY D 278 -6.92 -24.90 -22.94
CA GLY D 278 -6.38 -24.88 -21.58
C GLY D 278 -6.70 -23.66 -20.77
N ALA D 279 -7.57 -22.79 -21.27
CA ALA D 279 -8.10 -21.66 -20.53
C ALA D 279 -9.59 -21.81 -20.24
N ALA D 280 -10.19 -22.97 -20.51
CA ALA D 280 -11.64 -23.10 -20.45
C ALA D 280 -12.16 -22.94 -19.02
N PHE D 281 -11.56 -23.66 -18.08
CA PHE D 281 -12.08 -23.69 -16.73
C PHE D 281 -11.96 -22.33 -16.06
N THR D 282 -10.78 -21.72 -16.14
CA THR D 282 -10.56 -20.46 -15.45
C THR D 282 -11.22 -19.28 -16.14
N THR D 283 -11.37 -19.31 -17.47
CA THR D 283 -12.14 -18.26 -18.14
C THR D 283 -13.60 -18.32 -17.73
N LYS D 284 -14.15 -19.53 -17.58
CA LYS D 284 -15.53 -19.67 -17.11
C LYS D 284 -15.70 -19.10 -15.71
N VAL D 285 -14.74 -19.38 -14.81
CA VAL D 285 -14.78 -18.75 -13.49
C VAL D 285 -14.80 -17.24 -13.63
N ARG D 286 -13.86 -16.71 -14.41
CA ARG D 286 -13.75 -15.26 -14.57
C ARG D 286 -15.04 -14.65 -15.10
N ALA D 287 -15.67 -15.31 -16.07
CA ALA D 287 -16.80 -14.77 -16.81
C ALA D 287 -18.14 -15.00 -16.13
N GLU D 288 -18.18 -15.90 -15.16
CA GLU D 288 -19.45 -16.35 -14.57
C GLU D 288 -19.44 -16.16 -13.07
N THR D 289 -18.85 -17.11 -12.32
CA THR D 289 -18.94 -17.05 -10.86
C THR D 289 -18.27 -15.81 -10.31
N LEU D 290 -17.06 -15.49 -10.79
CA LEU D 290 -16.35 -14.33 -10.26
C LEU D 290 -17.02 -13.02 -10.68
N ARG D 291 -17.41 -12.91 -11.95
CA ARG D 291 -18.23 -11.80 -12.42
C ARG D 291 -19.45 -11.56 -11.52
N ASP D 292 -20.23 -12.62 -11.27
CA ASP D 292 -21.49 -12.49 -10.54
C ASP D 292 -21.27 -12.27 -9.03
N THR D 293 -20.37 -13.04 -8.43
CA THR D 293 -20.26 -13.01 -6.97
C THR D 293 -19.08 -12.19 -6.44
N GLY D 294 -18.13 -11.82 -7.29
CA GLY D 294 -17.20 -10.73 -6.96
C GLY D 294 -16.23 -10.91 -5.82
N ALA D 295 -15.71 -12.12 -5.60
CA ALA D 295 -14.61 -12.29 -4.65
C ALA D 295 -13.26 -11.96 -5.30
N THR D 296 -13.10 -10.70 -5.71
CA THR D 296 -11.88 -10.25 -6.37
C THR D 296 -10.79 -9.93 -5.35
N ILE D 297 -9.57 -10.11 -5.77
CA ILE D 297 -8.42 -9.78 -4.94
C ILE D 297 -8.04 -8.31 -5.19
N SER D 298 -7.52 -7.68 -4.15
CA SER D 298 -7.01 -6.32 -4.29
C SER D 298 -5.69 -6.34 -5.07
N PRO D 299 -5.50 -5.41 -6.01
CA PRO D 299 -4.16 -5.32 -6.65
C PRO D 299 -3.01 -5.24 -5.66
N PHE D 300 -3.22 -4.57 -4.51
CA PHE D 300 -2.20 -4.52 -3.48
CA PHE D 300 -2.20 -4.52 -3.47
C PHE D 300 -1.84 -5.91 -2.99
N ASN D 301 -2.86 -6.75 -2.73
CA ASN D 301 -2.63 -8.12 -2.30
C ASN D 301 -1.92 -8.91 -3.39
N SER D 302 -2.32 -8.75 -4.64
CA SER D 302 -1.59 -9.41 -5.73
C SER D 302 -0.11 -9.01 -5.70
N PHE D 303 0.17 -7.73 -5.55
CA PHE D 303 1.56 -7.27 -5.50
C PHE D 303 2.33 -7.99 -4.41
N LEU D 304 1.74 -8.10 -3.21
CA LEU D 304 2.43 -8.77 -2.11
C LEU D 304 2.59 -10.27 -2.38
N LEU D 305 1.63 -10.88 -3.07
CA LEU D 305 1.77 -12.28 -3.44
C LEU D 305 2.93 -12.46 -4.42
N LEU D 306 3.06 -11.54 -5.38
CA LEU D 306 4.18 -11.61 -6.31
C LEU D 306 5.51 -11.62 -5.56
N GLN D 307 5.65 -10.78 -4.54
CA GLN D 307 6.90 -10.72 -3.79
C GLN D 307 7.18 -12.05 -3.08
N GLY D 308 6.16 -12.67 -2.48
CA GLY D 308 6.36 -13.96 -1.86
C GLY D 308 6.67 -15.07 -2.86
N LEU D 309 6.11 -14.98 -4.06
CA LEU D 309 6.42 -15.96 -5.08
C LEU D 309 7.89 -15.88 -5.48
N GLU D 310 8.46 -14.68 -5.52
CA GLU D 310 9.85 -14.55 -5.93
C GLU D 310 10.82 -15.20 -4.94
N SER D 311 10.36 -15.55 -3.72
CA SER D 311 11.22 -16.26 -2.78
C SER D 311 10.65 -17.63 -2.40
N LEU D 312 9.64 -18.11 -3.13
CA LEU D 312 8.81 -19.20 -2.64
C LEU D 312 9.62 -20.46 -2.35
N SER D 313 10.35 -20.97 -3.37
CA SER D 313 11.11 -22.21 -3.17
C SER D 313 12.18 -22.04 -2.12
N LEU D 314 12.75 -20.85 -1.98
CA LEU D 314 13.78 -20.63 -0.96
C LEU D 314 13.19 -20.78 0.43
N ARG D 315 11.99 -20.22 0.63
CA ARG D 315 11.34 -20.34 1.92
C ARG D 315 10.86 -21.77 2.17
N VAL D 316 10.22 -22.37 1.16
CA VAL D 316 9.70 -23.73 1.35
C VAL D 316 10.84 -24.70 1.69
N GLU D 317 11.98 -24.59 0.99
CA GLU D 317 13.13 -25.43 1.32
C GLU D 317 13.51 -25.29 2.79
N ARG D 318 13.55 -24.05 3.29
CA ARG D 318 13.94 -23.84 4.69
C ARG D 318 12.86 -24.34 5.64
N HIS D 319 11.58 -24.09 5.32
CA HIS D 319 10.48 -24.67 6.10
C HIS D 319 10.66 -26.18 6.27
N VAL D 320 10.95 -26.84 5.16
CA VAL D 320 11.08 -28.30 5.15
C VAL D 320 12.29 -28.74 5.97
N THR D 321 13.46 -28.13 5.75
CA THR D 321 14.64 -28.60 6.47
C THR D 321 14.51 -28.32 7.96
N ASN D 322 13.95 -27.17 8.33
CA ASN D 322 13.60 -26.91 9.73
C ASN D 322 12.69 -28.01 10.27
N THR D 323 11.66 -28.38 9.51
CA THR D 323 10.67 -29.33 10.01
C THR D 323 11.30 -30.72 10.18
N ARG D 324 12.13 -31.13 9.23
CA ARG D 324 12.86 -32.40 9.35
C ARG D 324 13.68 -32.43 10.64
N LYS D 325 14.47 -31.38 10.90
CA LYS D 325 15.26 -31.33 12.12
C LYS D 325 14.37 -31.38 13.37
N ILE D 326 13.27 -30.62 13.35
CA ILE D 326 12.41 -30.53 14.53
C ILE D 326 11.69 -31.86 14.78
N VAL D 327 11.22 -32.51 13.70
CA VAL D 327 10.53 -33.79 13.86
C VAL D 327 11.51 -34.85 14.36
N ALA D 328 12.74 -34.84 13.84
CA ALA D 328 13.75 -35.78 14.32
C ALA D 328 14.01 -35.59 15.80
N PHE D 329 14.12 -34.34 16.25
CA PHE D 329 14.32 -34.06 17.67
C PHE D 329 13.11 -34.50 18.49
N LEU D 330 11.91 -34.15 18.04
CA LEU D 330 10.72 -34.50 18.82
C LEU D 330 10.53 -36.01 18.90
N LYS D 331 10.83 -36.72 17.81
CA LYS D 331 10.55 -38.16 17.81
C LYS D 331 11.45 -38.89 18.80
N ALA D 332 12.66 -38.39 19.05
CA ALA D 332 13.55 -38.98 20.03
C ALA D 332 13.28 -38.50 21.46
N HIS D 333 12.31 -37.59 21.65
CA HIS D 333 12.19 -36.98 22.99
C HIS D 333 11.30 -37.83 23.88
N PRO D 334 11.72 -38.10 25.12
CA PRO D 334 10.95 -39.02 25.97
C PRO D 334 9.52 -38.58 26.25
N LYS D 335 9.23 -37.28 26.20
CA LYS D 335 7.89 -36.81 26.52
C LYS D 335 6.97 -36.78 25.32
N VAL D 336 7.46 -37.13 24.14
CA VAL D 336 6.65 -37.11 22.93
C VAL D 336 6.08 -38.51 22.73
N ALA D 337 4.75 -38.62 22.77
CA ALA D 337 4.12 -39.93 22.68
C ALA D 337 3.94 -40.36 21.23
N TRP D 338 3.62 -39.44 20.33
CA TRP D 338 3.41 -39.79 18.93
C TRP D 338 3.56 -38.52 18.08
N ILE D 339 3.88 -38.74 16.80
CA ILE D 339 4.06 -37.68 15.81
C ILE D 339 3.48 -38.16 14.50
N ASN D 340 2.69 -37.30 13.85
CA ASN D 340 2.21 -37.53 12.49
C ASN D 340 3.02 -36.66 11.53
N TYR D 341 3.88 -37.30 10.74
CA TYR D 341 4.64 -36.65 9.67
C TYR D 341 4.89 -37.72 8.62
N PRO D 342 4.43 -37.52 7.38
CA PRO D 342 4.40 -38.65 6.43
C PRO D 342 5.77 -39.16 6.04
N GLU D 343 6.82 -38.38 6.26
CA GLU D 343 8.17 -38.79 5.88
C GLU D 343 8.82 -39.71 6.91
N LEU D 344 8.24 -39.84 8.10
CA LEU D 344 8.79 -40.76 9.09
C LEU D 344 8.77 -42.19 8.55
N GLU D 345 9.81 -42.96 8.91
CA GLU D 345 9.97 -44.29 8.34
C GLU D 345 8.86 -45.25 8.76
N ASP D 346 8.19 -44.98 9.88
CA ASP D 346 7.06 -45.79 10.32
C ASP D 346 5.72 -45.15 9.99
N SER D 347 5.70 -44.13 9.14
CA SER D 347 4.42 -43.57 8.73
C SER D 347 3.79 -44.45 7.65
N PRO D 348 2.51 -44.78 7.75
CA PRO D 348 1.85 -45.48 6.64
C PRO D 348 1.89 -44.70 5.34
N TYR D 349 2.06 -43.38 5.39
CA TYR D 349 2.11 -42.54 4.21
C TYR D 349 3.52 -42.42 3.63
N HIS D 350 4.50 -43.16 4.17
CA HIS D 350 5.88 -42.97 3.76
C HIS D 350 6.08 -43.25 2.27
N ASP D 351 5.38 -44.25 1.74
CA ASP D 351 5.57 -44.58 0.34
C ASP D 351 4.95 -43.54 -0.58
N LEU D 352 3.82 -42.94 -0.20
CA LEU D 352 3.27 -41.81 -0.96
C LEU D 352 4.20 -40.60 -0.89
N ALA D 353 4.82 -40.36 0.27
CA ALA D 353 5.82 -39.30 0.36
C ALA D 353 6.98 -39.55 -0.60
N THR D 354 7.45 -40.79 -0.67
CA THR D 354 8.55 -41.11 -1.55
C THR D 354 8.15 -40.97 -3.01
N LYS D 355 6.93 -41.37 -3.35
CA LYS D 355 6.50 -41.32 -4.75
C LYS D 355 6.23 -39.89 -5.22
N TYR D 356 5.50 -39.12 -4.42
CA TYR D 356 4.99 -37.83 -4.87
C TYR D 356 5.70 -36.62 -4.28
N PHE D 357 6.54 -36.78 -3.25
CA PHE D 357 7.12 -35.64 -2.55
C PHE D 357 8.63 -35.78 -2.43
N PRO D 358 9.35 -35.83 -3.55
CA PRO D 358 10.82 -35.99 -3.47
C PRO D 358 11.52 -34.87 -2.72
N ASN D 359 10.91 -33.69 -2.62
CA ASN D 359 11.54 -32.56 -1.94
C ASN D 359 11.02 -32.37 -0.52
N GLY D 360 10.26 -33.31 0.02
CA GLY D 360 9.73 -33.21 1.36
C GLY D 360 8.22 -32.99 1.36
N VAL D 361 7.64 -33.10 2.56
CA VAL D 361 6.20 -33.10 2.77
C VAL D 361 5.75 -31.92 3.65
N GLY D 362 6.47 -30.81 3.60
CA GLY D 362 5.94 -29.59 4.17
C GLY D 362 6.36 -29.36 5.61
N SER D 363 5.72 -28.35 6.20
CA SER D 363 6.17 -27.81 7.49
C SER D 363 5.05 -27.77 8.51
N ILE D 364 4.00 -28.57 8.33
CA ILE D 364 2.91 -28.64 9.29
C ILE D 364 2.79 -30.09 9.75
N PHE D 365 2.72 -30.29 11.06
CA PHE D 365 2.58 -31.64 11.59
C PHE D 365 1.88 -31.59 12.93
N THR D 366 1.49 -32.76 13.41
CA THR D 366 0.85 -32.88 14.71
C THR D 366 1.65 -33.84 15.59
N LEU D 367 1.43 -33.73 16.90
CA LEU D 367 2.06 -34.61 17.87
C LEU D 367 1.21 -34.65 19.13
N GLY D 368 1.45 -35.66 19.95
CA GLY D 368 0.86 -35.75 21.26
C GLY D 368 1.94 -36.05 22.28
N LEU D 369 1.76 -35.53 23.49
CA LEU D 369 2.77 -35.66 24.54
C LEU D 369 2.35 -36.74 25.53
N THR D 370 3.35 -37.28 26.25
CA THR D 370 3.06 -38.35 27.19
C THR D 370 2.09 -37.90 28.29
N GLY D 371 2.14 -36.63 28.69
CA GLY D 371 1.18 -36.10 29.66
C GLY D 371 -0.16 -35.69 29.09
N GLY D 372 -0.44 -36.01 27.83
CA GLY D 372 -1.78 -35.81 27.31
C GLY D 372 -2.18 -34.35 27.16
N GLU D 373 -3.48 -34.10 27.35
CA GLU D 373 -4.04 -32.78 27.12
C GLU D 373 -3.41 -31.73 28.04
N ALA D 374 -3.25 -32.07 29.33
CA ALA D 374 -2.68 -31.11 30.27
C ALA D 374 -1.25 -30.77 29.89
N ALA D 375 -0.49 -31.75 29.38
CA ALA D 375 0.88 -31.48 28.96
C ALA D 375 0.92 -30.63 27.70
N GLY D 376 0.01 -30.88 26.76
CA GLY D 376 -0.03 -30.07 25.55
C GLY D 376 -0.31 -28.62 25.86
N LYS D 377 -1.34 -28.36 26.66
CA LYS D 377 -1.67 -27.00 27.08
C LYS D 377 -0.46 -26.31 27.72
N ALA D 378 0.26 -27.03 28.58
CA ALA D 378 1.37 -26.42 29.30
C ALA D 378 2.53 -26.10 28.36
N LEU D 379 2.84 -27.03 27.44
CA LEU D 379 3.89 -26.79 26.45
C LEU D 379 3.72 -25.43 25.79
N ILE D 380 2.51 -25.13 25.33
CA ILE D 380 2.24 -23.87 24.66
C ILE D 380 2.60 -22.69 25.56
N GLU D 381 2.22 -22.76 26.83
CA GLU D 381 2.45 -21.64 27.73
C GLU D 381 3.93 -21.38 27.94
N HIS D 382 4.77 -22.40 27.81
CA HIS D 382 6.19 -22.24 28.11
C HIS D 382 7.04 -21.90 26.90
N LEU D 383 6.50 -22.04 25.69
CA LEU D 383 7.28 -21.71 24.50
C LEU D 383 7.44 -20.20 24.36
N GLN D 384 8.62 -19.77 23.99
CA GLN D 384 8.95 -18.37 23.81
C GLN D 384 8.95 -17.93 22.36
N LEU D 385 9.18 -18.84 21.43
CA LEU D 385 9.31 -18.46 20.03
C LEU D 385 8.10 -18.80 19.19
N PHE D 386 7.40 -19.90 19.51
CA PHE D 386 6.21 -20.28 18.77
C PHE D 386 5.05 -19.38 19.17
N SER D 387 4.28 -18.93 18.18
CA SER D 387 3.16 -18.03 18.41
C SER D 387 1.87 -18.84 18.52
N LEU D 388 1.10 -18.61 19.58
CA LEU D 388 -0.17 -19.32 19.74
C LEU D 388 -1.26 -18.64 18.90
N LEU D 389 -1.66 -19.30 17.81
CA LEU D 389 -2.77 -18.85 16.97
C LEU D 389 -3.14 -20.00 16.01
N ALA D 390 -4.26 -19.83 15.32
CA ALA D 390 -4.92 -20.93 14.60
C ALA D 390 -4.49 -21.07 13.14
N ASN D 391 -3.57 -20.24 12.67
CA ASN D 391 -3.13 -20.21 11.28
C ASN D 391 -1.91 -21.12 11.05
N VAL D 392 -1.52 -21.27 9.78
CA VAL D 392 -0.35 -22.06 9.39
C VAL D 392 0.45 -21.28 8.34
N ALA D 393 1.70 -21.72 8.14
CA ALA D 393 2.53 -21.31 6.99
C ALA D 393 2.94 -19.85 7.04
N ASP D 394 3.09 -19.28 8.23
CA ASP D 394 3.80 -18.01 8.39
C ASP D 394 5.32 -18.25 8.36
N ALA D 395 6.07 -17.17 8.15
CA ALA D 395 7.52 -17.23 8.37
C ALA D 395 7.85 -17.45 9.85
N LYS D 396 6.93 -17.06 10.72
CA LYS D 396 7.04 -17.32 12.16
C LYS D 396 6.46 -18.70 12.47
N SER D 397 7.13 -19.41 13.37
CA SER D 397 6.61 -20.70 13.82
C SER D 397 5.35 -20.52 14.67
N LEU D 398 4.37 -21.40 14.44
CA LEU D 398 3.06 -21.31 15.07
C LEU D 398 2.68 -22.64 15.68
N ILE D 399 1.83 -22.57 16.72
CA ILE D 399 1.45 -23.77 17.45
C ILE D 399 0.03 -23.58 17.97
N ILE D 400 -0.70 -24.68 18.08
CA ILE D 400 -2.06 -24.61 18.63
C ILE D 400 -2.42 -25.96 19.23
N HIS D 401 -3.19 -25.91 20.31
CA HIS D 401 -3.75 -27.11 20.95
C HIS D 401 -5.25 -26.97 20.84
N PRO D 402 -5.87 -27.52 19.80
CA PRO D 402 -7.29 -27.26 19.55
C PRO D 402 -8.19 -27.53 20.76
N ALA D 403 -7.92 -28.59 21.52
CA ALA D 403 -8.85 -29.00 22.57
C ALA D 403 -9.02 -27.93 23.65
N SER D 404 -8.00 -27.13 23.89
CA SER D 404 -8.08 -26.09 24.92
C SER D 404 -8.24 -24.68 24.32
N THR D 405 -8.51 -24.57 23.02
CA THR D 405 -8.68 -23.27 22.39
C THR D 405 -9.85 -23.25 21.42
N THR D 406 -9.57 -23.53 20.15
CA THR D 406 -10.59 -23.39 19.11
C THR D 406 -11.78 -24.30 19.36
N HIS D 407 -11.51 -25.58 19.67
CA HIS D 407 -12.55 -26.57 19.93
C HIS D 407 -12.76 -26.80 21.41
N ALA D 408 -12.54 -25.78 22.25
CA ALA D 408 -12.61 -25.98 23.69
C ALA D 408 -14.01 -26.36 24.16
N GLN D 409 -15.04 -25.96 23.42
CA GLN D 409 -16.43 -26.21 23.81
C GLN D 409 -16.92 -27.61 23.45
N LEU D 410 -16.13 -28.40 22.73
CA LEU D 410 -16.55 -29.71 22.25
C LEU D 410 -16.13 -30.80 23.22
N ASN D 411 -16.98 -31.82 23.38
CA ASN D 411 -16.61 -32.96 24.20
C ASN D 411 -15.70 -33.89 23.39
N GLU D 412 -15.28 -35.00 24.00
CA GLU D 412 -14.26 -35.82 23.36
C GLU D 412 -14.75 -36.48 22.08
N GLN D 413 -16.04 -36.81 21.99
CA GLN D 413 -16.58 -37.42 20.78
C GLN D 413 -17.04 -36.40 19.75
N GLU D 414 -17.28 -35.16 20.17
CA GLU D 414 -17.31 -34.07 19.20
C GLU D 414 -15.91 -33.83 18.64
N LEU D 415 -14.88 -33.90 19.50
CA LEU D 415 -13.50 -33.78 19.05
C LEU D 415 -13.16 -34.83 18.00
N LEU D 416 -13.41 -36.10 18.32
CA LEU D 416 -13.04 -37.19 17.41
C LEU D 416 -13.72 -37.05 16.05
N ALA D 417 -14.90 -36.42 16.01
CA ALA D 417 -15.56 -36.17 14.74
C ALA D 417 -14.68 -35.33 13.81
N ALA D 418 -13.96 -34.36 14.38
CA ALA D 418 -13.10 -33.46 13.61
C ALA D 418 -11.66 -33.94 13.53
N GLY D 419 -11.41 -35.22 13.78
CA GLY D 419 -10.05 -35.73 13.73
C GLY D 419 -9.12 -35.18 14.79
N VAL D 420 -9.66 -34.60 15.86
CA VAL D 420 -8.88 -34.01 16.94
C VAL D 420 -8.99 -34.90 18.17
N THR D 421 -7.87 -35.19 18.79
CA THR D 421 -7.85 -35.83 20.10
C THR D 421 -7.57 -34.79 21.17
N PRO D 422 -7.93 -35.07 22.42
CA PRO D 422 -7.63 -34.11 23.50
C PRO D 422 -6.14 -33.81 23.64
N ASP D 423 -5.26 -34.70 23.20
CA ASP D 423 -3.83 -34.48 23.38
C ASP D 423 -3.17 -33.86 22.15
N LEU D 424 -3.93 -33.64 21.07
CA LEU D 424 -3.33 -33.26 19.80
C LEU D 424 -2.82 -31.82 19.82
N ILE D 425 -1.58 -31.65 19.36
CA ILE D 425 -0.95 -30.36 19.14
C ILE D 425 -0.60 -30.26 17.66
N ARG D 426 -0.86 -29.12 17.05
CA ARG D 426 -0.45 -28.85 15.68
C ARG D 426 0.64 -27.79 15.67
N ILE D 427 1.72 -28.06 14.94
CA ILE D 427 2.85 -27.14 14.84
C ILE D 427 2.99 -26.73 13.39
N SER D 428 3.16 -25.44 13.14
CA SER D 428 3.54 -24.94 11.83
C SER D 428 4.92 -24.33 11.97
N VAL D 429 5.90 -24.92 11.27
CA VAL D 429 7.30 -24.54 11.43
C VAL D 429 7.65 -23.39 10.49
N GLY D 430 8.23 -22.32 11.05
CA GLY D 430 8.64 -21.16 10.29
C GLY D 430 10.04 -21.29 9.76
N VAL D 431 10.64 -20.15 9.39
CA VAL D 431 11.99 -20.13 8.86
C VAL D 431 12.97 -19.50 9.84
N GLU D 432 12.66 -19.52 11.14
CA GLU D 432 13.65 -19.15 12.14
C GLU D 432 14.79 -20.16 12.14
N ASN D 433 15.81 -19.91 12.94
CA ASN D 433 16.91 -20.85 13.06
C ASN D 433 16.42 -22.12 13.78
N ALA D 434 16.66 -23.28 13.15
CA ALA D 434 16.14 -24.54 13.67
C ALA D 434 16.64 -24.83 15.08
N ASP D 435 17.88 -24.46 15.37
CA ASP D 435 18.43 -24.71 16.70
C ASP D 435 17.76 -23.85 17.76
N ASP D 436 17.43 -22.61 17.41
CA ASP D 436 16.65 -21.79 18.32
C ASP D 436 15.28 -22.43 18.60
N LEU D 437 14.64 -22.96 17.56
CA LEU D 437 13.32 -23.55 17.73
C LEU D 437 13.40 -24.84 18.54
N ILE D 438 14.41 -25.67 18.28
CA ILE D 438 14.60 -26.90 19.05
C ILE D 438 14.89 -26.56 20.51
N ALA D 439 15.76 -25.57 20.75
CA ALA D 439 16.03 -25.13 22.11
C ALA D 439 14.74 -24.70 22.82
N ASP D 440 13.90 -23.92 22.12
CA ASP D 440 12.63 -23.47 22.70
C ASP D 440 11.74 -24.65 23.06
N LEU D 441 11.60 -25.62 22.15
CA LEU D 441 10.82 -26.81 22.44
C LEU D 441 11.41 -27.59 23.61
N ASP D 442 12.73 -27.68 23.68
CA ASP D 442 13.35 -28.50 24.73
C ASP D 442 13.10 -27.91 26.11
N GLN D 443 13.35 -26.61 26.29
CA GLN D 443 13.15 -26.01 27.61
C GLN D 443 11.68 -26.02 28.01
N ALA D 444 10.77 -25.92 27.04
CA ALA D 444 9.36 -25.96 27.37
C ALA D 444 8.95 -27.36 27.80
N LEU D 445 9.37 -28.37 27.03
CA LEU D 445 9.07 -29.76 27.38
C LEU D 445 9.59 -30.11 28.78
N ALA D 446 10.75 -29.57 29.14
CA ALA D 446 11.32 -29.84 30.46
C ALA D 446 10.40 -29.39 31.59
N GLN D 447 9.52 -28.44 31.35
CA GLN D 447 8.61 -27.92 32.37
C GLN D 447 7.25 -28.60 32.33
N VAL D 448 7.08 -29.58 31.47
CA VAL D 448 5.79 -30.18 31.16
C VAL D 448 5.66 -31.56 31.81
#